data_1H41
#
_entry.id   1H41
#
_cell.length_a   69.412
_cell.length_b   74.393
_cell.length_c   87.462
_cell.angle_alpha   115.09
_cell.angle_beta   93.04
_cell.angle_gamma   109.44
#
_symmetry.space_group_name_H-M   'P 1'
#
loop_
_entity.id
_entity.type
_entity.pdbx_description
1 polymer ALPHA-GLUCURONIDASE
2 non-polymer '4-O-methyl-alpha-D-glucopyranuronic acid'
3 non-polymer 1,2-ETHANEDIOL
4 non-polymer 'COBALT (II) ION'
5 water water
#
_entity_poly.entity_id   1
_entity_poly.type   'polypeptide(L)'
_entity_poly.pdbx_seq_one_letter_code
;EDGYDMWLRYQPIADQTLLKTYQKQIRHLHVAGDSPTINAAAAELQRGLSGLLNKPIVARDEKLKDYSLVIGTPDNSPLI
ASLNLGERLQALGAEGYLLEQTRINKRHVVIVAANSDVGVLYGSFHLLRLIQTQHALEKLSLSSAPRLQHRVVNHWDNLN
RVVERGYAGLSLWDWGSLPNYLAPRYTDYARINASLGINGTVINNVNADPRVLSDQFLQKIAALADAFRPYGIKMYLSIN
FNSPRAFGDVDTADPLDPRVQQWWKTRAQKIYSYIPDFGGFLVKADSAGQPGPQGYGRDHAEGANMLAAALKPFGGVVFW
RAFVYHPDIEDRFRGAYDEFMPLDGKFADNVILQIKNGPIDFQPREPFSALFAGMSRTNMMMEFQITQEYFGFATHLAYQ
GPLFEESLKTETHARGEGSTIGNILEGKVFKTRHTGMAGVINPGTDRNWTGHPFVQSSWYAFGRMAWDHQISAATAADEW
LRMTFSNQPAFIEPVKQMMLVSREAGVNYRSPLGLTHLYSQGDHYGPAPWTDDLPRADWTAVYYHRASKTGIGFNRTKTG
SNALAQYPEPIAKAWGDLNSVPEDLILWFHHLSWDHRMQSGRNLWQELVHKYYQGVEQVRAMQRTWDQQEAYVDAARFAQ
VKALLQVQEREAVRWRNSCVLYFQSVAGRPIPANYEQPEHDLEYYKMLARTTYVPEPWHPASSSRVLK
;
_entity_poly.pdbx_strand_id   A,B
#
loop_
_chem_comp.id
_chem_comp.type
_chem_comp.name
_chem_comp.formula
CO non-polymer 'COBALT (II) ION' 'Co 2'
EDO non-polymer 1,2-ETHANEDIOL 'C2 H6 O2'
GCV D-saccharide, alpha linking '4-O-methyl-alpha-D-glucopyranuronic acid' 'C7 H12 O7'
#
# COMPACT_ATOMS: atom_id res chain seq x y z
N GLU A 1 18.23 6.95 0.15
CA GLU A 1 17.62 6.39 -1.05
C GLU A 1 16.56 5.34 -0.70
N ASP A 2 15.31 5.61 -1.13
CA ASP A 2 14.22 4.70 -0.83
C ASP A 2 13.56 4.16 -2.10
N GLY A 3 14.27 4.35 -3.24
CA GLY A 3 13.74 3.85 -4.50
C GLY A 3 12.77 4.84 -5.14
N TYR A 4 12.18 5.81 -4.42
CA TYR A 4 11.11 6.58 -5.05
C TYR A 4 11.56 7.21 -6.37
N ASP A 5 12.79 7.67 -6.51
CA ASP A 5 13.23 8.26 -7.76
C ASP A 5 13.55 7.25 -8.86
N MET A 6 13.62 5.98 -8.49
CA MET A 6 13.95 4.91 -9.42
C MET A 6 15.31 5.25 -10.08
N TRP A 7 15.35 5.30 -11.42
CA TRP A 7 16.58 5.59 -12.15
C TRP A 7 16.77 7.05 -12.50
N LEU A 8 15.86 7.91 -12.06
CA LEU A 8 15.99 9.35 -12.30
C LEU A 8 16.55 10.04 -11.05
N ARG A 9 17.76 9.62 -10.69
CA ARG A 9 18.47 10.11 -9.52
C ARG A 9 19.42 11.22 -9.96
N TYR A 10 19.05 12.45 -9.70
CA TYR A 10 19.84 13.56 -10.20
C TYR A 10 20.77 14.10 -9.13
N GLN A 11 21.76 13.31 -8.84
CA GLN A 11 22.73 13.60 -7.79
C GLN A 11 23.99 14.03 -8.48
N PRO A 12 24.80 14.86 -7.82
CA PRO A 12 25.99 15.38 -8.49
C PRO A 12 26.91 14.28 -8.99
N ILE A 13 27.38 14.42 -10.22
CA ILE A 13 28.34 13.48 -10.82
C ILE A 13 29.54 13.31 -9.89
N ALA A 14 29.85 12.04 -9.58
CA ALA A 14 30.85 11.72 -8.55
C ALA A 14 32.28 11.88 -9.03
N ASP A 15 32.50 11.67 -10.32
CA ASP A 15 33.81 11.85 -10.90
C ASP A 15 34.03 13.36 -11.03
N GLN A 16 34.94 13.93 -10.25
CA GLN A 16 35.11 15.39 -10.23
C GLN A 16 35.67 15.95 -11.53
N THR A 17 36.53 15.22 -12.22
CA THR A 17 37.03 15.68 -13.51
C THR A 17 35.91 15.71 -14.55
N LEU A 18 35.15 14.63 -14.64
CA LEU A 18 33.99 14.63 -15.53
C LEU A 18 32.96 15.70 -15.20
N LEU A 19 32.68 15.89 -13.93
CA LEU A 19 31.72 16.89 -13.52
C LEU A 19 32.11 18.26 -14.01
N LYS A 20 33.40 18.56 -13.90
CA LYS A 20 33.88 19.85 -14.37
C LYS A 20 33.73 19.99 -15.84
N THR A 21 33.95 18.92 -16.59
CA THR A 21 33.73 18.97 -18.00
C THR A 21 32.27 19.25 -18.38
N TYR A 22 31.34 18.53 -17.77
CA TYR A 22 29.94 18.82 -18.00
C TYR A 22 29.54 20.26 -17.65
N GLN A 23 30.08 20.75 -16.53
CA GLN A 23 29.81 22.11 -16.08
C GLN A 23 30.29 23.14 -17.09
N LYS A 24 31.38 22.85 -17.79
CA LYS A 24 31.89 23.75 -18.84
C LYS A 24 31.05 23.67 -20.10
N GLN A 25 30.50 22.49 -20.39
CA GLN A 25 29.72 22.28 -21.61
C GLN A 25 28.28 22.83 -21.52
N ILE A 26 27.63 22.68 -20.37
CA ILE A 26 26.24 23.09 -20.22
C ILE A 26 26.12 24.10 -19.10
N ARG A 27 26.20 25.37 -19.47
CA ARG A 27 26.13 26.45 -18.53
C ARG A 27 24.76 27.10 -18.50
N HIS A 28 23.97 26.85 -19.54
CA HIS A 28 22.64 27.43 -19.68
C HIS A 28 21.70 26.46 -20.40
N LEU A 29 20.40 26.65 -20.21
CA LEU A 29 19.33 25.85 -20.81
C LEU A 29 18.37 26.79 -21.55
N HIS A 30 18.33 26.65 -22.88
CA HIS A 30 17.54 27.48 -23.77
C HIS A 30 16.32 26.72 -24.31
N VAL A 31 15.14 27.22 -23.96
CA VAL A 31 13.88 26.60 -24.40
C VAL A 31 12.95 27.70 -24.87
N ALA A 32 12.74 27.74 -26.17
CA ALA A 32 11.85 28.75 -26.79
C ALA A 32 10.38 28.35 -26.71
N GLY A 33 10.11 27.05 -26.84
CA GLY A 33 8.73 26.59 -26.84
C GLY A 33 8.08 26.65 -25.48
N ASP A 34 6.76 26.49 -25.47
CA ASP A 34 6.00 26.58 -24.24
C ASP A 34 4.74 25.72 -24.23
N SER A 35 4.67 24.70 -25.07
CA SER A 35 3.56 23.73 -25.01
C SER A 35 3.71 22.90 -23.73
N PRO A 36 2.64 22.23 -23.28
CA PRO A 36 2.76 21.41 -22.07
C PRO A 36 3.91 20.40 -22.15
N THR A 37 4.11 19.80 -23.32
CA THR A 37 5.12 18.79 -23.46
C THR A 37 6.51 19.43 -23.43
N ILE A 38 6.70 20.57 -24.10
CA ILE A 38 8.02 21.23 -24.02
C ILE A 38 8.29 21.71 -22.62
N ASN A 39 7.25 22.19 -21.95
CA ASN A 39 7.40 22.61 -20.56
C ASN A 39 7.83 21.45 -19.65
N ALA A 40 7.30 20.25 -19.93
CA ALA A 40 7.66 19.08 -19.13
C ALA A 40 9.14 18.70 -19.36
N ALA A 41 9.58 18.79 -20.59
CA ALA A 41 10.96 18.57 -20.94
C ALA A 41 11.88 19.60 -20.28
N ALA A 42 11.46 20.85 -20.35
CA ALA A 42 12.22 21.91 -19.72
C ALA A 42 12.33 21.70 -18.22
N ALA A 43 11.23 21.32 -17.58
CA ALA A 43 11.23 21.10 -16.15
C ALA A 43 12.15 19.92 -15.79
N GLU A 44 12.14 18.88 -16.63
CA GLU A 44 12.99 17.72 -16.37
C GLU A 44 14.46 18.09 -16.48
N LEU A 45 14.82 18.81 -17.55
CA LEU A 45 16.20 19.28 -17.74
C LEU A 45 16.64 20.23 -16.64
N GLN A 46 15.75 21.10 -16.20
CA GLN A 46 16.11 22.04 -15.14
C GLN A 46 16.46 21.26 -13.85
N ARG A 47 15.57 20.37 -13.40
CA ARG A 47 15.84 19.61 -12.20
C ARG A 47 17.01 18.62 -12.37
N GLY A 48 17.10 18.01 -13.56
CA GLY A 48 18.11 17.01 -13.80
C GLY A 48 19.50 17.59 -13.96
N LEU A 49 19.63 18.60 -14.81
CA LEU A 49 20.93 19.28 -14.96
C LEU A 49 21.37 19.95 -13.67
N SER A 50 20.43 20.56 -12.96
CA SER A 50 20.80 21.23 -11.70
C SER A 50 21.33 20.25 -10.70
N GLY A 51 20.68 19.09 -10.59
CA GLY A 51 21.10 18.05 -9.67
C GLY A 51 22.44 17.43 -10.06
N LEU A 52 22.56 17.01 -11.32
CA LEU A 52 23.71 16.30 -11.83
C LEU A 52 24.96 17.19 -11.85
N LEU A 53 24.77 18.47 -12.18
CA LEU A 53 25.91 19.37 -12.34
C LEU A 53 26.13 20.18 -11.07
N ASN A 54 25.25 20.03 -10.09
CA ASN A 54 25.42 20.72 -8.80
C ASN A 54 25.51 22.24 -8.92
N LYS A 55 24.64 22.80 -9.76
CA LYS A 55 24.50 24.23 -9.88
C LYS A 55 23.16 24.56 -10.49
N PRO A 56 22.67 25.75 -10.23
CA PRO A 56 21.35 26.12 -10.74
C PRO A 56 21.35 26.34 -12.24
N ILE A 57 20.65 25.48 -12.97
CA ILE A 57 20.46 25.64 -14.40
C ILE A 57 18.96 25.84 -14.61
N VAL A 58 18.52 27.00 -15.06
CA VAL A 58 17.13 27.37 -15.18
C VAL A 58 16.76 27.50 -16.67
N ALA A 59 15.68 26.87 -17.09
CA ALA A 59 15.20 26.96 -18.45
C ALA A 59 14.78 28.40 -18.71
N ARG A 60 15.31 28.95 -19.79
CA ARG A 60 15.05 30.32 -20.22
C ARG A 60 14.86 30.45 -21.68
N ASP A 61 14.05 31.46 -22.05
CA ASP A 61 13.84 31.85 -23.44
C ASP A 61 14.43 33.23 -23.50
N GLU A 62 15.72 33.28 -23.83
CA GLU A 62 16.44 34.55 -23.91
C GLU A 62 17.46 34.45 -25.02
N LYS A 63 18.13 35.56 -25.30
CA LYS A 63 19.14 35.58 -26.33
C LYS A 63 20.20 34.50 -26.03
N LEU A 64 20.53 33.73 -27.04
CA LEU A 64 21.38 32.58 -26.87
C LEU A 64 22.73 32.91 -26.24
N LYS A 65 23.11 32.18 -25.21
CA LYS A 65 24.38 32.31 -24.57
C LYS A 65 25.30 31.18 -25.00
N ASP A 66 26.61 31.43 -24.94
CA ASP A 66 27.62 30.45 -25.22
C ASP A 66 27.54 29.30 -24.19
N TYR A 67 27.71 28.07 -24.68
CA TYR A 67 27.67 26.84 -23.86
C TYR A 67 26.30 26.57 -23.30
N SER A 68 25.35 26.50 -24.21
CA SER A 68 23.98 26.22 -23.85
C SER A 68 23.50 24.87 -24.35
N LEU A 69 22.56 24.28 -23.62
CA LEU A 69 21.74 23.19 -24.17
C LEU A 69 20.50 23.86 -24.77
N VAL A 70 20.25 23.62 -26.04
CA VAL A 70 19.18 24.24 -26.78
C VAL A 70 18.23 23.13 -27.21
N ILE A 71 16.96 23.21 -26.80
CA ILE A 71 16.01 22.18 -27.18
C ILE A 71 14.84 22.71 -27.98
N GLY A 72 14.31 21.87 -28.85
CA GLY A 72 13.10 22.25 -29.58
C GLY A 72 12.94 21.54 -30.92
N THR A 73 11.90 21.91 -31.64
CA THR A 73 11.66 21.48 -33.01
C THR A 73 11.85 22.70 -33.90
N PRO A 74 12.00 22.49 -35.20
CA PRO A 74 12.08 23.64 -36.13
C PRO A 74 10.85 24.52 -36.01
N ASP A 75 9.73 23.95 -35.63
CA ASP A 75 8.49 24.72 -35.54
C ASP A 75 8.42 25.63 -34.33
N ASN A 76 9.04 25.25 -33.21
CA ASN A 76 9.00 26.03 -31.98
C ASN A 76 10.31 26.69 -31.54
N SER A 77 11.40 26.44 -32.25
CA SER A 77 12.68 27.00 -31.86
C SER A 77 13.43 27.55 -33.06
N PRO A 78 13.35 28.86 -33.31
CA PRO A 78 14.10 29.45 -34.43
C PRO A 78 15.58 29.11 -34.48
N LEU A 79 16.19 28.96 -33.32
CA LEU A 79 17.59 28.53 -33.28
C LEU A 79 17.78 27.15 -33.92
N ILE A 80 16.94 26.19 -33.53
CA ILE A 80 17.03 24.87 -34.15
C ILE A 80 16.68 24.91 -35.65
N ALA A 81 15.64 25.66 -36.00
CA ALA A 81 15.26 25.81 -37.39
C ALA A 81 16.44 26.37 -38.21
N SER A 82 17.26 27.23 -37.60
CA SER A 82 18.34 27.91 -38.36
C SER A 82 19.48 27.01 -38.78
N LEU A 83 19.58 25.86 -38.12
CA LEU A 83 20.55 24.86 -38.48
C LEU A 83 20.22 24.12 -39.78
N ASN A 84 19.00 24.27 -40.27
CA ASN A 84 18.55 23.62 -41.49
C ASN A 84 18.94 22.16 -41.51
N LEU A 85 18.51 21.43 -40.50
CA LEU A 85 18.96 20.04 -40.35
C LEU A 85 18.40 19.14 -41.43
N GLY A 86 17.27 19.53 -42.02
CA GLY A 86 16.71 18.85 -43.18
C GLY A 86 16.41 17.37 -42.98
N GLU A 87 16.79 16.58 -43.98
CA GLU A 87 16.44 15.19 -44.06
C GLU A 87 16.96 14.39 -42.88
N ARG A 88 18.09 14.81 -42.32
CA ARG A 88 18.74 14.06 -41.26
C ARG A 88 17.82 14.03 -40.07
N LEU A 89 17.18 15.16 -39.83
CA LEU A 89 16.23 15.28 -38.73
C LEU A 89 14.88 14.65 -39.08
N GLN A 90 14.38 14.97 -40.26
CA GLN A 90 13.09 14.51 -40.69
C GLN A 90 12.93 13.00 -40.74
N ALA A 91 13.99 12.29 -41.08
CA ALA A 91 14.00 10.86 -41.15
C ALA A 91 13.73 10.18 -39.82
N LEU A 92 13.89 10.91 -38.72
CA LEU A 92 13.68 10.40 -37.36
C LEU A 92 12.18 10.36 -36.97
N GLY A 93 11.32 10.88 -37.81
CA GLY A 93 9.88 10.69 -37.63
C GLY A 93 9.24 11.43 -36.47
N ALA A 94 8.08 10.95 -36.05
CA ALA A 94 7.22 11.66 -35.12
C ALA A 94 7.61 11.55 -33.66
N GLU A 95 8.53 10.65 -33.35
CA GLU A 95 9.00 10.46 -31.97
C GLU A 95 10.52 10.46 -31.80
N GLY A 96 11.30 10.50 -32.88
CA GLY A 96 12.75 10.47 -32.82
C GLY A 96 13.36 11.83 -32.55
N TYR A 97 14.68 11.82 -32.34
CA TYR A 97 15.36 13.05 -31.96
C TYR A 97 16.85 12.97 -32.29
N LEU A 98 17.46 14.17 -32.37
CA LEU A 98 18.89 14.26 -32.62
C LEU A 98 19.59 14.93 -31.43
N LEU A 99 20.68 14.37 -30.91
CA LEU A 99 21.46 15.03 -29.89
C LEU A 99 22.81 15.36 -30.51
N GLU A 100 23.20 16.63 -30.50
CA GLU A 100 24.40 16.98 -31.24
C GLU A 100 25.10 18.21 -30.65
N GLN A 101 26.41 18.09 -30.50
CA GLN A 101 27.26 19.23 -30.14
C GLN A 101 27.55 19.96 -31.44
N THR A 102 27.26 21.26 -31.47
CA THR A 102 27.34 22.03 -32.70
C THR A 102 27.49 23.51 -32.37
N ARG A 103 27.29 24.37 -33.37
CA ARG A 103 27.36 25.80 -33.17
C ARG A 103 26.13 26.45 -33.79
N ILE A 104 25.63 27.50 -33.12
CA ILE A 104 24.55 28.34 -33.64
C ILE A 104 24.96 29.80 -33.41
N ASN A 105 25.03 30.59 -34.50
CA ASN A 105 25.43 32.00 -34.41
C ASN A 105 26.74 32.13 -33.62
N LYS A 106 27.67 31.21 -33.90
CA LYS A 106 29.00 31.14 -33.29
C LYS A 106 29.01 30.79 -31.78
N ARG A 107 27.85 30.54 -31.21
CA ARG A 107 27.81 30.01 -29.84
C ARG A 107 28.00 28.50 -29.84
N HIS A 108 28.72 27.98 -28.85
CA HIS A 108 28.86 26.53 -28.60
C HIS A 108 27.56 26.05 -27.98
N VAL A 109 26.98 25.01 -28.58
CA VAL A 109 25.70 24.46 -28.08
C VAL A 109 25.73 22.95 -28.15
N VAL A 110 24.85 22.34 -27.36
CA VAL A 110 24.40 20.97 -27.60
C VAL A 110 22.90 21.10 -27.84
N ILE A 111 22.40 20.52 -28.93
CA ILE A 111 20.99 20.58 -29.29
C ILE A 111 20.34 19.27 -28.91
N VAL A 112 19.08 19.41 -28.47
CA VAL A 112 18.11 18.31 -28.47
C VAL A 112 17.03 18.71 -29.47
N ALA A 113 17.10 18.14 -30.67
CA ALA A 113 16.27 18.51 -31.82
C ALA A 113 15.35 17.39 -32.18
N ALA A 114 14.11 17.72 -32.57
CA ALA A 114 13.18 16.68 -32.99
C ALA A 114 12.14 17.29 -33.90
N ASN A 115 11.31 16.43 -34.48
CA ASN A 115 10.21 16.91 -35.32
C ASN A 115 8.97 17.25 -34.50
N SER A 116 8.81 16.59 -33.34
CA SER A 116 7.66 16.78 -32.50
C SER A 116 8.07 17.17 -31.09
N ASP A 117 7.15 17.71 -30.32
CA ASP A 117 7.45 17.99 -28.94
C ASP A 117 7.76 16.77 -28.10
N VAL A 118 7.02 15.69 -28.34
CA VAL A 118 7.35 14.44 -27.59
C VAL A 118 8.73 13.90 -27.96
N GLY A 119 9.17 14.09 -29.22
CA GLY A 119 10.53 13.74 -29.56
C GLY A 119 11.56 14.56 -28.78
N VAL A 120 11.25 15.83 -28.54
CA VAL A 120 12.10 16.66 -27.71
C VAL A 120 12.15 16.10 -26.29
N LEU A 121 11.01 15.69 -25.76
CA LEU A 121 10.94 15.11 -24.43
C LEU A 121 11.81 13.85 -24.35
N TYR A 122 11.62 12.94 -25.30
CA TYR A 122 12.40 11.72 -25.29
C TYR A 122 13.90 12.00 -25.41
N GLY A 123 14.26 12.96 -26.26
CA GLY A 123 15.66 13.27 -26.44
C GLY A 123 16.25 13.94 -25.20
N SER A 124 15.42 14.69 -24.48
CA SER A 124 15.85 15.34 -23.25
C SER A 124 16.17 14.31 -22.18
N PHE A 125 15.33 13.28 -22.10
CA PHE A 125 15.64 12.17 -21.19
C PHE A 125 16.90 11.44 -21.62
N HIS A 126 17.13 11.26 -22.91
CA HIS A 126 18.38 10.60 -23.33
C HIS A 126 19.59 11.47 -23.00
N LEU A 127 19.46 12.78 -23.21
CA LEU A 127 20.54 13.70 -22.86
C LEU A 127 20.90 13.56 -21.39
N LEU A 128 19.88 13.55 -20.53
CA LEU A 128 20.12 13.35 -19.13
C LEU A 128 20.78 11.98 -18.86
N ARG A 129 20.29 10.94 -19.52
CA ARG A 129 20.85 9.63 -19.36
C ARG A 129 22.35 9.56 -19.73
N LEU A 130 22.77 10.28 -20.76
CA LEU A 130 24.19 10.32 -21.12
C LEU A 130 25.00 10.84 -19.96
N ILE A 131 24.49 11.89 -19.31
CA ILE A 131 25.17 12.47 -18.14
C ILE A 131 25.14 11.52 -16.95
N GLN A 132 23.97 10.99 -16.64
CA GLN A 132 23.80 10.05 -15.54
C GLN A 132 24.71 8.82 -15.65
N THR A 133 25.01 8.42 -16.88
CA THR A 133 25.84 7.24 -17.16
C THR A 133 27.27 7.62 -17.54
N GLN A 134 27.61 8.89 -17.30
CA GLN A 134 28.99 9.35 -17.42
C GLN A 134 29.56 9.17 -18.84
N HIS A 135 28.75 9.43 -19.85
CA HIS A 135 29.20 9.45 -21.24
C HIS A 135 29.60 10.88 -21.62
N ALA A 136 30.58 10.97 -22.49
CA ALA A 136 31.11 12.25 -22.90
C ALA A 136 30.21 12.97 -23.90
N LEU A 137 30.10 14.28 -23.75
CA LEU A 137 29.34 15.09 -24.67
C LEU A 137 30.21 15.63 -25.82
N GLU A 138 31.53 15.60 -25.65
CA GLU A 138 32.36 16.22 -26.69
C GLU A 138 32.18 15.42 -28.01
N LYS A 139 31.93 16.15 -29.08
CA LYS A 139 31.66 15.59 -30.41
C LYS A 139 30.41 14.73 -30.48
N LEU A 140 29.50 14.93 -29.52
CA LEU A 140 28.26 14.15 -29.52
C LEU A 140 27.53 14.34 -30.84
N SER A 141 27.16 13.24 -31.48
CA SER A 141 26.24 13.28 -32.61
C SER A 141 25.52 11.96 -32.73
N LEU A 142 24.30 11.93 -32.21
CA LEU A 142 23.57 10.69 -32.17
C LEU A 142 22.10 10.92 -32.36
N SER A 143 21.48 10.04 -33.10
CA SER A 143 20.05 10.17 -33.33
C SER A 143 19.41 8.87 -32.99
N SER A 144 18.12 8.92 -32.68
CA SER A 144 17.40 7.71 -32.39
C SER A 144 15.93 7.90 -32.66
N ALA A 145 15.28 6.81 -33.05
CA ALA A 145 13.84 6.77 -33.21
C ALA A 145 13.35 5.40 -32.73
N PRO A 146 12.15 5.35 -32.16
CA PRO A 146 11.66 4.05 -31.69
C PRO A 146 11.34 3.12 -32.83
N ARG A 147 11.52 1.84 -32.57
CA ARG A 147 11.33 0.77 -33.55
C ARG A 147 9.93 0.15 -33.49
N LEU A 148 9.17 0.47 -32.44
CA LEU A 148 7.79 0.03 -32.30
C LEU A 148 6.90 1.23 -31.99
N GLN A 149 5.66 1.18 -32.44
CA GLN A 149 4.71 2.32 -32.36
C GLN A 149 4.06 2.45 -30.98
N HIS A 150 3.56 1.33 -30.49
CA HIS A 150 2.76 1.31 -29.24
C HIS A 150 3.64 0.65 -28.20
N ARG A 151 4.18 1.47 -27.29
CA ARG A 151 5.14 1.01 -26.29
C ARG A 151 4.45 1.21 -24.98
N VAL A 152 3.80 0.15 -24.49
CA VAL A 152 2.78 0.34 -23.46
C VAL A 152 3.09 -0.48 -22.22
N VAL A 153 2.60 0.01 -21.08
CA VAL A 153 2.61 -0.77 -19.89
C VAL A 153 1.19 -1.20 -19.53
N ASN A 154 1.08 -2.32 -18.83
CA ASN A 154 -0.20 -2.84 -18.37
C ASN A 154 -0.15 -3.02 -16.85
N HIS A 155 -1.28 -2.69 -16.22
CA HIS A 155 -1.48 -2.78 -14.78
C HIS A 155 -2.73 -3.65 -14.51
N TRP A 156 -2.57 -4.80 -13.87
CA TRP A 156 -3.66 -5.67 -13.56
C TRP A 156 -4.35 -5.21 -12.25
N ASP A 157 -4.83 -3.97 -12.26
CA ASP A 157 -5.31 -3.33 -11.02
C ASP A 157 -6.83 -3.43 -10.92
N ASN A 158 -7.31 -3.93 -9.80
CA ASN A 158 -8.72 -3.90 -9.45
C ASN A 158 -9.08 -2.55 -8.89
N LEU A 159 -10.37 -2.19 -9.02
CA LEU A 159 -10.84 -0.89 -8.59
C LEU A 159 -10.85 -0.71 -7.07
N ASN A 160 -10.88 -1.82 -6.34
CA ASN A 160 -10.67 -1.80 -4.91
C ASN A 160 -9.20 -1.49 -4.51
N ARG A 161 -8.34 -1.38 -5.52
CA ARG A 161 -6.93 -1.03 -5.44
C ARG A 161 -5.98 -2.20 -5.07
N VAL A 162 -6.53 -3.41 -5.02
CA VAL A 162 -5.69 -4.61 -4.92
C VAL A 162 -5.25 -4.95 -6.34
N VAL A 163 -3.98 -5.27 -6.46
CA VAL A 163 -3.34 -5.61 -7.74
C VAL A 163 -3.22 -7.10 -7.91
N GLU A 164 -3.75 -7.64 -9.00
CA GLU A 164 -3.67 -9.07 -9.30
C GLU A 164 -2.25 -9.38 -9.83
N ARG A 165 -1.57 -10.28 -9.15
CA ARG A 165 -0.15 -10.53 -9.40
C ARG A 165 0.63 -9.27 -9.17
N GLY A 166 0.39 -8.71 -7.99
CA GLY A 166 0.86 -7.43 -7.55
C GLY A 166 1.63 -7.58 -6.26
N TYR A 167 2.92 -7.42 -6.36
CA TYR A 167 3.71 -7.66 -5.20
C TYR A 167 4.41 -6.37 -4.74
N ALA A 168 3.83 -5.18 -5.04
CA ALA A 168 4.54 -3.90 -4.80
C ALA A 168 3.61 -2.82 -4.26
N GLY A 169 2.54 -3.29 -3.62
CA GLY A 169 1.61 -2.43 -2.91
C GLY A 169 0.26 -2.32 -3.60
N LEU A 170 -0.57 -1.43 -3.08
CA LEU A 170 -1.86 -1.11 -3.68
C LEU A 170 -1.70 -0.40 -5.01
N SER A 171 -2.74 -0.45 -5.80
CA SER A 171 -2.83 0.31 -7.03
C SER A 171 -2.51 1.80 -6.78
N LEU A 172 -1.75 2.39 -7.69
CA LEU A 172 -1.38 3.79 -7.60
C LEU A 172 -2.59 4.72 -7.68
N TRP A 173 -3.66 4.28 -8.30
CA TRP A 173 -4.78 5.16 -8.64
C TRP A 173 -5.73 5.29 -7.42
N ASP A 174 -5.78 6.47 -6.81
CA ASP A 174 -6.55 6.67 -5.60
C ASP A 174 -7.97 7.14 -5.96
N TRP A 175 -8.79 6.16 -6.31
CA TRP A 175 -10.10 6.48 -6.86
C TRP A 175 -10.94 7.32 -5.89
N GLY A 176 -10.78 7.08 -4.60
CA GLY A 176 -11.56 7.83 -3.62
C GLY A 176 -11.34 9.31 -3.63
N SER A 177 -10.16 9.75 -4.07
CA SER A 177 -9.83 11.18 -4.11
C SER A 177 -9.79 11.77 -5.52
N LEU A 178 -9.99 10.93 -6.54
CA LEU A 178 -10.05 11.38 -7.93
C LEU A 178 -11.47 11.80 -8.23
N PRO A 179 -11.67 12.76 -9.15
CA PRO A 179 -10.66 13.51 -9.90
C PRO A 179 -10.04 14.69 -9.16
N ASN A 180 -10.57 14.99 -7.97
CA ASN A 180 -10.25 16.23 -7.28
C ASN A 180 -8.77 16.37 -6.96
N TYR A 181 -8.14 15.26 -6.52
CA TYR A 181 -6.75 15.32 -6.06
C TYR A 181 -5.78 14.81 -7.13
N LEU A 182 -5.02 15.73 -7.69
CA LEU A 182 -4.01 15.42 -8.69
C LEU A 182 -2.70 15.19 -7.96
N ALA A 183 -2.53 13.99 -7.45
CA ALA A 183 -1.37 13.64 -6.66
C ALA A 183 -0.07 13.80 -7.45
N PRO A 184 0.97 14.37 -6.85
CA PRO A 184 2.26 14.41 -7.51
C PRO A 184 2.73 13.07 -8.06
N ARG A 185 2.41 11.99 -7.38
CA ARG A 185 2.85 10.67 -7.82
C ARG A 185 2.39 10.30 -9.21
N TYR A 186 1.23 10.82 -9.64
CA TYR A 186 0.73 10.55 -10.98
C TYR A 186 1.68 11.16 -12.00
N THR A 187 2.21 12.34 -11.70
CA THR A 187 3.19 12.96 -12.57
C THR A 187 4.52 12.23 -12.52
N ASP A 188 4.93 11.75 -11.36
CA ASP A 188 6.17 11.00 -11.26
C ASP A 188 6.09 9.67 -12.03
N TYR A 189 4.93 9.06 -12.01
CA TYR A 189 4.67 7.84 -12.79
C TYR A 189 4.84 8.16 -14.29
N ALA A 190 4.29 9.28 -14.72
CA ALA A 190 4.41 9.63 -16.12
C ALA A 190 5.86 9.88 -16.51
N ARG A 191 6.61 10.53 -15.58
CA ARG A 191 8.04 10.80 -15.80
C ARG A 191 8.85 9.52 -15.96
N ILE A 192 8.59 8.56 -15.05
CA ILE A 192 9.30 7.29 -15.12
C ILE A 192 9.11 6.61 -16.47
N ASN A 193 7.84 6.52 -16.91
CA ASN A 193 7.55 5.88 -18.17
C ASN A 193 8.08 6.64 -19.36
N ALA A 194 7.80 7.96 -19.42
CA ALA A 194 8.32 8.78 -20.51
C ALA A 194 9.84 8.78 -20.59
N SER A 195 10.55 8.56 -19.48
CA SER A 195 12.01 8.50 -19.54
C SER A 195 12.53 7.35 -20.40
N LEU A 196 11.69 6.32 -20.59
CA LEU A 196 11.98 5.19 -21.43
C LEU A 196 11.33 5.25 -22.81
N GLY A 197 10.53 6.29 -23.05
CA GLY A 197 9.78 6.42 -24.28
C GLY A 197 8.49 5.63 -24.28
N ILE A 198 8.04 5.15 -23.11
CA ILE A 198 6.74 4.45 -23.03
C ILE A 198 5.65 5.49 -23.29
N ASN A 199 4.74 5.19 -24.22
CA ASN A 199 3.74 6.15 -24.72
C ASN A 199 2.31 5.69 -24.52
N GLY A 200 2.09 4.66 -23.71
CA GLY A 200 0.74 4.26 -23.39
C GLY A 200 0.67 3.50 -22.11
N THR A 201 -0.48 3.52 -21.45
CA THR A 201 -0.68 2.76 -20.24
C THR A 201 -2.13 2.22 -20.23
N VAL A 202 -2.27 0.95 -19.87
CA VAL A 202 -3.57 0.36 -19.57
C VAL A 202 -3.62 0.22 -18.05
N ILE A 203 -4.47 1.03 -17.42
CA ILE A 203 -4.37 1.21 -15.97
C ILE A 203 -5.13 0.21 -15.12
N ASN A 204 -5.99 -0.59 -15.75
CA ASN A 204 -6.91 -1.46 -15.03
C ASN A 204 -6.87 -2.92 -15.49
N ASN A 205 -7.28 -3.81 -14.61
CA ASN A 205 -7.13 -5.26 -14.79
C ASN A 205 -7.81 -5.73 -16.05
N VAL A 206 -7.14 -6.65 -16.73
CA VAL A 206 -7.71 -7.40 -17.85
C VAL A 206 -8.90 -8.24 -17.44
N ASN A 207 -8.93 -8.66 -16.19
CA ASN A 207 -10.13 -9.28 -15.56
C ASN A 207 -11.00 -8.11 -15.20
N ALA A 208 -11.73 -7.67 -16.20
CA ALA A 208 -12.15 -6.24 -16.34
C ALA A 208 -13.41 -5.86 -15.52
N ASP A 209 -13.32 -4.73 -14.77
CA ASP A 209 -14.50 -4.17 -14.07
C ASP A 209 -15.19 -3.17 -14.98
N PRO A 210 -16.51 -3.40 -15.23
CA PRO A 210 -17.33 -2.63 -16.16
C PRO A 210 -17.54 -1.17 -15.74
N ARG A 211 -17.50 -0.91 -14.41
CA ARG A 211 -17.56 0.45 -13.88
C ARG A 211 -16.50 1.38 -14.48
N VAL A 212 -15.40 0.95 -15.10
CA VAL A 212 -14.47 1.93 -15.66
C VAL A 212 -15.09 2.75 -16.78
N LEU A 213 -16.15 2.21 -17.40
CA LEU A 213 -16.85 2.90 -18.48
C LEU A 213 -18.02 3.77 -18.02
N SER A 214 -18.25 3.87 -16.72
CA SER A 214 -19.32 4.71 -16.17
C SER A 214 -18.82 6.13 -16.06
N ASP A 215 -19.71 7.10 -16.08
CA ASP A 215 -19.32 8.49 -15.93
C ASP A 215 -18.54 8.73 -14.62
N GLN A 216 -18.94 8.07 -13.54
CA GLN A 216 -18.27 8.21 -12.25
C GLN A 216 -16.76 7.96 -12.39
N PHE A 217 -16.41 6.86 -13.06
CA PHE A 217 -15.01 6.52 -13.23
C PHE A 217 -14.36 7.23 -14.39
N LEU A 218 -15.08 7.48 -15.50
CA LEU A 218 -14.46 8.24 -16.59
C LEU A 218 -13.95 9.59 -16.14
N GLN A 219 -14.69 10.25 -15.23
CA GLN A 219 -14.24 11.54 -14.70
C GLN A 219 -12.89 11.37 -13.96
N LYS A 220 -12.75 10.29 -13.20
CA LYS A 220 -11.53 10.01 -12.47
C LYS A 220 -10.40 9.69 -13.43
N ILE A 221 -10.70 8.84 -14.41
CA ILE A 221 -9.72 8.41 -15.37
C ILE A 221 -9.23 9.58 -16.23
N ALA A 222 -10.12 10.48 -16.57
CA ALA A 222 -9.74 11.63 -17.33
C ALA A 222 -8.71 12.51 -16.59
N ALA A 223 -8.83 12.58 -15.27
CA ALA A 223 -7.86 13.33 -14.47
C ALA A 223 -6.45 12.68 -14.59
N LEU A 224 -6.39 11.35 -14.54
CA LEU A 224 -5.13 10.67 -14.77
C LEU A 224 -4.63 10.93 -16.19
N ALA A 225 -5.51 10.80 -17.18
CA ALA A 225 -5.11 11.05 -18.55
C ALA A 225 -4.53 12.47 -18.70
N ASP A 226 -5.14 13.43 -18.01
CA ASP A 226 -4.64 14.80 -18.04
C ASP A 226 -3.23 14.95 -17.49
N ALA A 227 -2.91 14.20 -16.43
CA ALA A 227 -1.59 14.20 -15.82
C ALA A 227 -0.58 13.54 -16.75
N PHE A 228 -1.02 12.54 -17.48
CA PHE A 228 -0.13 11.77 -18.33
C PHE A 228 0.16 12.42 -19.68
N ARG A 229 -0.79 13.24 -20.17
CA ARG A 229 -0.76 13.78 -21.50
C ARG A 229 0.51 14.58 -21.84
N PRO A 230 0.98 15.49 -20.97
CA PRO A 230 2.17 16.25 -21.32
C PRO A 230 3.38 15.39 -21.51
N TYR A 231 3.37 14.20 -20.91
CA TYR A 231 4.48 13.28 -21.04
C TYR A 231 4.36 12.29 -22.19
N GLY A 232 3.35 12.50 -23.04
CA GLY A 232 3.17 11.71 -24.23
C GLY A 232 2.52 10.34 -24.03
N ILE A 233 1.94 10.11 -22.87
CA ILE A 233 1.36 8.83 -22.53
C ILE A 233 -0.16 8.81 -22.71
N LYS A 234 -0.61 8.02 -23.67
CA LYS A 234 -2.03 7.88 -23.92
C LYS A 234 -2.66 6.91 -22.95
N MET A 235 -3.92 7.17 -22.61
CA MET A 235 -4.72 6.31 -21.77
C MET A 235 -5.42 5.22 -22.54
N TYR A 236 -5.35 4.01 -22.00
CA TYR A 236 -6.11 2.87 -22.53
C TYR A 236 -6.81 2.18 -21.36
N LEU A 237 -7.91 1.47 -21.64
CA LEU A 237 -8.64 0.73 -20.60
C LEU A 237 -8.87 -0.70 -21.02
N SER A 238 -8.74 -1.61 -20.06
CA SER A 238 -9.25 -2.94 -20.23
C SER A 238 -10.77 -2.91 -20.16
N ILE A 239 -11.44 -3.59 -21.06
CA ILE A 239 -12.88 -3.63 -21.07
C ILE A 239 -13.44 -5.03 -20.82
N ASN A 240 -14.65 -5.00 -20.29
CA ASN A 240 -15.46 -6.16 -20.05
C ASN A 240 -16.44 -6.31 -21.21
N PHE A 241 -16.32 -7.42 -21.93
CA PHE A 241 -17.09 -7.59 -23.15
C PHE A 241 -18.60 -7.56 -22.89
N ASN A 242 -19.01 -7.93 -21.68
CA ASN A 242 -20.41 -7.95 -21.29
C ASN A 242 -20.94 -6.61 -20.80
N SER A 243 -20.19 -5.54 -20.93
CA SER A 243 -20.64 -4.22 -20.46
C SER A 243 -22.04 -3.77 -20.85
N PRO A 244 -22.51 -3.98 -22.07
CA PRO A 244 -23.89 -3.60 -22.41
C PRO A 244 -24.91 -4.20 -21.45
N ARG A 245 -24.69 -5.43 -21.07
CA ARG A 245 -25.51 -6.14 -20.06
C ARG A 245 -25.26 -5.65 -18.66
N ALA A 246 -24.01 -5.46 -18.26
CA ALA A 246 -23.72 -5.02 -16.92
C ALA A 246 -24.34 -3.67 -16.60
N PHE A 247 -24.41 -2.78 -17.59
CA PHE A 247 -25.04 -1.47 -17.46
C PHE A 247 -26.56 -1.51 -17.53
N GLY A 248 -27.12 -2.69 -17.80
CA GLY A 248 -28.56 -2.88 -17.90
C GLY A 248 -29.20 -2.31 -19.13
N ASP A 249 -28.41 -2.03 -20.17
CA ASP A 249 -28.88 -1.36 -21.36
C ASP A 249 -29.31 -2.30 -22.48
N VAL A 250 -28.71 -3.48 -22.54
CA VAL A 250 -29.04 -4.47 -23.58
C VAL A 250 -29.05 -5.81 -22.91
N ASP A 251 -29.95 -6.69 -23.36
CA ASP A 251 -30.05 -8.03 -22.80
C ASP A 251 -29.15 -9.05 -23.44
N THR A 252 -28.19 -8.58 -24.22
CA THR A 252 -27.18 -9.43 -24.82
C THR A 252 -25.93 -8.58 -25.03
N ALA A 253 -24.81 -9.26 -25.25
CA ALA A 253 -23.58 -8.57 -25.68
C ALA A 253 -23.06 -9.09 -27.02
N ASP A 254 -23.91 -9.80 -27.74
CA ASP A 254 -23.55 -10.40 -29.02
C ASP A 254 -23.10 -9.27 -29.99
N PRO A 255 -21.86 -9.35 -30.45
CA PRO A 255 -21.33 -8.26 -31.29
C PRO A 255 -22.05 -8.07 -32.64
N LEU A 256 -22.80 -9.06 -33.09
CA LEU A 256 -23.56 -8.89 -34.35
C LEU A 256 -24.94 -8.25 -34.11
N ASP A 257 -25.34 -8.06 -32.87
CA ASP A 257 -26.59 -7.37 -32.54
C ASP A 257 -26.44 -5.84 -32.73
N PRO A 258 -27.24 -5.22 -33.60
CA PRO A 258 -27.09 -3.78 -33.80
C PRO A 258 -27.21 -2.93 -32.53
N ARG A 259 -27.97 -3.36 -31.53
CA ARG A 259 -28.08 -2.61 -30.28
C ARG A 259 -26.73 -2.63 -29.52
N VAL A 260 -26.03 -3.76 -29.62
CA VAL A 260 -24.70 -3.89 -29.02
C VAL A 260 -23.71 -3.01 -29.75
N GLN A 261 -23.74 -3.06 -31.07
CA GLN A 261 -22.87 -2.21 -31.88
C GLN A 261 -23.07 -0.75 -31.51
N GLN A 262 -24.33 -0.35 -31.37
CA GLN A 262 -24.63 1.03 -31.05
C GLN A 262 -24.20 1.38 -29.60
N TRP A 263 -24.36 0.45 -28.67
CA TRP A 263 -23.99 0.70 -27.28
C TRP A 263 -22.50 1.08 -27.19
N TRP A 264 -21.68 0.33 -27.90
CA TRP A 264 -20.23 0.59 -27.91
C TRP A 264 -19.88 1.91 -28.64
N LYS A 265 -20.60 2.21 -29.71
CA LYS A 265 -20.40 3.45 -30.43
C LYS A 265 -20.68 4.63 -29.51
N THR A 266 -21.81 4.58 -28.82
CA THR A 266 -22.20 5.63 -27.90
C THR A 266 -21.21 5.70 -26.74
N ARG A 267 -20.77 4.57 -26.26
CA ARG A 267 -19.82 4.57 -25.15
C ARG A 267 -18.49 5.17 -25.55
N ALA A 268 -18.03 4.85 -26.77
CA ALA A 268 -16.80 5.44 -27.28
C ALA A 268 -16.95 6.95 -27.38
N GLN A 269 -18.11 7.45 -27.83
CA GLN A 269 -18.33 8.88 -27.91
C GLN A 269 -18.22 9.52 -26.52
N LYS A 270 -18.77 8.83 -25.51
CA LYS A 270 -18.66 9.30 -24.14
C LYS A 270 -17.23 9.34 -23.68
N ILE A 271 -16.50 8.25 -23.89
CA ILE A 271 -15.10 8.24 -23.51
C ILE A 271 -14.30 9.39 -24.13
N TYR A 272 -14.44 9.56 -25.44
CA TYR A 272 -13.67 10.60 -26.13
C TYR A 272 -14.12 12.01 -25.77
N SER A 273 -15.33 12.21 -25.25
CA SER A 273 -15.70 13.51 -24.73
C SER A 273 -14.88 13.84 -23.47
N TYR A 274 -14.56 12.85 -22.65
CA TYR A 274 -13.70 13.05 -21.48
C TYR A 274 -12.19 13.06 -21.78
N ILE A 275 -11.82 12.25 -22.75
CA ILE A 275 -10.40 11.97 -23.06
C ILE A 275 -10.21 12.01 -24.56
N PRO A 276 -10.04 13.20 -25.16
CA PRO A 276 -10.11 13.29 -26.62
C PRO A 276 -9.07 12.55 -27.42
N ASP A 277 -7.96 12.21 -26.76
CA ASP A 277 -6.88 11.45 -27.34
C ASP A 277 -6.75 10.04 -26.74
N PHE A 278 -7.85 9.52 -26.24
CA PHE A 278 -7.89 8.17 -25.68
C PHE A 278 -7.30 7.18 -26.67
N GLY A 279 -6.46 6.28 -26.16
CA GLY A 279 -5.79 5.32 -26.99
C GLY A 279 -6.63 4.19 -27.52
N GLY A 280 -7.52 3.67 -26.67
CA GLY A 280 -8.29 2.48 -27.00
C GLY A 280 -8.44 1.48 -25.88
N PHE A 281 -8.71 0.23 -26.28
CA PHE A 281 -9.08 -0.82 -25.34
C PHE A 281 -8.08 -1.97 -25.35
N LEU A 282 -7.85 -2.59 -24.19
CA LEU A 282 -7.24 -3.89 -24.05
C LEU A 282 -8.39 -4.85 -23.72
N VAL A 283 -8.37 -6.03 -24.32
CA VAL A 283 -9.45 -6.99 -24.15
C VAL A 283 -8.95 -8.39 -23.83
N LYS A 284 -9.39 -8.92 -22.70
CA LYS A 284 -9.27 -10.33 -22.39
C LYS A 284 -10.70 -10.89 -22.40
N ALA A 285 -10.90 -11.82 -23.33
CA ALA A 285 -12.24 -12.34 -23.62
C ALA A 285 -12.23 -13.86 -23.74
N ASP A 286 -13.29 -14.49 -23.23
CA ASP A 286 -13.48 -15.98 -23.28
C ASP A 286 -12.25 -16.72 -22.71
N SER A 287 -11.70 -16.21 -21.61
CA SER A 287 -10.48 -16.79 -20.98
C SER A 287 -10.79 -16.76 -19.50
N ALA A 288 -10.81 -17.92 -18.83
CA ALA A 288 -10.96 -17.95 -17.36
C ALA A 288 -12.26 -17.30 -16.80
N GLY A 289 -13.38 -17.50 -17.47
CA GLY A 289 -14.62 -16.91 -17.01
C GLY A 289 -14.75 -15.43 -17.34
N GLN A 290 -13.80 -14.90 -18.11
CA GLN A 290 -14.04 -13.59 -18.69
C GLN A 290 -14.97 -13.73 -19.92
N PRO A 291 -16.02 -12.91 -19.94
CA PRO A 291 -17.00 -12.90 -21.04
C PRO A 291 -16.34 -12.61 -22.40
N GLY A 292 -17.01 -13.03 -23.46
CA GLY A 292 -16.49 -12.77 -24.77
C GLY A 292 -17.43 -13.13 -25.90
N PRO A 293 -16.99 -12.90 -27.12
CA PRO A 293 -17.82 -13.21 -28.27
C PRO A 293 -18.24 -14.67 -28.35
N GLN A 294 -17.39 -15.58 -27.90
CA GLN A 294 -17.72 -17.02 -28.01
C GLN A 294 -18.88 -17.39 -27.11
N GLY A 295 -19.14 -16.56 -26.09
CA GLY A 295 -20.33 -16.69 -25.26
C GLY A 295 -21.65 -16.46 -25.99
N TYR A 296 -21.56 -15.87 -27.17
CA TYR A 296 -22.67 -15.60 -28.04
C TYR A 296 -22.50 -16.34 -29.38
N GLY A 297 -21.65 -17.34 -29.40
CA GLY A 297 -21.36 -18.13 -30.59
C GLY A 297 -20.70 -17.35 -31.73
N ARG A 298 -19.97 -16.29 -31.35
CA ARG A 298 -19.25 -15.52 -32.35
C ARG A 298 -17.77 -15.70 -32.18
N ASP A 299 -16.99 -15.39 -33.22
CA ASP A 299 -15.55 -15.56 -33.12
C ASP A 299 -14.84 -14.30 -32.65
N HIS A 300 -13.54 -14.44 -32.42
CA HIS A 300 -12.81 -13.32 -31.87
C HIS A 300 -12.68 -12.15 -32.82
N ALA A 301 -12.69 -12.43 -34.11
CA ALA A 301 -12.67 -11.31 -35.06
C ALA A 301 -13.97 -10.56 -35.03
N GLU A 302 -15.11 -11.24 -34.93
CA GLU A 302 -16.40 -10.56 -34.86
C GLU A 302 -16.47 -9.67 -33.62
N GLY A 303 -15.95 -10.16 -32.51
CA GLY A 303 -15.92 -9.38 -31.30
C GLY A 303 -14.96 -8.19 -31.36
N ALA A 304 -13.73 -8.43 -31.81
CA ALA A 304 -12.74 -7.37 -31.89
C ALA A 304 -13.16 -6.31 -32.86
N ASN A 305 -13.65 -6.75 -34.01
CA ASN A 305 -14.02 -5.79 -35.04
C ASN A 305 -15.19 -4.88 -34.66
N MET A 306 -16.11 -5.41 -33.87
CA MET A 306 -17.20 -4.60 -33.33
C MET A 306 -16.69 -3.45 -32.45
N LEU A 307 -15.77 -3.79 -31.54
CA LEU A 307 -15.13 -2.78 -30.69
C LEU A 307 -14.32 -1.82 -31.54
N ALA A 308 -13.58 -2.35 -32.50
CA ALA A 308 -12.75 -1.54 -33.37
C ALA A 308 -13.56 -0.54 -34.18
N ALA A 309 -14.73 -0.93 -34.63
CA ALA A 309 -15.58 -0.03 -35.40
C ALA A 309 -16.05 1.15 -34.55
N ALA A 310 -16.28 0.92 -33.26
CA ALA A 310 -16.67 1.97 -32.34
C ALA A 310 -15.52 2.98 -32.14
N LEU A 311 -14.29 2.47 -32.12
CA LEU A 311 -13.12 3.32 -31.86
C LEU A 311 -12.57 4.00 -33.11
N LYS A 312 -12.83 3.44 -34.27
CA LYS A 312 -12.15 3.90 -35.49
C LYS A 312 -12.34 5.38 -35.82
N PRO A 313 -13.53 5.93 -35.67
CA PRO A 313 -13.72 7.34 -35.98
C PRO A 313 -12.95 8.29 -35.11
N PHE A 314 -12.51 7.80 -33.95
CA PHE A 314 -11.76 8.60 -33.00
C PHE A 314 -10.27 8.25 -33.00
N GLY A 315 -9.84 7.33 -33.87
CA GLY A 315 -8.47 6.94 -33.98
C GLY A 315 -7.96 5.98 -32.91
N GLY A 316 -8.89 5.30 -32.24
CA GLY A 316 -8.50 4.36 -31.21
C GLY A 316 -8.23 2.99 -31.76
N VAL A 317 -7.53 2.18 -30.99
CA VAL A 317 -7.19 0.82 -31.39
C VAL A 317 -7.69 -0.15 -30.35
N VAL A 318 -7.78 -1.43 -30.74
CA VAL A 318 -8.13 -2.55 -29.86
C VAL A 318 -6.93 -3.47 -29.75
N PHE A 319 -6.41 -3.63 -28.54
CA PHE A 319 -5.40 -4.62 -28.24
C PHE A 319 -6.18 -5.86 -27.78
N TRP A 320 -6.31 -6.86 -28.63
CA TRP A 320 -7.10 -8.05 -28.33
C TRP A 320 -6.13 -9.14 -27.87
N ARG A 321 -6.23 -9.58 -26.63
CA ARG A 321 -5.29 -10.57 -26.14
C ARG A 321 -5.57 -11.95 -26.67
N ALA A 322 -4.52 -12.63 -27.11
CA ALA A 322 -4.64 -13.96 -27.69
C ALA A 322 -4.54 -14.98 -26.59
N ASP A 331 -3.71 -30.83 -26.18
CA ASP A 331 -2.39 -30.27 -25.78
C ASP A 331 -2.51 -28.73 -25.72
N ARG A 332 -2.55 -28.19 -24.50
CA ARG A 332 -2.68 -26.74 -24.26
C ARG A 332 -1.68 -25.89 -25.04
N PHE A 333 -0.48 -26.42 -25.25
CA PHE A 333 0.56 -25.79 -26.05
C PHE A 333 0.06 -25.31 -27.42
N ARG A 334 -0.93 -26.07 -27.98
CA ARG A 334 -1.36 -25.80 -29.34
C ARG A 334 -2.58 -24.87 -29.38
N GLY A 335 -3.04 -24.48 -28.18
CA GLY A 335 -4.22 -23.63 -28.10
C GLY A 335 -4.13 -22.43 -29.04
N ALA A 336 -3.56 -21.33 -28.51
CA ALA A 336 -3.45 -20.12 -29.31
C ALA A 336 -3.36 -20.42 -30.81
N TYR A 337 -2.17 -20.86 -31.25
CA TYR A 337 -2.01 -21.09 -32.68
C TYR A 337 -3.31 -21.58 -33.32
N ASP A 338 -3.95 -22.65 -32.81
CA ASP A 338 -5.06 -23.24 -33.55
C ASP A 338 -6.30 -22.34 -33.53
N GLU A 339 -6.31 -21.40 -32.57
CA GLU A 339 -7.51 -20.60 -32.36
C GLU A 339 -7.54 -19.34 -33.24
N PHE A 340 -6.35 -18.76 -33.48
CA PHE A 340 -6.32 -17.48 -34.18
C PHE A 340 -5.89 -17.60 -35.65
N MET A 341 -5.10 -18.65 -35.95
CA MET A 341 -4.62 -18.82 -37.31
C MET A 341 -5.75 -18.81 -38.34
N PRO A 342 -6.88 -19.48 -38.07
CA PRO A 342 -8.02 -19.38 -39.00
C PRO A 342 -8.57 -18.00 -39.15
N LEU A 343 -8.27 -17.10 -38.21
CA LEU A 343 -8.75 -15.73 -38.28
C LEU A 343 -7.75 -14.74 -38.85
N ASP A 344 -6.58 -15.22 -39.26
CA ASP A 344 -5.57 -14.32 -39.81
C ASP A 344 -6.16 -13.65 -41.03
N GLY A 345 -6.09 -12.31 -41.06
CA GLY A 345 -6.70 -11.49 -42.10
C GLY A 345 -8.11 -11.01 -41.83
N LYS A 346 -8.80 -11.60 -40.86
CA LYS A 346 -10.18 -11.27 -40.55
C LYS A 346 -10.35 -10.13 -39.57
N PHE A 347 -9.24 -9.67 -38.98
CA PHE A 347 -9.29 -8.57 -38.04
C PHE A 347 -9.17 -7.24 -38.75
N ALA A 348 -9.89 -6.25 -38.23
CA ALA A 348 -9.81 -4.90 -38.76
C ALA A 348 -8.42 -4.28 -38.57
N ASP A 349 -8.16 -3.25 -39.35
CA ASP A 349 -6.84 -2.66 -39.36
C ASP A 349 -6.44 -1.91 -38.10
N ASN A 350 -7.43 -1.54 -37.27
CA ASN A 350 -7.16 -0.98 -35.93
C ASN A 350 -7.27 -2.00 -34.78
N VAL A 351 -7.23 -3.27 -35.11
CA VAL A 351 -7.09 -4.37 -34.13
C VAL A 351 -5.68 -4.89 -34.16
N ILE A 352 -5.12 -5.08 -32.97
CA ILE A 352 -3.80 -5.62 -32.81
C ILE A 352 -3.91 -6.79 -31.86
N LEU A 353 -3.45 -7.95 -32.30
CA LEU A 353 -3.44 -9.12 -31.45
C LEU A 353 -2.24 -9.07 -30.52
N GLN A 354 -2.49 -9.11 -29.21
CA GLN A 354 -1.48 -8.99 -28.17
C GLN A 354 -1.20 -10.37 -27.60
N ILE A 355 0.00 -10.84 -27.86
CA ILE A 355 0.40 -12.25 -27.71
C ILE A 355 1.55 -12.33 -26.70
N LYS A 356 1.39 -13.15 -25.68
CA LYS A 356 2.49 -13.41 -24.76
C LYS A 356 3.70 -14.01 -25.46
N ASN A 357 4.86 -13.84 -24.85
CA ASN A 357 6.09 -14.31 -25.51
C ASN A 357 6.05 -15.81 -25.85
N GLY A 358 5.42 -16.60 -25.00
CA GLY A 358 5.28 -18.06 -25.20
C GLY A 358 3.84 -18.51 -25.19
N PRO A 359 3.62 -19.78 -25.58
CA PRO A 359 2.28 -20.32 -25.72
C PRO A 359 1.60 -20.75 -24.44
N ILE A 360 2.29 -20.78 -23.31
CA ILE A 360 1.66 -21.16 -22.06
C ILE A 360 1.30 -19.93 -21.22
N ASP A 361 2.20 -19.45 -20.37
CA ASP A 361 1.87 -18.35 -19.44
C ASP A 361 3.08 -17.83 -18.69
N PHE A 362 3.95 -17.12 -19.39
CA PHE A 362 5.06 -16.41 -18.74
C PHE A 362 6.01 -17.28 -17.88
N GLN A 363 6.14 -18.56 -18.24
CA GLN A 363 6.97 -19.44 -17.45
C GLN A 363 8.46 -19.09 -17.60
N PRO A 364 9.33 -19.48 -16.67
CA PRO A 364 10.70 -18.95 -16.69
C PRO A 364 11.45 -19.12 -18.00
N ARG A 365 11.17 -20.18 -18.75
CA ARG A 365 11.53 -20.24 -20.16
C ARG A 365 10.45 -20.95 -20.94
N GLU A 366 10.04 -20.34 -22.05
CA GLU A 366 9.10 -20.93 -22.98
C GLU A 366 9.68 -20.71 -24.38
N PRO A 367 9.40 -21.63 -25.30
CA PRO A 367 9.67 -21.40 -26.72
C PRO A 367 8.79 -20.27 -27.20
N PHE A 368 9.17 -19.65 -28.30
CA PHE A 368 8.41 -18.51 -28.80
C PHE A 368 7.01 -18.94 -29.20
N SER A 369 6.04 -18.03 -29.05
CA SER A 369 4.70 -18.31 -29.49
C SER A 369 4.66 -18.47 -31.02
N ALA A 370 4.16 -19.60 -31.46
CA ALA A 370 4.10 -19.91 -32.88
C ALA A 370 3.26 -18.90 -33.65
N LEU A 371 2.28 -18.27 -33.00
CA LEU A 371 1.54 -17.22 -33.68
C LEU A 371 2.40 -16.15 -34.30
N PHE A 372 3.50 -15.77 -33.68
CA PHE A 372 4.34 -14.69 -34.18
C PHE A 372 4.88 -15.04 -35.57
N ALA A 373 5.17 -16.31 -35.83
CA ALA A 373 5.73 -16.71 -37.13
C ALA A 373 4.65 -17.10 -38.13
N GLY A 374 3.41 -17.19 -37.67
CA GLY A 374 2.31 -17.68 -38.48
C GLY A 374 1.34 -16.64 -38.98
N MET A 375 1.02 -15.62 -38.18
CA MET A 375 0.02 -14.62 -38.54
C MET A 375 0.65 -13.59 -39.45
N SER A 376 0.40 -13.70 -40.74
CA SER A 376 1.03 -12.83 -41.71
C SER A 376 0.18 -11.70 -42.26
N ARG A 377 -1.06 -11.61 -41.76
CA ARG A 377 -2.03 -10.64 -42.25
C ARG A 377 -2.77 -9.95 -41.12
N THR A 378 -2.19 -9.96 -39.95
CA THR A 378 -2.79 -9.42 -38.74
C THR A 378 -1.75 -8.65 -37.94
N ASN A 379 -2.13 -7.48 -37.48
CA ASN A 379 -1.25 -6.71 -36.59
C ASN A 379 -1.03 -7.50 -35.31
N MET A 380 0.22 -7.51 -34.87
CA MET A 380 0.61 -8.17 -33.64
C MET A 380 1.43 -7.28 -32.73
N MET A 381 1.35 -7.54 -31.44
CA MET A 381 2.22 -6.93 -30.49
C MET A 381 2.56 -7.99 -29.42
N MET A 382 3.74 -7.82 -28.85
CA MET A 382 4.23 -8.69 -27.82
C MET A 382 3.71 -8.27 -26.44
N GLU A 383 3.51 -9.27 -25.57
CA GLU A 383 3.21 -9.03 -24.16
C GLU A 383 4.24 -9.78 -23.32
N PHE A 384 5.03 -9.02 -22.56
CA PHE A 384 6.01 -9.50 -21.62
C PHE A 384 5.54 -9.25 -20.21
N GLN A 385 6.00 -10.07 -19.28
CA GLN A 385 5.71 -9.92 -17.86
C GLN A 385 6.95 -9.40 -17.08
N ILE A 386 6.76 -8.30 -16.35
CA ILE A 386 7.79 -7.72 -15.51
C ILE A 386 7.54 -8.13 -14.08
N THR A 387 6.32 -7.92 -13.59
CA THR A 387 5.92 -8.38 -12.26
C THR A 387 6.24 -9.87 -12.13
N GLN A 388 6.74 -10.27 -10.97
CA GLN A 388 7.34 -11.58 -10.85
C GLN A 388 6.35 -12.66 -10.38
N GLU A 389 5.32 -12.84 -11.19
CA GLU A 389 4.35 -13.87 -10.91
C GLU A 389 5.01 -15.22 -10.78
N TYR A 390 6.00 -15.47 -11.66
CA TYR A 390 6.61 -16.78 -11.76
C TYR A 390 8.08 -16.72 -11.39
N PHE A 391 8.54 -15.54 -10.95
CA PHE A 391 9.94 -15.37 -10.60
C PHE A 391 10.12 -14.92 -9.16
N GLY A 392 9.10 -15.12 -8.29
CA GLY A 392 9.33 -14.99 -6.86
C GLY A 392 8.84 -13.71 -6.21
N PHE A 393 7.81 -13.13 -6.81
CA PHE A 393 7.04 -12.06 -6.19
C PHE A 393 7.97 -10.87 -5.91
N ALA A 394 8.01 -10.36 -4.67
CA ALA A 394 8.94 -9.26 -4.37
C ALA A 394 10.14 -9.69 -3.53
N THR A 395 10.37 -10.98 -3.39
CA THR A 395 11.47 -11.43 -2.51
C THR A 395 12.67 -11.98 -3.27
N HIS A 396 12.47 -12.37 -4.55
CA HIS A 396 13.48 -12.96 -5.41
C HIS A 396 14.16 -11.90 -6.27
N LEU A 397 15.49 -11.97 -6.45
CA LEU A 397 16.15 -11.09 -7.43
C LEU A 397 16.15 -11.74 -8.82
N ALA A 398 15.49 -11.17 -9.82
CA ALA A 398 15.31 -11.79 -11.12
C ALA A 398 15.19 -10.73 -12.21
N TYR A 399 16.35 -10.17 -12.62
CA TYR A 399 16.35 -9.24 -13.73
C TYR A 399 15.82 -9.94 -14.99
N GLN A 400 14.79 -9.37 -15.62
CA GLN A 400 14.12 -10.03 -16.76
C GLN A 400 14.69 -9.64 -18.13
N GLY A 401 15.63 -8.70 -18.16
CA GLY A 401 16.25 -8.33 -19.41
C GLY A 401 16.67 -9.54 -20.26
N PRO A 402 17.36 -10.52 -19.69
CA PRO A 402 17.77 -11.66 -20.51
C PRO A 402 16.61 -12.45 -21.10
N LEU A 403 15.47 -12.52 -20.40
CA LEU A 403 14.31 -13.19 -20.96
C LEU A 403 13.75 -12.43 -22.18
N PHE A 404 13.66 -11.12 -22.04
CA PHE A 404 13.13 -10.30 -23.12
C PHE A 404 14.12 -10.35 -24.32
N GLU A 405 15.42 -10.18 -24.08
CA GLU A 405 16.44 -10.25 -25.15
C GLU A 405 16.40 -11.61 -25.87
N GLU A 406 16.34 -12.68 -25.07
CA GLU A 406 16.28 -14.04 -25.61
C GLU A 406 15.12 -14.16 -26.57
N SER A 407 13.95 -13.72 -26.13
CA SER A 407 12.77 -13.70 -26.99
C SER A 407 12.95 -12.88 -28.26
N LEU A 408 13.36 -11.63 -28.13
CA LEU A 408 13.36 -10.69 -29.25
C LEU A 408 14.40 -11.10 -30.29
N LYS A 409 15.49 -11.73 -29.87
CA LYS A 409 16.54 -12.15 -30.80
C LYS A 409 16.33 -13.58 -31.33
N THR A 410 15.25 -14.24 -30.95
CA THR A 410 14.97 -15.57 -31.44
C THR A 410 14.67 -15.58 -32.93
N GLU A 411 15.45 -16.36 -33.70
CA GLU A 411 15.15 -16.60 -35.10
C GLU A 411 13.98 -17.55 -35.25
N THR A 412 12.94 -17.14 -35.96
CA THR A 412 11.78 -17.95 -36.18
C THR A 412 11.73 -18.64 -37.53
N HIS A 413 12.54 -18.16 -38.48
CA HIS A 413 12.49 -18.64 -39.87
C HIS A 413 11.15 -18.40 -40.56
N ALA A 414 10.32 -17.48 -40.07
CA ALA A 414 8.98 -17.26 -40.64
C ALA A 414 9.01 -17.04 -42.15
N ARG A 415 9.91 -16.17 -42.57
CA ARG A 415 10.11 -15.88 -44.01
C ARG A 415 11.61 -15.98 -44.24
N GLY A 416 12.13 -17.13 -43.83
CA GLY A 416 13.54 -17.45 -43.90
C GLY A 416 14.36 -16.72 -42.86
N GLU A 417 15.66 -16.72 -43.03
CA GLU A 417 16.56 -16.08 -42.08
C GLU A 417 16.34 -14.59 -41.95
N GLY A 418 16.58 -14.08 -40.74
CA GLY A 418 16.30 -12.70 -40.42
C GLY A 418 14.93 -12.47 -39.84
N SER A 419 14.17 -13.56 -39.69
CA SER A 419 12.82 -13.44 -39.15
C SER A 419 12.85 -13.56 -37.62
N THR A 420 13.62 -12.71 -36.96
CA THR A 420 13.63 -12.72 -35.51
C THR A 420 12.30 -12.17 -35.01
N ILE A 421 11.99 -12.50 -33.76
CA ILE A 421 10.78 -12.01 -33.11
C ILE A 421 10.76 -10.48 -33.16
N GLY A 422 11.91 -9.88 -32.88
CA GLY A 422 11.99 -8.42 -32.93
C GLY A 422 11.72 -7.86 -34.32
N ASN A 423 12.30 -8.46 -35.35
CA ASN A 423 12.01 -8.02 -36.70
C ASN A 423 10.56 -8.21 -37.12
N ILE A 424 9.92 -9.29 -36.64
CA ILE A 424 8.51 -9.50 -36.85
C ILE A 424 7.69 -8.34 -36.21
N LEU A 425 7.99 -8.07 -34.94
CA LEU A 425 7.27 -7.02 -34.22
C LEU A 425 7.44 -5.70 -34.96
N GLU A 426 8.65 -5.44 -35.49
CA GLU A 426 8.94 -4.18 -36.10
C GLU A 426 8.19 -3.95 -37.44
N GLY A 427 7.69 -5.01 -38.06
CA GLY A 427 7.02 -4.93 -39.35
C GLY A 427 7.96 -5.21 -40.52
N LYS A 428 9.14 -5.73 -40.27
CA LYS A 428 10.14 -6.01 -41.32
C LYS A 428 9.92 -7.38 -41.96
N VAL A 429 9.06 -8.21 -41.41
CA VAL A 429 8.89 -9.58 -41.92
C VAL A 429 7.58 -9.64 -42.70
N PHE A 430 6.49 -9.34 -42.03
CA PHE A 430 5.18 -9.26 -42.66
C PHE A 430 4.80 -7.79 -42.79
N LYS A 431 4.24 -7.41 -43.90
CA LYS A 431 3.78 -6.03 -44.04
C LYS A 431 2.65 -5.82 -43.06
N THR A 432 2.77 -4.82 -42.20
CA THR A 432 1.78 -4.66 -41.16
C THR A 432 1.42 -3.20 -40.92
N ARG A 433 0.39 -2.90 -40.12
CA ARG A 433 -0.06 -1.53 -39.95
C ARG A 433 0.32 -0.96 -38.59
N HIS A 434 0.24 -1.77 -37.56
CA HIS A 434 0.48 -1.28 -36.19
C HIS A 434 1.47 -2.23 -35.52
N THR A 435 2.38 -1.66 -34.73
CA THR A 435 3.42 -2.45 -34.07
C THR A 435 3.50 -2.05 -32.60
N GLY A 436 4.03 -2.92 -31.77
CA GLY A 436 4.16 -2.56 -30.36
C GLY A 436 4.56 -3.71 -29.46
N MET A 437 4.75 -3.34 -28.20
CA MET A 437 4.91 -4.31 -27.12
C MET A 437 4.36 -3.72 -25.82
N ALA A 438 3.81 -4.60 -25.02
CA ALA A 438 3.17 -4.33 -23.74
C ALA A 438 3.92 -5.08 -22.64
N GLY A 439 4.08 -4.39 -21.50
CA GLY A 439 4.78 -4.91 -20.37
C GLY A 439 3.91 -4.89 -19.12
N VAL A 440 3.67 -6.06 -18.56
CA VAL A 440 2.84 -6.17 -17.35
C VAL A 440 3.69 -5.86 -16.15
N ILE A 441 3.62 -4.63 -15.67
CA ILE A 441 4.52 -4.13 -14.65
C ILE A 441 3.99 -4.21 -13.24
N ASN A 442 2.69 -4.01 -13.07
CA ASN A 442 2.04 -4.13 -11.73
C ASN A 442 2.78 -3.51 -10.54
N PRO A 443 3.23 -2.26 -10.69
CA PRO A 443 3.81 -1.56 -9.55
C PRO A 443 2.67 -1.17 -8.59
N GLY A 444 3.06 -0.62 -7.44
CA GLY A 444 2.08 -0.16 -6.48
C GLY A 444 2.65 0.89 -5.57
N THR A 445 1.95 1.10 -4.47
CA THR A 445 2.22 2.25 -3.61
C THR A 445 3.43 2.10 -2.72
N ASP A 446 4.11 0.95 -2.75
CA ASP A 446 5.38 0.85 -2.03
C ASP A 446 6.27 2.04 -2.44
N ARG A 447 7.08 2.53 -1.51
CA ARG A 447 7.90 3.70 -1.75
C ARG A 447 8.80 3.57 -2.97
N ASN A 448 9.29 2.36 -3.23
CA ASN A 448 10.18 2.11 -4.36
C ASN A 448 9.46 1.57 -5.61
N TRP A 449 8.12 1.64 -5.60
CA TRP A 449 7.24 1.32 -6.72
C TRP A 449 7.13 -0.14 -7.06
N THR A 450 8.19 -0.92 -6.86
CA THR A 450 8.23 -2.27 -7.32
C THR A 450 8.45 -3.35 -6.25
N GLY A 451 8.58 -2.95 -4.99
CA GLY A 451 8.76 -3.88 -3.90
C GLY A 451 10.22 -4.30 -3.78
N HIS A 452 10.63 -5.22 -4.64
CA HIS A 452 12.03 -5.58 -4.76
C HIS A 452 12.74 -4.53 -5.58
N PRO A 453 13.84 -3.95 -5.09
CA PRO A 453 14.53 -2.95 -5.90
C PRO A 453 14.86 -3.39 -7.32
N PHE A 454 15.24 -4.65 -7.49
CA PHE A 454 15.66 -5.11 -8.79
C PHE A 454 14.54 -5.32 -9.80
N VAL A 455 13.27 -5.31 -9.35
CA VAL A 455 12.20 -5.31 -10.33
C VAL A 455 12.23 -4.00 -11.18
N GLN A 456 12.75 -2.91 -10.60
CA GLN A 456 12.93 -1.67 -11.37
C GLN A 456 13.76 -1.92 -12.61
N SER A 457 14.78 -2.78 -12.50
CA SER A 457 15.64 -3.05 -13.66
C SER A 457 14.90 -3.74 -14.79
N SER A 458 13.91 -4.57 -14.43
CA SER A 458 13.12 -5.26 -15.42
C SER A 458 12.20 -4.28 -16.16
N TRP A 459 11.55 -3.37 -15.40
CA TRP A 459 10.75 -2.30 -16.00
C TRP A 459 11.63 -1.46 -16.93
N TYR A 460 12.84 -1.14 -16.48
CA TYR A 460 13.79 -0.34 -17.25
C TYR A 460 14.12 -1.05 -18.58
N ALA A 461 14.50 -2.33 -18.49
CA ALA A 461 14.94 -3.07 -19.66
C ALA A 461 13.83 -3.21 -20.69
N PHE A 462 12.57 -3.44 -20.18
CA PHE A 462 11.40 -3.50 -21.05
C PHE A 462 11.19 -2.21 -21.83
N GLY A 463 11.37 -1.04 -21.17
CA GLY A 463 11.15 0.23 -21.81
C GLY A 463 12.17 0.59 -22.84
N ARG A 464 13.46 0.28 -22.54
CA ARG A 464 14.53 0.38 -23.53
C ARG A 464 14.32 -0.56 -24.71
N MET A 465 13.89 -1.79 -24.50
CA MET A 465 13.72 -2.73 -25.58
C MET A 465 12.50 -2.48 -26.42
N ALA A 466 11.48 -1.86 -25.83
CA ALA A 466 10.33 -1.43 -26.60
C ALA A 466 10.74 -0.33 -27.56
N TRP A 467 11.70 0.51 -27.14
CA TRP A 467 12.23 1.58 -28.01
C TRP A 467 13.15 0.97 -29.08
N ASP A 468 14.03 0.08 -28.67
CA ASP A 468 14.95 -0.59 -29.63
C ASP A 468 15.11 -2.05 -29.22
N HIS A 469 14.44 -2.94 -29.95
CA HIS A 469 14.40 -4.35 -29.57
C HIS A 469 15.72 -5.10 -29.71
N GLN A 470 16.75 -4.45 -30.26
CA GLN A 470 18.05 -5.05 -30.34
C GLN A 470 18.96 -4.63 -29.21
N ILE A 471 18.49 -3.74 -28.32
CA ILE A 471 19.28 -3.47 -27.11
C ILE A 471 19.44 -4.72 -26.26
N SER A 472 20.64 -4.96 -25.78
CA SER A 472 20.89 -6.16 -25.00
C SER A 472 20.53 -5.98 -23.56
N ALA A 473 20.34 -7.11 -22.90
CA ALA A 473 20.13 -7.12 -21.46
C ALA A 473 21.32 -6.49 -20.73
N ALA A 474 22.52 -6.76 -21.20
CA ALA A 474 23.71 -6.21 -20.61
C ALA A 474 23.79 -4.71 -20.73
N THR A 475 23.45 -4.16 -21.89
CA THR A 475 23.50 -2.71 -22.11
C THR A 475 22.48 -2.03 -21.20
N ALA A 476 21.27 -2.58 -21.16
CA ALA A 476 20.27 -2.00 -20.29
C ALA A 476 20.66 -2.07 -18.82
N ALA A 477 21.27 -3.18 -18.41
CA ALA A 477 21.71 -3.33 -17.03
C ALA A 477 22.80 -2.33 -16.69
N ASP A 478 23.75 -2.12 -17.62
CA ASP A 478 24.84 -1.16 -17.40
C ASP A 478 24.27 0.24 -17.14
N GLU A 479 23.34 0.66 -18.00
CA GLU A 479 22.71 1.94 -17.82
C GLU A 479 21.97 2.04 -16.49
N TRP A 480 21.15 1.02 -16.20
CA TRP A 480 20.28 1.07 -15.02
C TRP A 480 21.15 1.09 -13.77
N LEU A 481 22.24 0.35 -13.73
CA LEU A 481 23.09 0.32 -12.55
C LEU A 481 23.76 1.65 -12.32
N ARG A 482 24.26 2.26 -13.37
CA ARG A 482 24.86 3.59 -13.28
C ARG A 482 23.85 4.62 -12.79
N MET A 483 22.62 4.55 -13.28
CA MET A 483 21.58 5.56 -12.97
C MET A 483 21.04 5.35 -11.56
N THR A 484 20.97 4.10 -11.12
CA THR A 484 20.30 3.71 -9.88
C THR A 484 21.26 3.62 -8.66
N PHE A 485 22.49 3.16 -8.88
CA PHE A 485 23.41 2.82 -7.79
C PHE A 485 24.75 3.54 -7.85
N SER A 486 25.52 3.34 -8.91
CA SER A 486 26.92 3.74 -8.91
C SER A 486 27.51 3.70 -10.30
N ASN A 487 28.44 4.59 -10.58
CA ASN A 487 29.21 4.55 -11.82
C ASN A 487 30.57 3.92 -11.62
N GLN A 488 30.85 3.37 -10.44
CA GLN A 488 32.18 2.75 -10.20
C GLN A 488 32.35 1.47 -10.99
N PRO A 489 33.38 1.37 -11.85
CA PRO A 489 33.50 0.17 -12.67
C PRO A 489 33.60 -1.10 -11.85
N ALA A 490 34.20 -1.03 -10.67
CA ALA A 490 34.39 -2.23 -9.86
C ALA A 490 33.08 -2.76 -9.29
N PHE A 491 32.09 -1.89 -9.20
CA PHE A 491 30.70 -2.25 -8.84
C PHE A 491 29.92 -2.75 -10.05
N ILE A 492 29.99 -2.04 -11.13
CA ILE A 492 29.14 -2.31 -12.27
C ILE A 492 29.35 -3.72 -12.80
N GLU A 493 30.61 -4.11 -13.02
CA GLU A 493 30.84 -5.40 -13.63
C GLU A 493 30.26 -6.57 -12.86
N PRO A 494 30.62 -6.77 -11.57
CA PRO A 494 30.08 -7.93 -10.90
C PRO A 494 28.57 -7.87 -10.68
N VAL A 495 28.02 -6.68 -10.48
CA VAL A 495 26.55 -6.60 -10.24
C VAL A 495 25.80 -6.76 -11.56
N LYS A 496 26.38 -6.32 -12.66
CA LYS A 496 25.80 -6.59 -13.98
C LYS A 496 25.74 -8.11 -14.23
N GLN A 497 26.84 -8.80 -13.96
CA GLN A 497 26.86 -10.23 -14.17
C GLN A 497 25.89 -10.98 -13.24
N MET A 498 25.77 -10.51 -12.01
CA MET A 498 24.78 -11.05 -11.05
C MET A 498 23.35 -10.87 -11.62
N MET A 499 23.08 -9.70 -12.14
CA MET A 499 21.79 -9.48 -12.78
C MET A 499 21.55 -10.42 -13.98
N LEU A 500 22.57 -10.58 -14.80
CA LEU A 500 22.44 -11.37 -15.99
C LEU A 500 22.26 -12.83 -15.70
N VAL A 501 22.78 -13.35 -14.57
CA VAL A 501 22.59 -14.75 -14.24
C VAL A 501 21.26 -15.00 -13.49
N SER A 502 20.70 -13.94 -12.92
CA SER A 502 19.56 -14.10 -12.02
C SER A 502 18.35 -14.76 -12.70
N ARG A 503 18.08 -14.45 -13.97
CA ARG A 503 16.99 -15.12 -14.68
C ARG A 503 17.23 -16.61 -14.76
N GLU A 504 18.44 -16.96 -15.19
CA GLU A 504 18.72 -18.38 -15.34
C GLU A 504 18.70 -19.10 -14.03
N ALA A 505 19.14 -18.47 -12.96
CA ALA A 505 19.07 -19.10 -11.67
C ALA A 505 17.61 -19.45 -11.34
N GLY A 506 16.69 -18.53 -11.65
CA GLY A 506 15.28 -18.73 -11.41
C GLY A 506 14.66 -19.82 -12.28
N VAL A 507 15.22 -20.03 -13.47
CA VAL A 507 14.84 -21.21 -14.26
C VAL A 507 15.36 -22.47 -13.56
N ASN A 508 16.63 -22.44 -13.19
CA ASN A 508 17.31 -23.65 -12.72
C ASN A 508 16.75 -24.23 -11.42
N TYR A 509 16.42 -23.39 -10.40
CA TYR A 509 15.85 -23.93 -9.19
C TYR A 509 14.35 -24.21 -9.23
N ARG A 510 13.68 -23.87 -10.33
CA ARG A 510 12.27 -24.17 -10.50
C ARG A 510 11.93 -25.29 -11.50
N SER A 511 12.48 -25.19 -12.70
CA SER A 511 12.02 -25.98 -13.85
C SER A 511 12.95 -25.81 -15.04
N PRO A 512 14.12 -26.43 -14.94
CA PRO A 512 15.09 -26.45 -16.04
C PRO A 512 14.75 -27.47 -17.11
N LEU A 513 15.56 -27.42 -18.18
CA LEU A 513 15.53 -28.45 -19.24
C LEU A 513 14.26 -28.52 -20.03
N GLY A 514 13.43 -27.47 -20.00
CA GLY A 514 12.15 -27.53 -20.65
C GLY A 514 10.97 -27.94 -19.81
N LEU A 515 11.22 -28.24 -18.54
CA LEU A 515 10.16 -28.36 -17.57
C LEU A 515 9.46 -27.02 -17.44
N THR A 516 8.23 -27.07 -16.96
CA THR A 516 7.39 -25.89 -16.87
C THR A 516 6.19 -26.18 -15.98
N HIS A 517 5.60 -25.09 -15.49
CA HIS A 517 4.28 -25.13 -14.84
C HIS A 517 4.31 -26.04 -13.61
N LEU A 518 5.34 -25.89 -12.79
CA LEU A 518 5.52 -26.71 -11.58
C LEU A 518 5.14 -25.97 -10.29
N TYR A 519 4.48 -24.82 -10.46
CA TYR A 519 4.07 -23.95 -9.33
C TYR A 519 2.84 -24.44 -8.56
N SER A 520 2.82 -24.06 -7.28
CA SER A 520 1.61 -24.06 -6.48
C SER A 520 0.49 -23.34 -7.21
N GLN A 521 -0.66 -23.98 -7.28
CA GLN A 521 -1.80 -23.35 -7.92
C GLN A 521 -2.75 -22.86 -6.88
N GLY A 522 -3.39 -21.69 -7.05
CA GLY A 522 -3.25 -20.72 -8.11
C GLY A 522 -2.35 -19.53 -7.72
N ASP A 523 -1.71 -19.60 -6.55
CA ASP A 523 -0.94 -18.46 -6.02
C ASP A 523 0.41 -18.28 -6.69
N HIS A 524 1.02 -19.38 -7.14
CA HIS A 524 2.25 -19.37 -7.90
C HIS A 524 3.53 -18.98 -7.11
N TYR A 525 3.53 -19.04 -5.75
CA TYR A 525 4.74 -18.61 -5.04
C TYR A 525 5.79 -19.71 -4.98
N GLY A 526 5.35 -20.89 -4.60
CA GLY A 526 6.28 -21.98 -4.32
C GLY A 526 6.06 -23.20 -5.21
N PRO A 527 6.91 -24.22 -4.99
CA PRO A 527 6.84 -25.47 -5.75
C PRO A 527 5.60 -26.30 -5.42
N ALA A 528 5.04 -26.90 -6.47
CA ALA A 528 4.12 -27.99 -6.33
C ALA A 528 4.12 -28.90 -7.56
N PRO A 529 5.24 -29.55 -7.83
CA PRO A 529 5.32 -30.40 -9.05
C PRO A 529 4.48 -31.67 -9.04
N TRP A 530 3.95 -32.02 -7.86
CA TRP A 530 3.07 -33.16 -7.68
C TRP A 530 1.63 -32.88 -8.01
N THR A 531 1.26 -31.61 -8.29
CA THR A 531 -0.13 -31.20 -8.43
C THR A 531 -0.78 -32.03 -9.54
N ASP A 532 -1.85 -32.71 -9.19
CA ASP A 532 -2.67 -33.46 -10.10
C ASP A 532 -4.13 -33.14 -9.61
N ASP A 533 -5.14 -33.72 -10.23
CA ASP A 533 -6.51 -33.55 -9.68
C ASP A 533 -6.93 -32.07 -9.46
N LEU A 534 -7.00 -31.32 -10.54
CA LEU A 534 -7.65 -30.03 -10.54
C LEU A 534 -8.84 -30.16 -11.49
N PRO A 535 -9.77 -29.20 -11.51
CA PRO A 535 -10.91 -29.25 -12.46
C PRO A 535 -10.47 -29.38 -13.91
N ARG A 536 -9.35 -28.74 -14.28
CA ARG A 536 -8.79 -29.05 -15.59
C ARG A 536 -7.39 -29.62 -15.45
N ALA A 537 -7.14 -30.69 -16.22
CA ALA A 537 -5.83 -31.31 -16.24
C ALA A 537 -4.72 -30.34 -16.62
N ASP A 538 -5.01 -29.38 -17.50
CA ASP A 538 -3.97 -28.45 -17.96
C ASP A 538 -3.69 -27.34 -16.98
N TRP A 539 -4.33 -27.40 -15.81
CA TRP A 539 -4.00 -26.61 -14.62
C TRP A 539 -2.96 -27.31 -13.74
N THR A 540 -2.90 -28.66 -13.85
CA THR A 540 -1.98 -29.40 -13.00
C THR A 540 -0.55 -29.34 -13.52
N ALA A 541 0.38 -29.90 -12.71
CA ALA A 541 1.78 -29.91 -13.12
C ALA A 541 2.12 -31.17 -13.93
N VAL A 542 1.61 -32.28 -13.38
CA VAL A 542 1.86 -33.56 -13.96
C VAL A 542 1.49 -33.65 -15.41
N TYR A 543 0.48 -32.89 -15.81
CA TYR A 543 0.10 -32.79 -17.21
C TYR A 543 1.28 -32.37 -18.10
N TYR A 544 2.10 -31.45 -17.59
CA TYR A 544 3.19 -30.89 -18.37
C TYR A 544 4.45 -31.72 -18.37
N HIS A 545 4.81 -32.33 -17.22
CA HIS A 545 6.08 -33.06 -17.10
C HIS A 545 5.98 -34.52 -17.45
N ARG A 546 4.82 -35.13 -17.17
CA ARG A 546 4.57 -36.54 -17.49
C ARG A 546 5.66 -37.45 -16.97
N ALA A 547 6.20 -37.12 -15.80
CA ALA A 547 7.23 -37.93 -15.22
C ALA A 547 6.72 -39.32 -14.86
N SER A 548 7.59 -40.30 -15.08
CA SER A 548 7.30 -41.70 -14.72
C SER A 548 8.59 -42.42 -14.29
N LYS A 549 8.46 -43.70 -13.97
CA LYS A 549 9.60 -44.48 -13.63
C LYS A 549 10.58 -44.58 -14.81
N THR A 550 10.10 -44.44 -16.04
CA THR A 550 10.96 -44.65 -17.18
C THR A 550 11.53 -43.36 -17.78
N GLY A 551 10.85 -42.23 -17.57
CA GLY A 551 11.31 -40.98 -18.19
C GLY A 551 10.45 -39.77 -17.89
N ILE A 552 10.62 -38.73 -18.68
CA ILE A 552 10.02 -37.41 -18.40
C ILE A 552 9.98 -36.59 -19.67
N GLY A 553 9.07 -35.63 -19.72
CA GLY A 553 8.92 -34.79 -20.89
C GLY A 553 7.61 -34.97 -21.62
N PHE A 554 7.33 -34.05 -22.52
CA PHE A 554 6.08 -34.02 -23.25
C PHE A 554 6.37 -34.11 -24.76
N ASN A 555 5.88 -35.16 -25.39
CA ASN A 555 6.10 -35.36 -26.81
C ASN A 555 5.21 -34.46 -27.69
N ARG A 556 5.84 -33.47 -28.33
CA ARG A 556 5.18 -32.53 -29.21
C ARG A 556 5.71 -32.67 -30.63
N THR A 557 6.42 -33.78 -30.86
CA THR A 557 6.90 -34.11 -32.22
C THR A 557 5.75 -34.71 -33.04
N LYS A 558 6.06 -35.09 -34.28
CA LYS A 558 5.09 -35.79 -35.14
C LYS A 558 4.52 -37.07 -34.51
N THR A 559 5.23 -37.69 -33.59
CA THR A 559 4.69 -38.88 -32.93
C THR A 559 3.89 -38.63 -31.67
N GLY A 560 3.76 -37.36 -31.30
CA GLY A 560 2.99 -36.97 -30.13
C GLY A 560 1.94 -35.97 -30.56
N SER A 561 1.91 -34.79 -29.93
CA SER A 561 0.88 -33.81 -30.24
C SER A 561 1.11 -33.05 -31.55
N ASN A 562 2.33 -33.15 -32.07
CA ASN A 562 2.76 -32.47 -33.29
C ASN A 562 2.60 -30.96 -33.25
N ALA A 563 2.71 -30.39 -32.07
CA ALA A 563 2.77 -28.94 -31.95
C ALA A 563 3.93 -28.38 -32.75
N LEU A 564 5.01 -29.14 -32.95
CA LEU A 564 6.13 -28.63 -33.75
C LEU A 564 5.70 -28.25 -35.17
N ALA A 565 4.68 -28.91 -35.71
CA ALA A 565 4.14 -28.55 -37.02
C ALA A 565 3.47 -27.17 -37.09
N GLN A 566 3.24 -26.53 -35.93
CA GLN A 566 2.78 -25.16 -35.89
C GLN A 566 3.88 -24.15 -36.15
N TYR A 567 5.15 -24.62 -36.14
CA TYR A 567 6.29 -23.75 -36.37
C TYR A 567 6.78 -23.84 -37.82
N PRO A 568 7.52 -22.85 -38.28
CA PRO A 568 8.14 -22.95 -39.61
C PRO A 568 9.05 -24.19 -39.67
N GLU A 569 9.18 -24.73 -40.87
CA GLU A 569 9.83 -26.01 -41.03
C GLU A 569 11.22 -26.02 -40.45
N PRO A 570 12.07 -25.01 -40.61
CA PRO A 570 13.40 -25.11 -40.03
C PRO A 570 13.39 -25.25 -38.49
N ILE A 571 12.42 -24.64 -37.83
CA ILE A 571 12.30 -24.81 -36.39
C ILE A 571 11.76 -26.19 -36.02
N ALA A 572 10.72 -26.63 -36.72
CA ALA A 572 10.21 -27.98 -36.47
C ALA A 572 11.31 -29.04 -36.62
N LYS A 573 12.15 -28.84 -37.63
CA LYS A 573 13.25 -29.77 -37.92
C LYS A 573 14.28 -29.75 -36.78
N ALA A 574 14.74 -28.54 -36.44
CA ALA A 574 15.77 -28.37 -35.43
C ALA A 574 15.32 -28.89 -34.07
N TRP A 575 14.08 -28.60 -33.71
CA TRP A 575 13.59 -28.96 -32.38
C TRP A 575 13.11 -30.40 -32.31
N GLY A 576 12.77 -30.98 -33.44
CA GLY A 576 12.29 -32.36 -33.51
C GLY A 576 13.44 -33.35 -33.49
N ASP A 577 14.62 -32.87 -33.92
CA ASP A 577 15.80 -33.73 -33.93
C ASP A 577 16.57 -33.65 -32.61
N LEU A 578 16.68 -34.81 -31.94
CA LEU A 578 17.37 -34.85 -30.67
C LEU A 578 18.80 -34.33 -30.79
N ASN A 579 19.29 -34.30 -32.04
CA ASN A 579 20.68 -33.92 -32.27
C ASN A 579 20.88 -32.40 -32.22
N SER A 580 19.80 -31.67 -32.57
CA SER A 580 19.92 -30.21 -32.63
C SER A 580 19.01 -29.52 -31.61
N VAL A 581 18.08 -30.23 -30.96
CA VAL A 581 17.18 -29.49 -30.12
C VAL A 581 17.95 -28.90 -28.94
N PRO A 582 17.74 -27.63 -28.63
CA PRO A 582 18.46 -27.08 -27.49
C PRO A 582 18.04 -27.75 -26.19
N GLU A 583 18.99 -28.07 -25.35
CA GLU A 583 18.73 -28.71 -24.09
C GLU A 583 17.89 -27.86 -23.19
N ASP A 584 17.99 -26.54 -23.28
CA ASP A 584 17.18 -25.69 -22.45
C ASP A 584 15.67 -25.67 -22.82
N LEU A 585 15.29 -26.33 -23.92
CA LEU A 585 13.92 -26.52 -24.28
C LEU A 585 13.49 -27.99 -24.42
N ILE A 586 14.38 -28.92 -24.13
CA ILE A 586 14.20 -30.26 -24.67
C ILE A 586 12.91 -30.95 -24.21
N LEU A 587 12.57 -30.78 -22.94
CA LEU A 587 11.39 -31.47 -22.38
C LEU A 587 10.05 -30.83 -22.75
N TRP A 588 10.10 -29.70 -23.45
CA TRP A 588 8.89 -29.14 -24.06
C TRP A 588 8.41 -30.04 -25.19
N PHE A 589 9.34 -30.72 -25.86
CA PHE A 589 9.01 -31.40 -27.12
C PHE A 589 9.25 -32.88 -27.12
N HIS A 590 10.06 -33.39 -26.20
CA HIS A 590 10.44 -34.81 -26.17
C HIS A 590 10.19 -35.44 -24.82
N HIS A 591 9.58 -36.61 -24.83
CA HIS A 591 9.53 -37.45 -23.67
C HIS A 591 10.69 -38.43 -23.79
N LEU A 592 11.63 -38.30 -22.87
CA LEU A 592 12.91 -39.00 -22.90
C LEU A 592 13.08 -39.92 -21.71
N SER A 593 13.76 -40.99 -21.97
CA SER A 593 14.14 -41.89 -20.91
C SER A 593 15.14 -41.21 -19.95
N TRP A 594 15.08 -41.60 -18.69
CA TRP A 594 16.02 -41.08 -17.72
C TRP A 594 17.48 -41.37 -18.04
N ASP A 595 17.73 -42.41 -18.84
CA ASP A 595 19.10 -42.74 -19.24
C ASP A 595 19.61 -42.00 -20.47
N HIS A 596 18.80 -41.12 -21.06
CA HIS A 596 19.27 -40.35 -22.16
C HIS A 596 20.49 -39.56 -21.72
N ARG A 597 21.58 -39.59 -22.50
CA ARG A 597 22.78 -38.86 -22.13
C ARG A 597 22.79 -37.49 -22.73
N MET A 598 23.03 -36.51 -21.86
CA MET A 598 23.04 -35.10 -22.23
C MET A 598 24.44 -34.69 -22.66
N GLN A 599 24.57 -33.49 -23.18
CA GLN A 599 25.84 -32.99 -23.72
C GLN A 599 26.94 -33.00 -22.68
N SER A 600 26.58 -32.79 -21.41
CA SER A 600 27.53 -32.81 -20.28
C SER A 600 28.12 -34.21 -19.97
N GLY A 601 27.48 -35.26 -20.48
CA GLY A 601 27.83 -36.61 -20.14
C GLY A 601 26.96 -37.22 -19.07
N ARG A 602 26.22 -36.40 -18.33
CA ARG A 602 25.28 -36.90 -17.39
C ARG A 602 24.09 -37.51 -18.09
N ASN A 603 23.46 -38.50 -17.47
CA ASN A 603 22.13 -38.89 -17.90
C ASN A 603 21.10 -37.83 -17.52
N LEU A 604 19.89 -37.94 -18.03
CA LEU A 604 18.87 -36.91 -17.87
C LEU A 604 18.49 -36.76 -16.40
N TRP A 605 18.44 -37.85 -15.63
CA TRP A 605 18.17 -37.73 -14.20
C TRP A 605 19.24 -36.89 -13.51
N GLN A 606 20.48 -37.23 -13.78
CA GLN A 606 21.60 -36.56 -13.21
C GLN A 606 21.66 -35.12 -13.61
N GLU A 607 21.33 -34.84 -14.86
CA GLU A 607 21.34 -33.48 -15.37
C GLU A 607 20.25 -32.66 -14.71
N LEU A 608 19.08 -33.27 -14.51
CA LEU A 608 17.97 -32.59 -13.83
C LEU A 608 18.41 -32.22 -12.40
N VAL A 609 19.00 -33.16 -11.66
CA VAL A 609 19.51 -32.85 -10.34
C VAL A 609 20.57 -31.76 -10.38
N HIS A 610 21.49 -31.83 -11.34
CA HIS A 610 22.57 -30.88 -11.43
C HIS A 610 22.00 -29.46 -11.62
N LYS A 611 21.01 -29.31 -12.49
CA LYS A 611 20.42 -27.98 -12.77
C LYS A 611 19.73 -27.40 -11.55
N TYR A 612 18.96 -28.20 -10.83
CA TYR A 612 18.22 -27.72 -9.67
C TYR A 612 19.25 -27.26 -8.61
N TYR A 613 20.29 -28.06 -8.38
CA TYR A 613 21.33 -27.68 -7.44
C TYR A 613 22.12 -26.45 -7.93
N GLN A 614 22.34 -26.34 -9.22
CA GLN A 614 23.04 -25.19 -9.82
C GLN A 614 22.29 -23.90 -9.52
N GLY A 615 20.98 -23.94 -9.60
CA GLY A 615 20.18 -22.75 -9.34
C GLY A 615 20.39 -22.19 -7.94
N VAL A 616 20.38 -23.07 -6.96
CA VAL A 616 20.67 -22.68 -5.58
C VAL A 616 22.09 -22.13 -5.44
N GLU A 617 23.05 -22.78 -6.05
CA GLU A 617 24.41 -22.29 -5.99
C GLU A 617 24.53 -20.93 -6.62
N GLN A 618 23.75 -20.68 -7.69
CA GLN A 618 23.76 -19.37 -8.36
C GLN A 618 23.23 -18.28 -7.42
N VAL A 619 22.19 -18.59 -6.66
CA VAL A 619 21.70 -17.63 -5.68
C VAL A 619 22.74 -17.38 -4.60
N ARG A 620 23.40 -18.43 -4.10
CA ARG A 620 24.42 -18.24 -3.09
C ARG A 620 25.57 -17.39 -3.61
N ALA A 621 25.95 -17.58 -4.87
CA ALA A 621 26.93 -16.72 -5.50
C ALA A 621 26.47 -15.27 -5.63
N MET A 622 25.19 -15.05 -5.92
CA MET A 622 24.64 -13.70 -5.95
C MET A 622 24.78 -13.08 -4.59
N GLN A 623 24.48 -13.84 -3.52
CA GLN A 623 24.65 -13.33 -2.17
C GLN A 623 26.11 -12.84 -1.92
N ARG A 624 27.08 -13.67 -2.28
CA ARG A 624 28.46 -13.31 -2.10
C ARG A 624 28.83 -12.08 -2.90
N THR A 625 28.38 -11.99 -4.14
CA THR A 625 28.63 -10.83 -4.95
C THR A 625 28.08 -9.56 -4.34
N TRP A 626 26.84 -9.62 -3.86
CA TRP A 626 26.22 -8.44 -3.31
C TRP A 626 26.97 -7.97 -2.06
N ASP A 627 27.36 -8.90 -1.20
CA ASP A 627 28.10 -8.57 0.02
C ASP A 627 29.37 -7.79 -0.30
N GLN A 628 29.97 -8.07 -1.47
CA GLN A 628 31.20 -7.39 -1.87
C GLN A 628 30.99 -5.94 -2.31
N GLN A 629 29.73 -5.49 -2.37
CA GLN A 629 29.41 -4.17 -2.89
C GLN A 629 29.09 -3.15 -1.83
N GLU A 630 29.26 -3.49 -0.55
CA GLU A 630 28.84 -2.60 0.52
C GLU A 630 29.41 -1.19 0.45
N ALA A 631 30.62 -1.03 -0.07
CA ALA A 631 31.23 0.28 -0.14
C ALA A 631 30.60 1.19 -1.17
N TYR A 632 29.87 0.64 -2.13
CA TYR A 632 29.38 1.39 -3.29
C TYR A 632 27.92 1.77 -3.25
N VAL A 633 27.18 1.21 -2.32
CA VAL A 633 25.75 1.37 -2.15
C VAL A 633 25.42 1.98 -0.80
N ASP A 634 24.36 2.78 -0.80
CA ASP A 634 23.89 3.31 0.45
C ASP A 634 23.43 2.23 1.39
N ALA A 635 23.48 2.54 2.66
CA ALA A 635 23.32 1.51 3.65
C ALA A 635 21.93 0.87 3.60
N ALA A 636 20.93 1.67 3.24
CA ALA A 636 19.56 1.20 3.36
C ALA A 636 19.23 0.23 2.24
N ARG A 637 19.51 0.59 0.98
CA ARG A 637 19.26 -0.37 -0.10
C ARG A 637 20.19 -1.56 -0.03
N PHE A 638 21.42 -1.34 0.47
CA PHE A 638 22.37 -2.44 0.64
C PHE A 638 21.77 -3.52 1.58
N ALA A 639 21.27 -3.08 2.73
CA ALA A 639 20.70 -3.98 3.72
C ALA A 639 19.44 -4.66 3.20
N GLN A 640 18.62 -3.91 2.47
CA GLN A 640 17.37 -4.45 1.99
C GLN A 640 17.65 -5.58 1.00
N VAL A 641 18.52 -5.35 0.03
CA VAL A 641 18.81 -6.34 -1.00
C VAL A 641 19.51 -7.53 -0.35
N LYS A 642 20.41 -7.25 0.59
CA LYS A 642 21.06 -8.35 1.31
C LYS A 642 20.03 -9.29 2.00
N ALA A 643 19.07 -8.69 2.67
CA ALA A 643 18.04 -9.44 3.35
C ALA A 643 17.17 -10.22 2.39
N LEU A 644 16.75 -9.57 1.30
CA LEU A 644 15.91 -10.24 0.30
C LEU A 644 16.62 -11.45 -0.34
N LEU A 645 17.92 -11.32 -0.55
CA LEU A 645 18.71 -12.43 -1.11
C LEU A 645 18.76 -13.60 -0.14
N GLN A 646 18.74 -13.30 1.16
CA GLN A 646 18.63 -14.40 2.15
C GLN A 646 17.30 -15.13 2.02
N VAL A 647 16.21 -14.38 1.87
CA VAL A 647 14.88 -14.99 1.69
C VAL A 647 14.87 -15.81 0.43
N GLN A 648 15.44 -15.26 -0.63
CA GLN A 648 15.50 -15.94 -1.91
C GLN A 648 16.27 -17.26 -1.79
N GLU A 649 17.39 -17.25 -1.09
CA GLU A 649 18.19 -18.50 -0.96
C GLU A 649 17.40 -19.55 -0.22
N ARG A 650 16.65 -19.15 0.80
CA ARG A 650 15.86 -20.08 1.60
C ARG A 650 14.75 -20.69 0.74
N GLU A 651 14.13 -19.83 -0.05
CA GLU A 651 13.08 -20.28 -0.96
C GLU A 651 13.61 -21.11 -2.12
N ALA A 652 14.80 -20.76 -2.60
CA ALA A 652 15.41 -21.55 -3.69
C ALA A 652 15.76 -22.98 -3.21
N VAL A 653 16.21 -23.08 -1.97
CA VAL A 653 16.48 -24.38 -1.37
C VAL A 653 15.16 -25.15 -1.26
N ARG A 654 14.10 -24.49 -0.82
CA ARG A 654 12.80 -25.15 -0.75
C ARG A 654 12.35 -25.67 -2.11
N TRP A 655 12.47 -24.84 -3.14
CA TRP A 655 12.16 -25.22 -4.52
C TRP A 655 13.00 -26.45 -4.96
N ARG A 656 14.30 -26.37 -4.83
CA ARG A 656 15.22 -27.45 -5.20
C ARG A 656 14.87 -28.75 -4.48
N ASN A 657 14.73 -28.69 -3.17
CA ASN A 657 14.45 -29.88 -2.39
C ASN A 657 13.10 -30.48 -2.78
N SER A 658 12.09 -29.63 -2.87
CA SER A 658 10.75 -30.07 -3.22
C SER A 658 10.72 -30.77 -4.57
N CYS A 659 11.39 -30.20 -5.57
CA CYS A 659 11.30 -30.74 -6.92
C CYS A 659 12.19 -31.96 -7.09
N VAL A 660 13.41 -31.90 -6.56
CA VAL A 660 14.32 -33.06 -6.65
C VAL A 660 13.71 -34.24 -5.92
N LEU A 661 13.20 -34.04 -4.71
CA LEU A 661 12.59 -35.15 -3.95
C LEU A 661 11.36 -35.67 -4.64
N TYR A 662 10.57 -34.78 -5.27
CA TYR A 662 9.41 -35.22 -5.97
C TYR A 662 9.83 -36.08 -7.16
N PHE A 663 10.70 -35.55 -8.01
CA PHE A 663 11.08 -36.31 -9.18
C PHE A 663 11.78 -37.62 -8.82
N GLN A 664 12.53 -37.59 -7.71
CA GLN A 664 13.14 -38.82 -7.22
C GLN A 664 12.06 -39.84 -6.89
N SER A 665 10.97 -39.41 -6.25
CA SER A 665 9.95 -40.35 -5.82
C SER A 665 9.32 -41.06 -7.00
N VAL A 666 9.28 -40.41 -8.14
CA VAL A 666 8.75 -40.98 -9.34
C VAL A 666 9.79 -41.80 -10.09
N ALA A 667 11.03 -41.30 -10.23
CA ALA A 667 12.08 -41.99 -11.01
C ALA A 667 12.68 -43.16 -10.22
N GLY A 668 12.70 -43.04 -8.91
CA GLY A 668 13.37 -43.99 -8.02
C GLY A 668 14.86 -44.11 -8.25
N ARG A 669 15.52 -42.98 -8.42
CA ARG A 669 16.95 -42.92 -8.59
C ARG A 669 17.57 -42.08 -7.49
N PRO A 670 18.80 -42.36 -7.15
CA PRO A 670 19.45 -41.63 -6.05
C PRO A 670 19.94 -40.27 -6.50
N ILE A 671 19.93 -39.33 -5.57
CA ILE A 671 20.65 -38.09 -5.75
C ILE A 671 22.14 -38.43 -5.62
N PRO A 672 22.95 -38.10 -6.62
CA PRO A 672 24.40 -38.39 -6.49
C PRO A 672 25.01 -37.80 -5.20
N ALA A 673 25.94 -38.54 -4.61
CA ALA A 673 26.47 -38.23 -3.28
C ALA A 673 27.25 -36.89 -3.17
N ASN A 674 27.70 -36.34 -4.29
CA ASN A 674 28.34 -35.01 -4.31
C ASN A 674 27.34 -33.83 -4.22
N TYR A 675 26.06 -34.13 -4.06
CA TYR A 675 25.05 -33.09 -3.83
C TYR A 675 24.58 -33.20 -2.39
N GLU A 676 24.40 -32.06 -1.74
CA GLU A 676 23.90 -32.06 -0.37
C GLU A 676 22.46 -32.62 -0.32
N GLN A 677 22.26 -33.65 0.49
CA GLN A 677 20.97 -34.31 0.60
C GLN A 677 20.04 -33.31 1.29
N PRO A 678 18.82 -33.18 0.79
CA PRO A 678 17.81 -32.35 1.43
C PRO A 678 17.62 -32.59 2.93
N GLU A 679 17.44 -31.47 3.61
CA GLU A 679 17.25 -31.43 5.07
C GLU A 679 16.16 -32.40 5.56
N HIS A 680 15.05 -32.49 4.82
CA HIS A 680 13.89 -33.33 5.15
C HIS A 680 13.35 -34.15 3.95
N ASP A 681 12.27 -34.91 4.16
CA ASP A 681 11.65 -35.78 3.14
C ASP A 681 10.52 -35.14 2.29
N LEU A 682 10.05 -35.85 1.27
CA LEU A 682 9.05 -35.30 0.35
C LEU A 682 7.78 -34.89 1.06
N GLU A 683 7.28 -35.70 1.99
CA GLU A 683 6.11 -35.28 2.74
C GLU A 683 6.28 -33.95 3.48
N TYR A 684 7.44 -33.70 4.04
CA TYR A 684 7.72 -32.48 4.75
C TYR A 684 7.58 -31.32 3.76
N TYR A 685 8.06 -31.48 2.54
CA TYR A 685 7.94 -30.39 1.57
C TYR A 685 6.51 -30.16 1.09
N LYS A 686 5.72 -31.23 0.99
CA LYS A 686 4.32 -31.08 0.74
C LYS A 686 3.66 -30.25 1.90
N MET A 687 4.04 -30.54 3.14
CA MET A 687 3.63 -29.71 4.28
C MET A 687 4.11 -28.26 4.14
N LEU A 688 5.35 -28.03 3.76
CA LEU A 688 5.79 -26.65 3.63
C LEU A 688 5.02 -25.97 2.54
N ALA A 689 4.62 -26.71 1.49
CA ALA A 689 3.84 -26.06 0.44
C ALA A 689 2.49 -25.61 0.95
N ARG A 690 1.92 -26.36 1.90
CA ARG A 690 0.62 -25.98 2.50
C ARG A 690 0.69 -24.84 3.47
N THR A 691 1.85 -24.64 4.07
CA THR A 691 1.95 -23.77 5.25
C THR A 691 2.88 -22.56 5.11
N THR A 692 3.69 -22.50 4.06
CA THR A 692 4.60 -21.38 3.88
C THR A 692 3.83 -20.16 3.41
N TYR A 693 4.01 -19.05 4.14
CA TYR A 693 3.31 -17.80 3.80
C TYR A 693 3.49 -17.39 2.34
N VAL A 694 2.37 -17.05 1.69
CA VAL A 694 2.35 -16.60 0.32
C VAL A 694 2.30 -15.07 0.41
N PRO A 695 3.38 -14.40 0.05
CA PRO A 695 3.44 -12.94 0.27
C PRO A 695 2.86 -12.10 -0.86
N GLU A 696 1.54 -12.16 -0.95
CA GLU A 696 0.76 -11.31 -1.88
C GLU A 696 -0.60 -10.98 -1.28
N PRO A 697 -1.01 -9.70 -1.27
CA PRO A 697 -2.37 -9.38 -0.79
C PRO A 697 -3.49 -10.00 -1.62
N TRP A 698 -3.37 -9.96 -2.93
CA TRP A 698 -4.46 -10.45 -3.77
C TRP A 698 -4.83 -11.94 -3.69
N HIS A 699 -3.85 -12.81 -3.73
CA HIS A 699 -4.27 -14.22 -3.95
C HIS A 699 -4.79 -14.76 -2.64
N PRO A 700 -5.92 -15.48 -2.64
CA PRO A 700 -6.47 -16.05 -1.40
C PRO A 700 -5.53 -16.91 -0.56
N ALA A 701 -4.50 -17.47 -1.19
CA ALA A 701 -3.58 -18.30 -0.43
C ALA A 701 -2.87 -17.53 0.71
N SER A 702 -2.64 -16.23 0.55
CA SER A 702 -2.05 -15.42 1.66
C SER A 702 -2.93 -15.35 2.92
N SER A 703 -4.23 -15.68 2.76
CA SER A 703 -5.12 -15.78 3.90
C SER A 703 -5.34 -17.22 4.42
N SER A 704 -4.71 -18.19 3.80
CA SER A 704 -4.89 -19.58 4.19
C SER A 704 -4.42 -19.80 5.64
N ARG A 705 -5.27 -20.42 6.45
CA ARG A 705 -4.92 -20.77 7.84
C ARG A 705 -4.46 -22.20 8.02
N VAL A 706 -4.18 -22.88 6.91
CA VAL A 706 -3.67 -24.24 6.96
C VAL A 706 -2.33 -24.28 7.73
N LEU A 707 -2.24 -25.21 8.68
CA LEU A 707 -1.10 -25.31 9.57
C LEU A 707 -0.47 -26.69 9.59
N LYS A 708 -0.97 -27.61 8.76
CA LYS A 708 -0.44 -28.98 8.72
C LYS A 708 -0.24 -29.49 7.31
N GLU B 1 6.68 18.47 1.74
CA GLU B 1 6.38 17.49 2.77
C GLU B 1 5.39 16.43 2.26
N ASP B 2 5.63 15.17 2.69
CA ASP B 2 4.76 14.08 2.29
C ASP B 2 4.22 13.30 3.49
N GLY B 3 4.32 13.94 4.67
CA GLY B 3 3.69 13.37 5.86
C GLY B 3 4.56 12.29 6.51
N TYR B 4 5.65 11.78 5.94
CA TYR B 4 6.28 10.60 6.48
C TYR B 4 6.77 10.85 7.89
N ASP B 5 7.23 12.06 8.18
CA ASP B 5 7.75 12.36 9.50
C ASP B 5 6.64 12.61 10.52
N MET B 6 5.40 12.74 10.04
CA MET B 6 4.27 13.01 10.93
C MET B 6 4.57 14.26 11.75
N TRP B 7 4.52 14.19 13.09
CA TRP B 7 4.72 15.38 13.93
C TRP B 7 6.14 15.54 14.43
N LEU B 8 7.04 14.69 13.96
CA LEU B 8 8.47 14.73 14.35
C LEU B 8 9.25 15.36 13.22
N ARG B 9 8.89 16.62 12.95
CA ARG B 9 9.48 17.41 11.88
C ARG B 9 10.54 18.32 12.49
N TYR B 10 11.78 17.97 12.28
CA TYR B 10 12.86 18.67 12.97
C TYR B 10 13.54 19.67 12.03
N GLN B 11 12.75 20.65 11.71
CA GLN B 11 13.12 21.74 10.84
C GLN B 11 13.51 22.94 11.68
N PRO B 12 14.40 23.79 11.17
CA PRO B 12 14.85 24.92 11.96
C PRO B 12 13.75 25.81 12.44
N ILE B 13 13.81 26.17 13.71
CA ILE B 13 12.83 27.07 14.31
C ILE B 13 12.75 28.35 13.48
N ALA B 14 11.54 28.70 13.07
CA ALA B 14 11.31 29.77 12.11
C ALA B 14 11.43 31.18 12.75
N ASP B 15 11.14 31.29 14.03
CA ASP B 15 11.22 32.57 14.73
C ASP B 15 12.70 32.78 15.06
N GLN B 16 13.38 33.72 14.39
CA GLN B 16 14.83 33.84 14.51
C GLN B 16 15.28 34.25 15.90
N THR B 17 14.50 35.07 16.59
CA THR B 17 14.81 35.48 17.95
C THR B 17 14.74 34.29 18.88
N LEU B 18 13.68 33.51 18.74
CA LEU B 18 13.56 32.31 19.56
C LEU B 18 14.64 31.27 19.26
N LEU B 19 14.95 31.06 17.99
CA LEU B 19 16.00 30.16 17.56
C LEU B 19 17.33 30.52 18.25
N LYS B 20 17.67 31.79 18.24
CA LYS B 20 18.92 32.22 18.89
C LYS B 20 18.92 31.91 20.34
N THR B 21 17.80 32.12 21.02
CA THR B 21 17.72 31.78 22.41
C THR B 21 17.91 30.28 22.67
N TYR B 22 17.25 29.41 21.87
CA TYR B 22 17.49 27.98 22.04
C TYR B 22 18.95 27.61 21.78
N GLN B 23 19.55 28.24 20.77
CA GLN B 23 20.92 27.95 20.38
C GLN B 23 21.89 28.31 21.51
N LYS B 24 21.58 29.35 22.27
CA LYS B 24 22.37 29.73 23.44
C LYS B 24 22.18 28.79 24.61
N GLN B 25 20.97 28.26 24.78
CA GLN B 25 20.67 27.41 25.91
C GLN B 25 21.19 25.99 25.73
N ILE B 26 21.13 25.46 24.50
CA ILE B 26 21.55 24.09 24.29
C ILE B 26 22.65 24.03 23.27
N ARG B 27 23.89 24.05 23.76
CA ARG B 27 25.06 24.02 22.91
C ARG B 27 25.68 22.66 22.83
N HIS B 28 25.31 21.77 23.76
CA HIS B 28 25.90 20.44 23.85
C HIS B 28 24.87 19.46 24.40
N LEU B 29 25.08 18.19 24.09
CA LEU B 29 24.24 17.07 24.50
C LEU B 29 25.10 16.03 25.22
N HIS B 30 24.82 15.92 26.52
CA HIS B 30 25.59 15.04 27.40
C HIS B 30 24.77 13.78 27.75
N VAL B 31 25.27 12.63 27.34
CA VAL B 31 24.61 11.34 27.61
C VAL B 31 25.64 10.32 28.10
N ALA B 32 25.60 10.02 29.39
CA ALA B 32 26.51 9.04 30.01
C ALA B 32 26.13 7.59 29.74
N GLY B 33 24.83 7.34 29.64
CA GLY B 33 24.37 5.97 29.54
C GLY B 33 24.54 5.42 28.14
N ASP B 34 24.40 4.11 28.01
CA ASP B 34 24.59 3.44 26.73
C ASP B 34 23.73 2.19 26.54
N SER B 35 22.62 2.11 27.25
CA SER B 35 21.68 1.03 27.02
C SER B 35 20.97 1.30 25.68
N PRO B 36 20.34 0.28 25.10
CA PRO B 36 19.58 0.51 23.86
C PRO B 36 18.56 1.68 23.96
N THR B 37 17.86 1.79 25.07
CA THR B 37 16.87 2.82 25.25
C THR B 37 17.52 4.18 25.38
N ILE B 38 18.61 4.29 26.14
CA ILE B 38 19.26 5.58 26.25
C ILE B 38 19.86 5.96 24.90
N ASN B 39 20.42 4.99 24.21
CA ASN B 39 20.95 5.21 22.85
C ASN B 39 19.86 5.77 21.90
N ALA B 40 18.64 5.25 22.04
CA ALA B 40 17.52 5.69 21.19
C ALA B 40 17.14 7.16 21.52
N ALA B 41 17.17 7.48 22.81
CA ALA B 41 16.91 8.81 23.27
C ALA B 41 17.99 9.78 22.76
N ALA B 42 19.26 9.34 22.87
CA ALA B 42 20.36 10.14 22.41
C ALA B 42 20.27 10.40 20.92
N ALA B 43 19.94 9.37 20.16
CA ALA B 43 19.83 9.47 18.69
C ALA B 43 18.68 10.42 18.36
N GLU B 44 17.59 10.36 19.11
CA GLU B 44 16.43 11.23 18.82
C GLU B 44 16.81 12.70 19.11
N LEU B 45 17.47 12.94 20.23
CA LEU B 45 17.88 14.31 20.60
C LEU B 45 18.95 14.82 19.63
N GLN B 46 19.83 13.95 19.16
CA GLN B 46 20.87 14.38 18.25
C GLN B 46 20.21 14.84 16.94
N ARG B 47 19.31 14.03 16.38
CA ARG B 47 18.70 14.43 15.13
C ARG B 47 17.72 15.60 15.31
N GLY B 48 17.01 15.60 16.43
CA GLY B 48 16.00 16.60 16.70
C GLY B 48 16.56 17.97 17.01
N LEU B 49 17.50 18.02 17.94
CA LEU B 49 18.18 19.26 18.27
C LEU B 49 18.97 19.79 17.08
N SER B 50 19.64 18.91 16.33
CA SER B 50 20.39 19.38 15.18
C SER B 50 19.50 20.01 14.16
N GLY B 51 18.35 19.40 13.91
CA GLY B 51 17.43 19.93 12.95
C GLY B 51 16.76 21.22 13.40
N LEU B 52 16.22 21.22 14.62
CA LEU B 52 15.49 22.38 15.15
C LEU B 52 16.39 23.58 15.36
N LEU B 53 17.63 23.34 15.83
CA LEU B 53 18.57 24.44 16.15
C LEU B 53 19.49 24.79 14.99
N ASN B 54 19.39 24.03 13.90
CA ASN B 54 20.15 24.27 12.68
C ASN B 54 21.64 24.30 12.89
N LYS B 55 22.11 23.38 13.71
CA LYS B 55 23.54 23.21 13.94
C LYS B 55 23.83 21.82 14.49
N PRO B 56 25.04 21.33 14.30
CA PRO B 56 25.34 19.94 14.65
C PRO B 56 25.43 19.80 16.15
N ILE B 57 24.51 19.04 16.74
CA ILE B 57 24.54 18.74 18.17
C ILE B 57 24.72 17.22 18.26
N VAL B 58 25.86 16.75 18.77
CA VAL B 58 26.19 15.36 18.80
C VAL B 58 26.21 14.87 20.24
N ALA B 59 25.57 13.74 20.50
CA ALA B 59 25.55 13.17 21.82
C ALA B 59 26.95 12.70 22.20
N ARG B 60 27.41 13.13 23.37
CA ARG B 60 28.75 12.79 23.86
C ARG B 60 28.74 12.47 25.32
N ASP B 61 29.70 11.64 25.72
CA ASP B 61 29.93 11.32 27.11
C ASP B 61 31.32 11.87 27.38
N GLU B 62 31.35 13.05 27.95
CA GLU B 62 32.60 13.81 28.14
C GLU B 62 32.42 14.75 29.31
N LYS B 63 33.50 15.37 29.76
CA LYS B 63 33.37 16.33 30.84
C LYS B 63 32.33 17.40 30.51
N LEU B 64 31.46 17.66 31.46
CA LEU B 64 30.33 18.56 31.30
C LEU B 64 30.76 19.93 30.81
N LYS B 65 30.15 20.38 29.74
CA LYS B 65 30.33 21.74 29.25
C LYS B 65 29.16 22.65 29.64
N ASP B 66 29.45 23.94 29.79
CA ASP B 66 28.44 24.96 30.01
C ASP B 66 27.39 24.95 28.87
N TYR B 67 26.14 25.08 29.26
CA TYR B 67 25.00 25.08 28.35
C TYR B 67 24.81 23.75 27.65
N SER B 68 24.60 22.73 28.48
CA SER B 68 24.33 21.38 27.99
C SER B 68 22.92 20.93 28.34
N LEU B 69 22.38 20.08 27.47
CA LEU B 69 21.28 19.19 27.83
C LEU B 69 21.91 17.91 28.33
N VAL B 70 21.57 17.54 29.56
CA VAL B 70 22.11 16.39 30.24
C VAL B 70 20.95 15.41 30.51
N ILE B 71 21.08 14.18 30.02
CA ILE B 71 19.99 13.19 30.19
C ILE B 71 20.48 11.96 30.94
N GLY B 72 19.60 11.39 31.75
CA GLY B 72 19.88 10.10 32.36
C GLY B 72 19.09 9.83 33.61
N THR B 73 19.38 8.71 34.23
CA THR B 73 18.84 8.38 35.56
C THR B 73 19.99 8.49 36.55
N PRO B 74 19.68 8.53 37.83
CA PRO B 74 20.75 8.50 38.84
C PRO B 74 21.65 7.29 38.68
N ASP B 75 21.12 6.18 38.20
CA ASP B 75 21.90 4.97 38.00
C ASP B 75 22.87 4.99 36.85
N ASN B 76 22.58 5.75 35.80
CA ASN B 76 23.47 5.75 34.64
C ASN B 76 24.15 7.08 34.38
N SER B 77 23.86 8.12 35.14
CA SER B 77 24.48 9.43 34.94
C SER B 77 24.86 10.06 36.27
N PRO B 78 26.14 10.02 36.60
CA PRO B 78 26.62 10.65 37.84
C PRO B 78 26.23 12.14 37.97
N LEU B 79 26.18 12.86 36.84
CA LEU B 79 25.71 14.25 36.87
C LEU B 79 24.32 14.36 37.38
N ILE B 80 23.42 13.50 36.90
CA ILE B 80 22.05 13.53 37.40
C ILE B 80 22.01 13.13 38.88
N ALA B 81 22.74 12.08 39.21
CA ALA B 81 22.80 11.59 40.59
C ALA B 81 23.22 12.74 41.57
N SER B 82 24.11 13.60 41.10
CA SER B 82 24.71 14.66 41.97
C SER B 82 23.71 15.72 42.36
N LEU B 83 22.61 15.83 41.63
CA LEU B 83 21.60 16.81 41.96
C LEU B 83 20.75 16.41 43.17
N ASN B 84 20.86 15.16 43.56
CA ASN B 84 20.13 14.61 44.71
C ASN B 84 18.68 14.95 44.62
N LEU B 85 18.08 14.47 43.55
CA LEU B 85 16.71 14.86 43.30
C LEU B 85 15.76 14.23 44.34
N GLY B 86 16.08 13.07 44.87
CA GLY B 86 15.29 12.47 45.97
C GLY B 86 13.80 12.26 45.78
N GLU B 87 12.97 12.81 46.68
CA GLU B 87 11.49 12.77 46.61
C GLU B 87 10.94 13.22 45.28
N ARG B 88 11.66 14.17 44.68
CA ARG B 88 11.27 14.71 43.41
C ARG B 88 11.28 13.60 42.36
N LEU B 89 12.25 12.69 42.39
CA LEU B 89 12.20 11.56 41.45
C LEU B 89 11.22 10.49 41.85
N GLN B 90 10.99 10.31 43.14
CA GLN B 90 10.10 9.27 43.63
C GLN B 90 8.69 9.34 43.03
N ALA B 91 8.16 10.53 42.90
CA ALA B 91 6.82 10.77 42.34
C ALA B 91 6.72 10.35 40.88
N LEU B 92 7.84 10.18 40.22
CA LEU B 92 7.81 9.97 38.78
C LEU B 92 7.58 8.49 38.48
N GLY B 93 7.84 7.61 39.42
CA GLY B 93 7.65 6.19 39.17
C GLY B 93 8.47 5.62 38.02
N ALA B 94 7.91 4.61 37.37
CA ALA B 94 8.64 3.80 36.44
C ALA B 94 8.78 4.40 35.03
N GLU B 95 7.92 5.35 34.72
CA GLU B 95 7.87 5.93 33.36
C GLU B 95 7.91 7.44 33.29
N GLY B 96 7.87 8.12 34.43
CA GLY B 96 7.85 9.57 34.47
C GLY B 96 9.23 10.22 34.36
N TYR B 97 9.25 11.53 34.28
CA TYR B 97 10.49 12.29 34.07
C TYR B 97 10.34 13.70 34.63
N LEU B 98 11.50 14.34 34.82
CA LEU B 98 11.62 15.74 35.23
C LEU B 98 12.46 16.45 34.20
N LEU B 99 11.97 17.60 33.76
CA LEU B 99 12.71 18.50 32.88
C LEU B 99 12.96 19.76 33.66
N GLU B 100 14.22 20.16 33.72
CA GLU B 100 14.54 21.30 34.58
C GLU B 100 15.78 22.05 34.15
N GLN B 101 15.67 23.37 34.07
CA GLN B 101 16.84 24.24 33.91
C GLN B 101 17.46 24.43 35.27
N THR B 102 18.74 24.09 35.37
CA THR B 102 19.42 24.14 36.67
C THR B 102 20.90 24.32 36.48
N ARG B 103 21.69 23.96 37.49
CA ARG B 103 23.14 24.09 37.46
C ARG B 103 23.75 22.84 38.01
N ILE B 104 24.85 22.39 37.39
CA ILE B 104 25.69 21.32 37.88
C ILE B 104 27.12 21.87 37.87
N ASN B 105 27.76 21.90 39.04
CA ASN B 105 29.09 22.51 39.23
C ASN B 105 29.22 23.81 38.45
N LYS B 106 28.30 24.72 38.68
CA LYS B 106 28.28 26.05 38.06
C LYS B 106 28.06 26.07 36.54
N ARG B 107 28.04 24.90 35.92
CA ARG B 107 27.60 24.85 34.53
C ARG B 107 26.08 24.97 34.41
N HIS B 108 25.66 25.76 33.42
CA HIS B 108 24.25 25.92 33.07
C HIS B 108 23.80 24.66 32.33
N VAL B 109 22.71 24.04 32.80
CA VAL B 109 22.21 22.80 32.17
C VAL B 109 20.71 22.81 32.13
N VAL B 110 20.17 22.00 31.19
CA VAL B 110 18.80 21.56 31.27
C VAL B 110 18.90 20.05 31.39
N ILE B 111 18.20 19.49 32.37
CA ILE B 111 18.23 18.06 32.62
C ILE B 111 16.94 17.42 32.09
N VAL B 112 17.12 16.20 31.62
CA VAL B 112 16.02 15.24 31.41
C VAL B 112 16.35 14.10 32.33
N ALA B 113 15.65 14.00 33.46
CA ALA B 113 15.98 13.02 34.50
C ALA B 113 14.82 12.08 34.75
N ALA B 114 15.10 10.83 35.07
CA ALA B 114 14.05 9.85 35.37
C ALA B 114 14.58 8.75 36.22
N ASN B 115 13.72 7.87 36.72
CA ASN B 115 14.17 6.64 37.39
C ASN B 115 14.58 5.55 36.42
N SER B 116 13.92 5.52 35.25
CA SER B 116 14.15 4.48 34.27
C SER B 116 14.64 5.02 32.95
N ASP B 117 15.21 4.17 32.13
CA ASP B 117 15.67 4.62 30.80
C ASP B 117 14.48 5.01 29.92
N VAL B 118 13.37 4.30 30.02
CA VAL B 118 12.23 4.68 29.20
C VAL B 118 11.65 6.05 29.63
N GLY B 119 11.71 6.37 30.92
CA GLY B 119 11.36 7.69 31.36
C GLY B 119 12.25 8.76 30.76
N VAL B 120 13.54 8.49 30.62
CA VAL B 120 14.44 9.40 29.95
C VAL B 120 14.01 9.57 28.48
N LEU B 121 13.62 8.47 27.83
CA LEU B 121 13.16 8.53 26.43
C LEU B 121 11.94 9.43 26.32
N TYR B 122 10.93 9.18 27.16
CA TYR B 122 9.72 9.98 27.11
C TYR B 122 9.99 11.46 27.39
N GLY B 123 10.84 11.71 28.37
CA GLY B 123 11.19 13.08 28.72
C GLY B 123 11.95 13.77 27.59
N SER B 124 12.78 13.01 26.88
CA SER B 124 13.52 13.54 25.71
C SER B 124 12.56 13.98 24.61
N PHE B 125 11.54 13.16 24.36
CA PHE B 125 10.52 13.58 23.40
C PHE B 125 9.74 14.79 23.89
N HIS B 126 9.44 14.89 25.18
CA HIS B 126 8.78 16.12 25.67
C HIS B 126 9.70 17.33 25.51
N LEU B 127 11.01 17.18 25.80
CA LEU B 127 11.94 18.31 25.64
C LEU B 127 11.91 18.78 24.19
N LEU B 128 11.97 17.82 23.26
CA LEU B 128 11.89 18.20 21.84
C LEU B 128 10.57 18.89 21.50
N ARG B 129 9.49 18.36 22.03
CA ARG B 129 8.16 18.94 21.84
C ARG B 129 8.08 20.39 22.34
N LEU B 130 8.75 20.73 23.43
CA LEU B 130 8.75 22.09 23.94
C LEU B 130 9.37 23.00 22.91
N ILE B 131 10.46 22.55 22.30
CA ILE B 131 11.13 23.35 21.26
C ILE B 131 10.30 23.43 19.97
N GLN B 132 9.78 22.28 19.55
CA GLN B 132 8.92 22.19 18.37
C GLN B 132 7.74 23.16 18.40
N THR B 133 7.19 23.35 19.59
CA THR B 133 6.00 24.15 19.84
C THR B 133 6.37 25.56 20.37
N GLN B 134 7.65 25.89 20.25
CA GLN B 134 8.16 27.20 20.59
C GLN B 134 7.85 27.69 22.01
N HIS B 135 8.01 26.78 22.96
CA HIS B 135 7.91 27.10 24.37
C HIS B 135 9.27 27.48 24.93
N ALA B 136 9.27 28.38 25.89
CA ALA B 136 10.52 28.84 26.48
C ALA B 136 11.12 27.82 27.42
N LEU B 137 12.45 27.70 27.39
CA LEU B 137 13.18 26.83 28.30
C LEU B 137 13.64 27.56 29.57
N GLU B 138 13.63 28.89 29.57
CA GLU B 138 14.14 29.62 30.72
C GLU B 138 13.24 29.31 31.91
N LYS B 139 13.84 28.94 33.03
CA LYS B 139 13.15 28.64 34.28
C LYS B 139 12.29 27.36 34.15
N LEU B 140 12.56 26.55 33.13
CA LEU B 140 11.80 25.31 32.97
C LEU B 140 11.91 24.46 34.20
N SER B 141 10.77 24.01 34.70
CA SER B 141 10.76 23.04 35.77
C SER B 141 9.45 22.31 35.74
N LEU B 142 9.45 21.10 35.18
CA LEU B 142 8.21 20.37 35.10
C LEU B 142 8.43 18.90 35.23
N SER B 143 7.45 18.21 35.77
CA SER B 143 7.56 16.79 35.81
C SER B 143 6.26 16.23 35.30
N SER B 144 6.32 15.01 34.82
CA SER B 144 5.14 14.32 34.34
C SER B 144 5.30 12.83 34.44
N ALA B 145 4.22 12.14 34.70
CA ALA B 145 4.17 10.70 34.73
C ALA B 145 2.85 10.29 34.09
N PRO B 146 2.80 9.14 33.41
CA PRO B 146 1.56 8.72 32.75
C PRO B 146 0.51 8.31 33.79
N ARG B 147 -0.74 8.62 33.46
CA ARG B 147 -1.87 8.31 34.32
C ARG B 147 -2.53 6.96 34.11
N LEU B 148 -2.15 6.28 33.03
CA LEU B 148 -2.59 4.94 32.72
C LEU B 148 -1.41 4.05 32.41
N GLN B 149 -1.51 2.77 32.79
CA GLN B 149 -0.38 1.85 32.71
C GLN B 149 -0.14 1.30 31.29
N HIS B 150 -1.20 0.87 30.61
CA HIS B 150 -1.08 0.22 29.33
C HIS B 150 -1.65 1.21 28.32
N ARG B 151 -0.74 1.79 27.54
CA ARG B 151 -1.10 2.84 26.59
C ARG B 151 -0.81 2.29 25.23
N VAL B 152 -1.82 1.69 24.58
CA VAL B 152 -1.60 0.76 23.48
C VAL B 152 -2.30 1.22 22.22
N VAL B 153 -1.70 0.86 21.10
CA VAL B 153 -2.39 0.95 19.82
C VAL B 153 -2.81 -0.43 19.34
N ASN B 154 -3.87 -0.45 18.54
CA ASN B 154 -4.40 -1.70 17.93
C ASN B 154 -4.42 -1.53 16.41
N HIS B 155 -4.03 -2.62 15.72
CA HIS B 155 -3.99 -2.70 14.29
C HIS B 155 -4.85 -3.88 13.85
N TRP B 156 -5.92 -3.62 13.11
CA TRP B 156 -6.79 -4.66 12.61
C TRP B 156 -6.25 -5.25 11.30
N ASP B 157 -5.03 -5.77 11.35
CA ASP B 157 -4.28 -6.14 10.16
C ASP B 157 -4.37 -7.63 9.93
N ASN B 158 -4.80 -8.00 8.72
CA ASN B 158 -4.75 -9.41 8.30
C ASN B 158 -3.34 -9.77 7.82
N LEU B 159 -3.01 -11.06 7.89
CA LEU B 159 -1.66 -11.51 7.54
C LEU B 159 -1.38 -11.39 6.03
N ASN B 160 -2.43 -11.35 5.21
CA ASN B 160 -2.29 -11.02 3.80
C ASN B 160 -1.93 -9.55 3.56
N ARG B 161 -1.88 -8.79 4.65
CA ARG B 161 -1.55 -7.37 4.70
C ARG B 161 -2.65 -6.40 4.31
N VAL B 162 -3.85 -6.90 4.10
CA VAL B 162 -5.04 -6.03 3.98
C VAL B 162 -5.51 -5.71 5.40
N VAL B 163 -5.82 -4.46 5.62
CA VAL B 163 -6.23 -3.92 6.93
C VAL B 163 -7.74 -3.73 6.97
N GLU B 164 -8.36 -4.37 7.94
CA GLU B 164 -9.82 -4.27 8.11
C GLU B 164 -10.18 -2.92 8.74
N ARG B 165 -11.02 -2.14 8.06
CA ARG B 165 -11.27 -0.75 8.43
C ARG B 165 -9.98 0.00 8.34
N GLY B 166 -9.33 -0.17 7.19
CA GLY B 166 -7.97 0.30 6.89
C GLY B 166 -8.01 1.19 5.69
N TYR B 167 -7.75 2.47 5.89
CA TYR B 167 -7.92 3.48 4.85
C TYR B 167 -6.60 4.17 4.52
N ALA B 168 -5.49 3.56 4.94
CA ALA B 168 -4.19 4.18 4.85
C ALA B 168 -3.14 3.28 4.25
N GLY B 169 -3.56 2.26 3.49
CA GLY B 169 -2.62 1.40 2.81
C GLY B 169 -2.61 -0.03 3.38
N LEU B 170 -1.65 -0.82 2.90
CA LEU B 170 -1.44 -2.18 3.36
C LEU B 170 -0.83 -2.13 4.75
N SER B 171 -0.93 -3.24 5.47
CA SER B 171 -0.28 -3.45 6.75
C SER B 171 1.20 -3.14 6.64
N LEU B 172 1.72 -2.45 7.65
CA LEU B 172 3.13 -2.11 7.72
C LEU B 172 4.05 -3.33 7.75
N TRP B 173 3.54 -4.45 8.23
CA TRP B 173 4.37 -5.60 8.56
C TRP B 173 4.60 -6.43 7.29
N ASP B 174 5.83 -6.47 6.81
CA ASP B 174 6.15 -7.14 5.53
C ASP B 174 6.56 -8.58 5.81
N TRP B 175 5.56 -9.41 6.02
CA TRP B 175 5.81 -10.77 6.44
C TRP B 175 6.72 -11.52 5.50
N GLY B 176 6.54 -11.27 4.19
CA GLY B 176 7.38 -11.97 3.24
C GLY B 176 8.87 -11.80 3.42
N SER B 177 9.30 -10.65 3.96
CA SER B 177 10.74 -10.39 4.16
C SER B 177 11.19 -10.44 5.60
N LEU B 178 10.27 -10.69 6.54
CA LEU B 178 10.62 -10.88 7.96
C LEU B 178 11.00 -12.34 8.17
N PRO B 179 11.87 -12.67 9.14
CA PRO B 179 12.56 -11.73 10.03
C PRO B 179 13.81 -11.10 9.46
N ASN B 180 14.17 -11.49 8.24
CA ASN B 180 15.45 -11.11 7.65
C ASN B 180 15.65 -9.61 7.47
N TYR B 181 14.62 -8.91 7.02
CA TYR B 181 14.73 -7.48 6.68
C TYR B 181 14.15 -6.62 7.80
N LEU B 182 15.02 -5.96 8.51
CA LEU B 182 14.62 -5.00 9.54
C LEU B 182 14.47 -3.62 8.90
N ALA B 183 13.30 -3.37 8.34
CA ALA B 183 13.02 -2.14 7.63
C ALA B 183 13.13 -0.93 8.53
N PRO B 184 13.78 0.13 8.06
CA PRO B 184 13.79 1.38 8.81
C PRO B 184 12.40 1.82 9.29
N ARG B 185 11.37 1.58 8.48
CA ARG B 185 10.03 2.03 8.87
C ARG B 185 9.54 1.43 10.18
N TYR B 186 10.01 0.23 10.53
CA TYR B 186 9.61 -0.39 11.80
C TYR B 186 10.15 0.48 12.96
N THR B 187 11.36 1.00 12.81
CA THR B 187 11.92 1.90 13.79
C THR B 187 11.21 3.26 13.82
N ASP B 188 10.85 3.76 12.65
CA ASP B 188 10.09 4.98 12.60
C ASP B 188 8.73 4.87 13.25
N TYR B 189 8.13 3.70 13.10
CA TYR B 189 6.84 3.40 13.74
C TYR B 189 7.01 3.45 15.25
N ALA B 190 8.08 2.86 15.73
CA ALA B 190 8.37 2.89 17.16
C ALA B 190 8.62 4.31 17.67
N ARG B 191 9.36 5.11 16.91
CA ARG B 191 9.61 6.49 17.25
C ARG B 191 8.31 7.28 17.36
N ILE B 192 7.42 7.14 16.37
CA ILE B 192 6.11 7.85 16.36
C ILE B 192 5.34 7.55 17.64
N ASN B 193 5.21 6.27 17.97
CA ASN B 193 4.46 5.90 19.16
C ASN B 193 5.13 6.29 20.46
N ALA B 194 6.44 6.06 20.54
CA ALA B 194 7.19 6.43 21.75
C ALA B 194 7.13 7.92 21.99
N SER B 195 7.04 8.71 20.92
CA SER B 195 6.97 10.17 21.09
C SER B 195 5.73 10.62 21.88
N LEU B 196 4.72 9.75 21.95
CA LEU B 196 3.50 10.02 22.70
C LEU B 196 3.45 9.25 24.01
N GLY B 197 4.46 8.45 24.26
CA GLY B 197 4.50 7.57 25.44
C GLY B 197 3.68 6.29 25.28
N ILE B 198 3.30 5.96 24.06
CA ILE B 198 2.60 4.69 23.79
C ILE B 198 3.59 3.55 24.05
N ASN B 199 3.19 2.57 24.86
CA ASN B 199 4.08 1.51 25.34
C ASN B 199 3.65 0.10 24.97
N GLY B 200 2.74 -0.01 24.05
CA GLY B 200 2.32 -1.31 23.58
C GLY B 200 1.63 -1.27 22.27
N THR B 201 1.74 -2.36 21.51
CA THR B 201 1.08 -2.47 20.23
C THR B 201 0.52 -3.86 20.06
N VAL B 202 -0.72 -3.93 19.58
CA VAL B 202 -1.34 -5.19 19.11
C VAL B 202 -1.33 -5.12 17.58
N ILE B 203 -0.49 -5.92 16.95
CA ILE B 203 -0.18 -5.71 15.52
C ILE B 203 -1.11 -6.40 14.56
N ASN B 204 -1.94 -7.31 15.06
CA ASN B 204 -2.76 -8.18 14.20
C ASN B 204 -4.24 -8.15 14.54
N ASN B 205 -5.07 -8.44 13.53
CA ASN B 205 -6.51 -8.28 13.60
C ASN B 205 -7.12 -9.06 14.73
N VAL B 206 -8.06 -8.42 15.39
CA VAL B 206 -8.92 -9.05 16.36
C VAL B 206 -9.76 -10.20 15.80
N ASN B 207 -10.09 -10.10 14.50
CA ASN B 207 -10.65 -11.22 13.77
C ASN B 207 -9.43 -12.11 13.46
N ALA B 208 -9.08 -12.96 14.43
CA ALA B 208 -7.72 -13.37 14.60
C ALA B 208 -7.34 -14.60 13.81
N ASP B 209 -6.13 -14.54 13.27
CA ASP B 209 -5.55 -15.60 12.44
C ASP B 209 -4.65 -16.46 13.35
N PRO B 210 -4.91 -17.77 13.52
CA PRO B 210 -4.09 -18.61 14.39
C PRO B 210 -2.63 -18.72 13.97
N ARG B 211 -2.32 -18.41 12.71
CA ARG B 211 -0.96 -18.50 12.24
C ARG B 211 0.06 -17.67 13.01
N VAL B 212 -0.41 -16.61 13.65
CA VAL B 212 0.51 -15.77 14.43
C VAL B 212 1.18 -16.49 15.58
N LEU B 213 0.61 -17.60 16.04
CA LEU B 213 1.20 -18.39 17.12
C LEU B 213 2.09 -19.54 16.64
N SER B 214 2.29 -19.64 15.32
CA SER B 214 3.17 -20.68 14.76
C SER B 214 4.60 -20.21 14.84
N ASP B 215 5.56 -21.12 14.88
CA ASP B 215 6.97 -20.75 14.84
C ASP B 215 7.32 -19.86 13.65
N GLN B 216 6.78 -20.16 12.50
CA GLN B 216 7.02 -19.41 11.26
C GLN B 216 6.77 -17.91 11.52
N PHE B 217 5.66 -17.62 12.15
CA PHE B 217 5.30 -16.21 12.38
C PHE B 217 5.89 -15.66 13.66
N LEU B 218 6.08 -16.46 14.68
CA LEU B 218 6.70 -15.93 15.91
C LEU B 218 8.09 -15.43 15.63
N GLN B 219 8.81 -16.11 14.73
CA GLN B 219 10.14 -15.63 14.34
C GLN B 219 10.03 -14.24 13.69
N LYS B 220 9.02 -14.02 12.86
CA LYS B 220 8.86 -12.72 12.23
C LYS B 220 8.48 -11.66 13.26
N ILE B 221 7.54 -12.02 14.12
CA ILE B 221 7.00 -11.12 15.12
C ILE B 221 8.11 -10.70 16.09
N ALA B 222 8.97 -11.65 16.44
CA ALA B 222 10.11 -11.36 17.30
C ALA B 222 11.04 -10.30 16.74
N ALA B 223 11.24 -10.28 15.43
CA ALA B 223 12.03 -9.27 14.76
C ALA B 223 11.38 -7.89 14.91
N LEU B 224 10.07 -7.80 14.81
CA LEU B 224 9.35 -6.55 15.10
C LEU B 224 9.49 -6.14 16.56
N ALA B 225 9.29 -7.10 17.45
CA ALA B 225 9.42 -6.83 18.89
C ALA B 225 10.82 -6.32 19.19
N ASP B 226 11.83 -6.88 18.55
CA ASP B 226 13.21 -6.39 18.75
C ASP B 226 13.40 -4.94 18.30
N ALA B 227 12.73 -4.54 17.20
CA ALA B 227 12.82 -3.17 16.72
C ALA B 227 12.09 -2.21 17.66
N PHE B 228 11.04 -2.70 18.28
CA PHE B 228 10.19 -1.87 19.15
C PHE B 228 10.75 -1.72 20.58
N ARG B 229 11.47 -2.74 21.06
CA ARG B 229 11.93 -2.81 22.43
C ARG B 229 12.72 -1.58 22.92
N PRO B 230 13.70 -1.10 22.16
CA PRO B 230 14.45 0.08 22.69
C PRO B 230 13.60 1.30 22.89
N TYR B 231 12.46 1.36 22.23
CA TYR B 231 11.57 2.50 22.36
C TYR B 231 10.46 2.26 23.40
N GLY B 232 10.58 1.19 24.19
CA GLY B 232 9.67 0.94 25.28
C GLY B 232 8.33 0.30 24.92
N ILE B 233 8.21 -0.17 23.70
CA ILE B 233 6.93 -0.69 23.23
C ILE B 233 6.90 -2.21 23.26
N LYS B 234 6.03 -2.76 24.09
CA LYS B 234 5.87 -4.19 24.20
C LYS B 234 4.98 -4.70 23.10
N MET B 235 5.23 -5.95 22.71
CA MET B 235 4.46 -6.64 21.68
C MET B 235 3.27 -7.39 22.29
N TYR B 236 2.11 -7.24 21.66
CA TYR B 236 0.92 -8.00 21.99
C TYR B 236 0.36 -8.61 20.72
N LEU B 237 -0.37 -9.70 20.89
CA LEU B 237 -1.06 -10.37 19.77
C LEU B 237 -2.55 -10.58 20.06
N SER B 238 -3.38 -10.37 19.04
CA SER B 238 -4.72 -10.87 19.06
C SER B 238 -4.68 -12.35 18.86
N ILE B 239 -5.49 -13.08 19.63
CA ILE B 239 -5.54 -14.52 19.53
C ILE B 239 -6.89 -15.05 19.08
N ASN B 240 -6.84 -16.21 18.44
CA ASN B 240 -8.02 -16.94 18.04
C ASN B 240 -8.25 -18.02 19.12
N PHE B 241 -9.40 -17.96 19.78
CA PHE B 241 -9.69 -18.82 20.91
C PHE B 241 -9.65 -20.29 20.52
N ASN B 242 -9.93 -20.59 19.25
CA ASN B 242 -9.91 -21.98 18.76
C ASN B 242 -8.53 -22.50 18.31
N SER B 243 -7.47 -21.77 18.59
CA SER B 243 -6.14 -22.19 18.16
C SER B 243 -5.73 -23.62 18.48
N PRO B 244 -6.04 -24.16 19.64
CA PRO B 244 -5.68 -25.58 19.90
C PRO B 244 -6.22 -26.53 18.83
N ARG B 245 -7.39 -26.23 18.32
CA ARG B 245 -8.01 -26.97 17.21
C ARG B 245 -7.40 -26.64 15.87
N ALA B 246 -7.23 -25.35 15.58
CA ALA B 246 -6.62 -24.93 14.31
C ALA B 246 -5.26 -25.59 14.10
N PHE B 247 -4.48 -25.76 15.16
CA PHE B 247 -3.15 -26.39 15.09
C PHE B 247 -3.23 -27.93 15.08
N GLY B 248 -4.44 -28.45 15.19
CA GLY B 248 -4.66 -29.90 15.14
C GLY B 248 -4.11 -30.65 16.32
N ASP B 249 -3.91 -29.97 17.45
CA ASP B 249 -3.34 -30.55 18.67
C ASP B 249 -4.38 -31.04 19.67
N VAL B 250 -5.57 -30.43 19.67
CA VAL B 250 -6.64 -30.78 20.59
C VAL B 250 -7.97 -30.72 19.86
N ASP B 251 -8.87 -31.66 20.14
CA ASP B 251 -10.16 -31.71 19.45
C ASP B 251 -11.24 -30.80 20.03
N THR B 252 -10.85 -29.91 20.93
CA THR B 252 -11.77 -28.93 21.52
C THR B 252 -10.95 -27.72 21.93
N ALA B 253 -11.64 -26.62 22.21
CA ALA B 253 -10.95 -25.42 22.78
C ALA B 253 -11.56 -25.02 24.11
N ASP B 254 -12.37 -25.91 24.68
CA ASP B 254 -13.02 -25.66 25.95
C ASP B 254 -11.94 -25.31 27.00
N PRO B 255 -12.06 -24.11 27.59
CA PRO B 255 -11.06 -23.65 28.55
C PRO B 255 -10.99 -24.46 29.84
N LEU B 256 -11.99 -25.29 30.14
CA LEU B 256 -11.92 -26.11 31.36
C LEU B 256 -11.30 -27.45 31.06
N ASP B 257 -10.99 -27.76 29.81
CA ASP B 257 -10.32 -29.01 29.47
C ASP B 257 -8.82 -28.88 29.77
N PRO B 258 -8.27 -29.75 30.63
CA PRO B 258 -6.86 -29.63 30.97
C PRO B 258 -5.91 -29.64 29.79
N ARG B 259 -6.22 -30.35 28.73
CA ARG B 259 -5.38 -30.35 27.53
C ARG B 259 -5.33 -28.95 26.86
N VAL B 260 -6.46 -28.27 26.87
CA VAL B 260 -6.57 -26.89 26.34
C VAL B 260 -5.74 -25.97 27.24
N GLN B 261 -5.91 -26.11 28.55
CA GLN B 261 -5.15 -25.29 29.48
C GLN B 261 -3.66 -25.49 29.22
N GLN B 262 -3.25 -26.74 29.05
CA GLN B 262 -1.85 -27.03 28.82
C GLN B 262 -1.36 -26.51 27.46
N TRP B 263 -2.22 -26.58 26.45
CA TRP B 263 -1.84 -26.14 25.11
C TRP B 263 -1.42 -24.65 25.21
N TRP B 264 -2.21 -23.86 25.90
CA TRP B 264 -1.94 -22.43 26.01
C TRP B 264 -0.71 -22.14 26.89
N LYS B 265 -0.51 -22.95 27.94
CA LYS B 265 0.69 -22.77 28.72
C LYS B 265 1.91 -23.08 27.91
N THR B 266 1.90 -24.18 27.16
CA THR B 266 3.03 -24.51 26.31
C THR B 266 3.24 -23.45 25.22
N ARG B 267 2.16 -22.93 24.65
CA ARG B 267 2.27 -21.88 23.62
C ARG B 267 2.86 -20.58 24.18
N ALA B 268 2.46 -20.21 25.40
CA ALA B 268 3.05 -19.06 26.05
C ALA B 268 4.54 -19.27 26.25
N GLN B 269 4.95 -20.45 26.70
CA GLN B 269 6.36 -20.73 26.85
C GLN B 269 7.10 -20.51 25.53
N LYS B 270 6.48 -20.93 24.42
CA LYS B 270 7.10 -20.75 23.11
C LYS B 270 7.19 -19.26 22.78
N ILE B 271 6.11 -18.54 23.01
CA ILE B 271 6.15 -17.10 22.72
C ILE B 271 7.27 -16.38 23.46
N TYR B 272 7.34 -16.64 24.77
CA TYR B 272 8.31 -15.95 25.61
C TYR B 272 9.78 -16.40 25.34
N SER B 273 9.95 -17.56 24.73
CA SER B 273 11.27 -17.97 24.26
C SER B 273 11.75 -17.07 23.11
N TYR B 274 10.81 -16.60 22.29
CA TYR B 274 11.16 -15.64 21.24
C TYR B 274 11.15 -14.17 21.69
N ILE B 275 10.28 -13.85 22.64
CA ILE B 275 9.97 -12.45 22.99
C ILE B 275 9.85 -12.39 24.50
N PRO B 276 10.99 -12.30 25.20
CA PRO B 276 10.96 -12.48 26.65
C PRO B 276 10.17 -11.50 27.48
N ASP B 277 9.86 -10.34 26.89
CA ASP B 277 9.06 -9.30 27.48
C ASP B 277 7.71 -9.11 26.77
N PHE B 278 7.23 -10.17 26.16
CA PHE B 278 5.95 -10.12 25.45
C PHE B 278 4.86 -9.59 26.39
N GLY B 279 3.98 -8.71 25.89
CA GLY B 279 2.99 -8.04 26.71
C GLY B 279 1.83 -8.96 27.06
N GLY B 280 1.37 -9.79 26.10
CA GLY B 280 0.19 -10.60 26.29
C GLY B 280 -0.77 -10.57 25.09
N PHE B 281 -2.05 -10.79 25.37
CA PHE B 281 -3.01 -11.12 24.34
C PHE B 281 -4.16 -10.14 24.32
N LEU B 282 -4.65 -9.81 23.13
CA LEU B 282 -5.95 -9.17 22.87
C LEU B 282 -6.93 -10.24 22.39
N VAL B 283 -8.14 -10.24 22.93
CA VAL B 283 -9.11 -11.29 22.60
C VAL B 283 -10.45 -10.72 22.19
N LYS B 284 -10.87 -11.07 20.97
CA LYS B 284 -12.27 -10.92 20.52
C LYS B 284 -12.83 -12.36 20.41
N ALA B 285 -13.81 -12.65 21.26
CA ALA B 285 -14.38 -14.00 21.39
C ALA B 285 -15.91 -13.96 21.31
N ASP B 286 -16.49 -14.96 20.67
CA ASP B 286 -17.97 -15.12 20.61
C ASP B 286 -18.71 -13.85 20.08
N SER B 287 -18.11 -13.16 19.12
CA SER B 287 -18.62 -11.88 18.56
C SER B 287 -18.43 -12.09 17.06
N ALA B 288 -19.51 -11.98 16.26
CA ALA B 288 -19.41 -11.98 14.78
C ALA B 288 -18.77 -13.25 14.15
N GLY B 289 -18.98 -14.42 14.73
CA GLY B 289 -18.35 -15.63 14.17
C GLY B 289 -16.90 -15.88 14.60
N GLN B 290 -16.40 -15.01 15.48
CA GLN B 290 -15.16 -15.36 16.17
C GLN B 290 -15.47 -16.36 17.31
N PRO B 291 -14.70 -17.43 17.34
CA PRO B 291 -14.84 -18.49 18.36
C PRO B 291 -14.65 -17.94 19.77
N GLY B 292 -15.21 -18.66 20.74
CA GLY B 292 -14.96 -18.30 22.11
C GLY B 292 -15.46 -19.29 23.11
N PRO B 293 -15.30 -18.97 24.39
CA PRO B 293 -15.72 -19.88 25.46
C PRO B 293 -17.20 -20.27 25.36
N GLN B 294 -18.07 -19.35 24.95
CA GLN B 294 -19.52 -19.67 24.89
C GLN B 294 -19.80 -20.78 23.85
N GLY B 295 -18.92 -20.94 22.87
CA GLY B 295 -19.01 -22.05 21.92
C GLY B 295 -18.83 -23.43 22.57
N TYR B 296 -18.33 -23.46 23.82
CA TYR B 296 -18.11 -24.65 24.60
C TYR B 296 -18.96 -24.60 25.87
N GLY B 297 -19.94 -23.71 25.90
CA GLY B 297 -20.83 -23.51 27.03
C GLY B 297 -20.19 -22.94 28.28
N ARG B 298 -19.10 -22.17 28.10
CA ARG B 298 -18.36 -21.60 29.23
C ARG B 298 -18.53 -20.10 29.15
N ASP B 299 -18.24 -19.42 30.26
CA ASP B 299 -18.41 -17.99 30.28
C ASP B 299 -17.10 -17.26 29.99
N HIS B 300 -17.18 -15.95 29.85
CA HIS B 300 -16.00 -15.20 29.44
C HIS B 300 -14.93 -15.10 30.49
N ALA B 301 -15.31 -15.18 31.75
CA ALA B 301 -14.29 -15.28 32.81
C ALA B 301 -13.55 -16.61 32.74
N GLU B 302 -14.25 -17.70 32.48
CA GLU B 302 -13.57 -18.99 32.35
C GLU B 302 -12.58 -18.98 31.18
N GLY B 303 -12.97 -18.39 30.06
CA GLY B 303 -12.04 -18.31 28.96
C GLY B 303 -10.87 -17.37 29.23
N ALA B 304 -11.15 -16.17 29.74
CA ALA B 304 -10.11 -15.21 29.98
C ALA B 304 -9.10 -15.70 31.01
N ASN B 305 -9.65 -16.29 32.06
CA ASN B 305 -8.79 -16.77 33.14
C ASN B 305 -7.89 -17.90 32.70
N MET B 306 -8.35 -18.74 31.79
CA MET B 306 -7.50 -19.82 31.26
C MET B 306 -6.29 -19.23 30.51
N LEU B 307 -6.54 -18.21 29.68
CA LEU B 307 -5.45 -17.56 28.99
C LEU B 307 -4.54 -16.83 29.96
N ALA B 308 -5.14 -16.17 30.95
CA ALA B 308 -4.42 -15.41 31.94
C ALA B 308 -3.49 -16.30 32.75
N ALA B 309 -3.93 -17.52 33.03
CA ALA B 309 -3.09 -18.47 33.80
C ALA B 309 -1.86 -18.88 33.00
N ALA B 310 -2.01 -18.97 31.68
CA ALA B 310 -0.86 -19.27 30.84
C ALA B 310 0.16 -18.16 30.81
N LEU B 311 -0.31 -16.91 30.87
CA LEU B 311 0.57 -15.77 30.78
C LEU B 311 1.16 -15.34 32.11
N LYS B 312 0.50 -15.69 33.21
CA LYS B 312 0.83 -15.11 34.53
C LYS B 312 2.28 -15.39 34.91
N PRO B 313 2.82 -16.57 34.69
CA PRO B 313 4.19 -16.82 35.11
C PRO B 313 5.24 -15.99 34.42
N PHE B 314 4.87 -15.45 33.27
CA PHE B 314 5.74 -14.61 32.47
C PHE B 314 5.43 -13.10 32.58
N GLY B 315 4.43 -12.72 33.37
CA GLY B 315 4.07 -11.35 33.55
C GLY B 315 3.17 -10.77 32.46
N GLY B 316 2.54 -11.63 31.68
CA GLY B 316 1.66 -11.17 30.61
C GLY B 316 0.26 -10.90 31.08
N VAL B 317 -0.46 -10.10 30.31
CA VAL B 317 -1.83 -9.74 30.63
C VAL B 317 -2.75 -10.14 29.46
N VAL B 318 -4.03 -10.26 29.77
CA VAL B 318 -5.06 -10.48 28.74
C VAL B 318 -5.96 -9.29 28.67
N PHE B 319 -6.01 -8.68 27.47
CA PHE B 319 -6.97 -7.65 27.19
C PHE B 319 -8.20 -8.36 26.58
N TRP B 320 -9.26 -8.51 27.37
CA TRP B 320 -10.45 -9.25 26.90
C TRP B 320 -11.50 -8.24 26.42
N ARG B 321 -11.82 -8.24 25.14
CA ARG B 321 -12.78 -7.27 24.63
C ARG B 321 -14.19 -7.59 25.02
N ALA B 322 -14.89 -6.55 25.47
CA ALA B 322 -16.27 -6.70 25.88
C ALA B 322 -17.15 -6.49 24.66
N GLU B 330 -33.39 -8.10 23.15
CA GLU B 330 -34.35 -7.21 22.44
C GLU B 330 -33.85 -5.76 22.18
N ASP B 331 -32.91 -5.29 22.98
CA ASP B 331 -32.28 -3.99 22.79
C ASP B 331 -30.77 -4.17 22.83
N ARG B 332 -30.13 -4.09 21.66
CA ARG B 332 -28.69 -4.26 21.55
C ARG B 332 -27.89 -3.33 22.49
N PHE B 333 -28.42 -2.14 22.75
CA PHE B 333 -27.80 -1.18 23.64
C PHE B 333 -27.48 -1.81 24.98
N ARG B 334 -28.35 -2.71 25.43
CA ARG B 334 -28.19 -3.33 26.75
C ARG B 334 -27.15 -4.43 26.80
N GLY B 335 -26.66 -4.92 25.67
CA GLY B 335 -25.98 -6.19 25.61
C GLY B 335 -24.71 -6.37 26.45
N ALA B 336 -23.74 -5.50 26.30
CA ALA B 336 -22.43 -5.68 27.00
C ALA B 336 -22.58 -5.67 28.51
N TYR B 337 -23.40 -4.75 29.02
CA TYR B 337 -23.62 -4.62 30.44
C TYR B 337 -24.28 -5.88 30.96
N ASP B 338 -25.30 -6.34 30.26
CA ASP B 338 -26.02 -7.54 30.72
C ASP B 338 -25.12 -8.80 30.65
N GLU B 339 -24.19 -8.84 29.69
CA GLU B 339 -23.29 -9.99 29.55
C GLU B 339 -22.21 -10.03 30.63
N PHE B 340 -21.65 -8.85 30.95
CA PHE B 340 -20.46 -8.78 31.80
C PHE B 340 -20.67 -8.43 33.25
N MET B 341 -21.75 -7.74 33.60
CA MET B 341 -22.02 -7.42 35.00
C MET B 341 -22.09 -8.64 35.91
N PRO B 342 -22.69 -9.73 35.46
CA PRO B 342 -22.65 -10.94 36.34
C PRO B 342 -21.26 -11.51 36.57
N LEU B 343 -20.28 -11.13 35.77
CA LEU B 343 -18.92 -11.63 35.89
C LEU B 343 -18.01 -10.70 36.65
N ASP B 344 -18.56 -9.62 37.20
CA ASP B 344 -17.71 -8.65 37.92
C ASP B 344 -17.06 -9.37 39.11
N GLY B 345 -15.76 -9.22 39.25
CA GLY B 345 -15.04 -9.93 40.31
C GLY B 345 -14.58 -11.35 40.00
N LYS B 346 -15.02 -11.90 38.87
CA LYS B 346 -14.68 -13.27 38.52
C LYS B 346 -13.45 -13.38 37.63
N PHE B 347 -12.93 -12.26 37.15
CA PHE B 347 -11.77 -12.28 36.29
C PHE B 347 -10.49 -12.21 37.12
N ALA B 348 -9.46 -12.89 36.65
CA ALA B 348 -8.14 -12.88 37.28
C ALA B 348 -7.51 -11.50 37.26
N ASP B 349 -6.54 -11.26 38.14
CA ASP B 349 -5.96 -9.94 38.29
C ASP B 349 -5.17 -9.46 37.08
N ASN B 350 -4.70 -10.39 36.23
CA ASN B 350 -4.01 -10.05 34.97
C ASN B 350 -4.94 -10.06 33.75
N VAL B 351 -6.24 -10.01 34.00
CA VAL B 351 -7.22 -9.80 32.94
C VAL B 351 -7.73 -8.37 33.04
N ILE B 352 -7.82 -7.71 31.89
CA ILE B 352 -8.39 -6.37 31.78
C ILE B 352 -9.48 -6.40 30.73
N LEU B 353 -10.67 -5.95 31.10
CA LEU B 353 -11.76 -5.87 30.15
C LEU B 353 -11.65 -4.62 29.33
N GLN B 354 -11.56 -4.78 28.01
CA GLN B 354 -11.33 -3.70 27.08
C GLN B 354 -12.65 -3.35 26.42
N ILE B 355 -13.12 -2.17 26.74
CA ILE B 355 -14.49 -1.73 26.49
C ILE B 355 -14.49 -0.52 25.58
N LYS B 356 -15.26 -0.56 24.48
CA LYS B 356 -15.40 0.61 23.63
C LYS B 356 -16.04 1.79 24.39
N ASN B 357 -15.85 3.00 23.88
CA ASN B 357 -16.36 4.15 24.59
C ASN B 357 -17.84 4.13 24.82
N GLY B 358 -18.58 3.57 23.87
CA GLY B 358 -20.04 3.45 23.96
C GLY B 358 -20.50 2.01 23.74
N PRO B 359 -21.79 1.80 24.00
CA PRO B 359 -22.36 0.45 23.98
C PRO B 359 -22.68 -0.13 22.60
N ILE B 360 -22.61 0.67 21.54
CA ILE B 360 -22.93 0.14 20.21
C ILE B 360 -21.63 -0.17 19.44
N ASP B 361 -21.03 0.80 18.77
CA ASP B 361 -19.86 0.55 17.89
C ASP B 361 -19.30 1.82 17.29
N PHE B 362 -18.61 2.62 18.10
CA PHE B 362 -17.84 3.76 17.62
C PHE B 362 -18.64 4.75 16.75
N GLN B 363 -19.94 4.90 17.05
CA GLN B 363 -20.76 5.78 16.25
C GLN B 363 -20.42 7.25 16.56
N PRO B 364 -20.74 8.20 15.68
CA PRO B 364 -20.19 9.54 15.87
C PRO B 364 -20.44 10.20 17.22
N ARG B 365 -21.56 9.91 17.84
CA ARG B 365 -21.74 10.14 19.26
C ARG B 365 -22.52 8.98 19.86
N GLU B 366 -22.01 8.48 20.98
CA GLU B 366 -22.67 7.50 21.80
C GLU B 366 -22.60 7.94 23.27
N PRO B 367 -23.60 7.62 24.06
CA PRO B 367 -23.46 7.77 25.52
C PRO B 367 -22.40 6.80 26.03
N PHE B 368 -21.90 7.08 27.22
CA PHE B 368 -20.82 6.26 27.75
C PHE B 368 -21.27 4.83 28.00
N SER B 369 -20.35 3.88 27.82
CA SER B 369 -20.66 2.50 28.13
C SER B 369 -20.94 2.31 29.61
N ALA B 370 -22.14 1.79 29.92
CA ALA B 370 -22.58 1.61 31.29
C ALA B 370 -21.64 0.71 32.06
N LEU B 371 -20.96 -0.23 31.40
CA LEU B 371 -20.00 -1.07 32.15
C LEU B 371 -18.97 -0.27 32.92
N PHE B 372 -18.52 0.87 32.38
CA PHE B 372 -17.51 1.64 33.10
C PHE B 372 -17.97 2.06 34.48
N ALA B 373 -19.29 2.35 34.66
CA ALA B 373 -19.80 2.79 35.98
C ALA B 373 -20.34 1.64 36.83
N GLY B 374 -20.38 0.44 36.26
CA GLY B 374 -20.98 -0.72 36.92
C GLY B 374 -20.03 -1.77 37.44
N MET B 375 -18.89 -1.99 36.77
CA MET B 375 -17.95 -3.03 37.17
C MET B 375 -17.02 -2.43 38.20
N SER B 376 -17.10 -2.89 39.45
CA SER B 376 -16.32 -2.32 40.51
C SER B 376 -15.21 -3.23 41.00
N ARG B 377 -15.10 -4.44 40.47
CA ARG B 377 -14.15 -5.46 40.93
C ARG B 377 -13.40 -6.10 39.80
N THR B 378 -13.33 -5.37 38.68
CA THR B 378 -12.70 -5.87 37.47
C THR B 378 -11.84 -4.79 36.87
N ASN B 379 -10.65 -5.15 36.42
CA ASN B 379 -9.82 -4.20 35.71
C ASN B 379 -10.48 -3.84 34.37
N MET B 380 -10.44 -2.56 34.02
CA MET B 380 -11.01 -2.08 32.77
C MET B 380 -10.02 -1.19 32.02
N MET B 381 -10.24 -1.10 30.71
CA MET B 381 -9.49 -0.21 29.85
C MET B 381 -10.43 0.24 28.74
N MET B 382 -10.17 1.44 28.23
CA MET B 382 -10.97 2.02 27.17
C MET B 382 -10.45 1.60 25.80
N GLU B 383 -11.36 1.47 24.85
CA GLU B 383 -11.00 1.31 23.44
C GLU B 383 -11.63 2.42 22.63
N PHE B 384 -10.79 3.27 22.04
CA PHE B 384 -11.24 4.32 21.13
C PHE B 384 -10.85 3.99 19.71
N GLN B 385 -11.58 4.58 18.76
CA GLN B 385 -11.30 4.36 17.36
C GLN B 385 -10.71 5.64 16.76
N ILE B 386 -9.56 5.48 16.09
CA ILE B 386 -8.89 6.56 15.35
C ILE B 386 -9.19 6.45 13.87
N THR B 387 -8.95 5.27 13.32
CA THR B 387 -9.30 4.99 11.96
C THR B 387 -10.78 5.36 11.73
N GLN B 388 -11.06 5.92 10.59
CA GLN B 388 -12.37 6.58 10.39
C GLN B 388 -13.42 5.66 9.75
N GLU B 389 -13.66 4.53 10.41
CA GLU B 389 -14.69 3.65 9.96
C GLU B 389 -16.02 4.34 9.80
N TYR B 390 -16.31 5.20 10.75
CA TYR B 390 -17.61 5.88 10.80
C TYR B 390 -17.52 7.38 10.53
N PHE B 391 -16.32 7.85 10.24
CA PHE B 391 -16.10 9.28 10.03
C PHE B 391 -15.51 9.58 8.65
N GLY B 392 -15.68 8.66 7.70
CA GLY B 392 -15.40 8.99 6.30
C GLY B 392 -14.04 8.52 5.77
N PHE B 393 -13.53 7.41 6.30
CA PHE B 393 -12.42 6.71 5.71
C PHE B 393 -11.23 7.67 5.59
N ALA B 394 -10.58 7.77 4.43
CA ALA B 394 -9.48 8.72 4.27
C ALA B 394 -9.83 9.98 3.49
N THR B 395 -11.11 10.22 3.27
CA THR B 395 -11.51 11.39 2.49
C THR B 395 -12.17 12.49 3.30
N HIS B 396 -12.64 12.24 4.52
CA HIS B 396 -13.22 13.26 5.35
C HIS B 396 -12.21 13.70 6.45
N LEU B 397 -12.21 15.00 6.75
CA LEU B 397 -11.42 15.59 7.81
C LEU B 397 -12.26 15.53 9.09
N ALA B 398 -11.76 14.79 10.08
CA ALA B 398 -12.51 14.54 11.30
C ALA B 398 -11.55 14.30 12.49
N TYR B 399 -11.00 15.37 13.03
CA TYR B 399 -10.18 15.30 14.24
C TYR B 399 -10.98 14.68 15.38
N GLN B 400 -10.49 13.56 15.94
CA GLN B 400 -11.23 12.82 16.96
C GLN B 400 -10.95 13.26 18.41
N GLY B 401 -10.03 14.21 18.59
CA GLY B 401 -9.74 14.75 19.91
C GLY B 401 -11.00 15.07 20.70
N PRO B 402 -11.95 15.79 20.10
CA PRO B 402 -13.14 16.15 20.87
C PRO B 402 -13.98 14.95 21.28
N LEU B 403 -14.02 13.91 20.46
CA LEU B 403 -14.75 12.71 20.84
C LEU B 403 -14.08 12.07 22.09
N PHE B 404 -12.75 11.93 22.04
CA PHE B 404 -12.03 11.33 23.13
C PHE B 404 -12.21 12.17 24.41
N GLU B 405 -12.03 13.48 24.30
CA GLU B 405 -12.17 14.37 25.44
C GLU B 405 -13.56 14.31 26.03
N GLU B 406 -14.56 14.38 25.15
CA GLU B 406 -15.96 14.32 25.60
C GLU B 406 -16.18 13.04 26.43
N SER B 407 -15.70 11.94 25.92
CA SER B 407 -15.73 10.69 26.63
C SER B 407 -15.05 10.72 28.00
N LEU B 408 -13.76 11.08 28.01
CA LEU B 408 -12.94 11.00 29.23
C LEU B 408 -13.46 11.95 30.30
N LYS B 409 -14.03 13.08 29.91
CA LYS B 409 -14.52 14.06 30.89
C LYS B 409 -15.99 13.87 31.25
N THR B 410 -16.60 12.82 30.72
CA THR B 410 -17.99 12.54 31.06
C THR B 410 -18.14 12.12 32.52
N GLU B 411 -19.00 12.84 33.22
CA GLU B 411 -19.36 12.46 34.59
C GLU B 411 -20.36 11.31 34.60
N THR B 412 -19.98 10.22 35.29
CA THR B 412 -20.85 9.06 35.38
C THR B 412 -21.66 8.99 36.66
N HIS B 413 -21.26 9.75 37.67
CA HIS B 413 -21.85 9.62 39.03
C HIS B 413 -21.78 8.19 39.63
N ALA B 414 -20.81 7.41 39.21
CA ALA B 414 -20.70 6.02 39.69
C ALA B 414 -20.55 6.01 41.21
N ARG B 415 -19.69 6.91 41.72
CA ARG B 415 -19.35 6.97 43.15
C ARG B 415 -19.08 8.41 43.51
N GLY B 416 -20.15 9.20 43.57
CA GLY B 416 -20.03 10.62 43.81
C GLY B 416 -19.60 11.43 42.59
N GLU B 417 -19.64 12.74 42.73
CA GLU B 417 -19.14 13.66 41.72
C GLU B 417 -17.66 13.41 41.51
N GLY B 418 -17.17 13.62 40.29
CA GLY B 418 -15.81 13.34 39.97
C GLY B 418 -15.61 11.93 39.48
N SER B 419 -16.69 11.19 39.28
CA SER B 419 -16.60 9.85 38.72
C SER B 419 -16.60 9.94 37.19
N THR B 420 -15.66 10.68 36.68
CA THR B 420 -15.49 10.80 35.22
C THR B 420 -14.92 9.49 34.66
N ILE B 421 -15.15 9.28 33.35
CA ILE B 421 -14.63 8.13 32.67
C ILE B 421 -13.09 8.08 32.87
N GLY B 422 -12.45 9.21 32.76
CA GLY B 422 -11.02 9.30 32.94
C GLY B 422 -10.59 8.88 34.34
N ASN B 423 -11.32 9.35 35.38
CA ASN B 423 -10.97 8.93 36.75
C ASN B 423 -11.22 7.45 36.98
N ILE B 424 -12.25 6.93 36.35
CA ILE B 424 -12.52 5.52 36.41
C ILE B 424 -11.35 4.73 35.75
N LEU B 425 -10.97 5.13 34.55
CA LEU B 425 -9.84 4.49 33.84
C LEU B 425 -8.59 4.53 34.72
N GLU B 426 -8.33 5.67 35.34
CA GLU B 426 -7.15 5.81 36.16
C GLU B 426 -7.08 4.85 37.35
N GLY B 427 -8.24 4.33 37.75
CA GLY B 427 -8.34 3.32 38.78
C GLY B 427 -8.76 3.89 40.10
N LYS B 428 -8.94 5.21 40.19
CA LYS B 428 -9.19 5.94 41.44
C LYS B 428 -10.58 5.68 41.98
N VAL B 429 -11.53 5.39 41.10
CA VAL B 429 -12.94 5.27 41.50
C VAL B 429 -13.19 3.93 42.18
N PHE B 430 -12.83 2.86 41.50
CA PHE B 430 -13.05 1.52 41.99
C PHE B 430 -11.86 0.79 42.55
N LYS B 431 -10.70 1.40 42.48
CA LYS B 431 -9.47 0.87 43.11
C LYS B 431 -8.99 -0.40 42.43
N THR B 432 -8.62 -0.29 41.16
CA THR B 432 -8.20 -1.49 40.47
C THR B 432 -6.72 -1.47 40.05
N ARG B 433 -6.25 -2.66 39.59
CA ARG B 433 -4.83 -2.99 39.51
C ARG B 433 -4.23 -2.55 38.17
N HIS B 434 -4.88 -2.99 37.08
CA HIS B 434 -4.38 -2.67 35.74
C HIS B 434 -5.25 -1.61 35.06
N THR B 435 -4.58 -0.61 34.44
CA THR B 435 -5.31 0.45 33.75
C THR B 435 -4.77 0.68 32.34
N GLY B 436 -5.58 1.27 31.47
CA GLY B 436 -5.09 1.49 30.13
C GLY B 436 -6.13 2.14 29.21
N MET B 437 -5.64 2.37 28.00
CA MET B 437 -6.47 2.83 26.86
C MET B 437 -5.82 2.26 25.61
N ALA B 438 -6.65 1.80 24.71
CA ALA B 438 -6.26 1.26 23.42
C ALA B 438 -6.86 2.10 22.32
N GLY B 439 -6.10 2.33 21.26
CA GLY B 439 -6.56 3.15 20.14
C GLY B 439 -6.42 2.39 18.83
N VAL B 440 -7.54 2.21 18.17
CA VAL B 440 -7.55 1.47 16.89
C VAL B 440 -7.13 2.44 15.80
N ILE B 441 -5.86 2.38 15.41
CA ILE B 441 -5.27 3.38 14.54
C ILE B 441 -5.25 2.96 13.08
N ASN B 442 -5.07 1.68 12.81
CA ASN B 442 -5.06 1.11 11.46
C ASN B 442 -4.31 1.92 10.36
N PRO B 443 -3.09 2.36 10.66
CA PRO B 443 -2.28 2.99 9.63
C PRO B 443 -1.82 1.96 8.61
N GLY B 444 -1.19 2.45 7.57
CA GLY B 444 -0.67 1.56 6.57
C GLY B 444 0.48 2.13 5.80
N THR B 445 0.77 1.51 4.65
CA THR B 445 2.00 1.82 3.93
C THR B 445 1.95 3.14 3.15
N ASP B 446 0.79 3.82 3.11
CA ASP B 446 0.79 5.15 2.51
C ASP B 446 1.93 5.99 3.10
N ARG B 447 2.47 6.89 2.28
CA ARG B 447 3.64 7.66 2.69
C ARG B 447 3.42 8.43 3.99
N ASN B 448 2.21 8.95 4.17
CA ASN B 448 1.90 9.73 5.37
C ASN B 448 1.23 8.92 6.49
N TRP B 449 1.33 7.58 6.40
CA TRP B 449 0.86 6.62 7.37
C TRP B 449 -0.66 6.50 7.55
N THR B 450 -1.40 7.60 7.40
CA THR B 450 -2.78 7.63 7.78
C THR B 450 -3.75 7.94 6.64
N GLY B 451 -3.23 8.17 5.44
CA GLY B 451 -4.07 8.48 4.29
C GLY B 451 -4.45 9.95 4.23
N HIS B 452 -5.46 10.30 5.02
CA HIS B 452 -5.83 11.71 5.22
C HIS B 452 -4.82 12.30 6.19
N PRO B 453 -4.17 13.41 5.87
CA PRO B 453 -3.25 14.03 6.81
C PRO B 453 -3.83 14.24 8.21
N PHE B 454 -5.11 14.61 8.32
CA PHE B 454 -5.68 14.93 9.59
C PHE B 454 -5.92 13.73 10.50
N VAL B 455 -5.90 12.52 9.95
CA VAL B 455 -6.00 11.35 10.83
C VAL B 455 -4.78 11.33 11.75
N GLN B 456 -3.65 11.90 11.30
CA GLN B 456 -2.48 11.97 12.18
C GLN B 456 -2.82 12.70 13.48
N SER B 457 -3.67 13.70 13.40
CA SER B 457 -4.00 14.49 14.59
C SER B 457 -4.81 13.67 15.60
N SER B 458 -5.60 12.74 15.11
CA SER B 458 -6.39 11.85 15.97
C SER B 458 -5.49 10.86 16.68
N TRP B 459 -4.51 10.29 15.95
CA TRP B 459 -3.51 9.39 16.56
C TRP B 459 -2.75 10.18 17.65
N TYR B 460 -2.37 11.41 17.33
CA TYR B 460 -1.64 12.26 18.26
C TYR B 460 -2.45 12.49 19.53
N ALA B 461 -3.68 12.93 19.39
CA ALA B 461 -4.50 13.22 20.55
C ALA B 461 -4.70 11.97 21.41
N PHE B 462 -4.93 10.82 20.75
CA PHE B 462 -5.12 9.62 21.53
C PHE B 462 -3.90 9.31 22.37
N GLY B 463 -2.68 9.41 21.84
CA GLY B 463 -1.52 9.08 22.68
C GLY B 463 -1.34 10.11 23.80
N ARG B 464 -1.57 11.39 23.53
CA ARG B 464 -1.47 12.43 24.55
C ARG B 464 -2.45 12.16 25.70
N MET B 465 -3.66 11.79 25.34
CA MET B 465 -4.71 11.54 26.31
C MET B 465 -4.51 10.24 27.05
N ALA B 466 -3.88 9.27 26.42
CA ALA B 466 -3.52 8.05 27.12
C ALA B 466 -2.48 8.32 28.22
N TRP B 467 -1.60 9.28 27.95
CA TRP B 467 -0.63 9.75 28.96
C TRP B 467 -1.31 10.55 30.05
N ASP B 468 -2.17 11.49 29.67
CA ASP B 468 -2.92 12.32 30.63
C ASP B 468 -4.33 12.54 30.12
N HIS B 469 -5.31 11.86 30.73
CA HIS B 469 -6.69 11.84 30.24
C HIS B 469 -7.43 13.14 30.44
N GLN B 470 -6.83 14.12 31.14
CA GLN B 470 -7.41 15.45 31.22
C GLN B 470 -6.89 16.40 30.18
N ILE B 471 -5.96 15.98 29.34
CA ILE B 471 -5.54 16.85 28.25
C ILE B 471 -6.70 17.15 27.31
N SER B 472 -6.89 18.42 26.94
CA SER B 472 -7.99 18.77 26.09
C SER B 472 -7.72 18.53 24.60
N ALA B 473 -8.79 18.40 23.83
CA ALA B 473 -8.68 18.32 22.38
C ALA B 473 -8.00 19.58 21.81
N ALA B 474 -8.30 20.74 22.39
CA ALA B 474 -7.72 21.99 21.96
C ALA B 474 -6.22 22.04 22.15
N THR B 475 -5.76 21.61 23.34
CA THR B 475 -4.32 21.57 23.67
C THR B 475 -3.55 20.64 22.77
N ALA B 476 -4.11 19.45 22.55
CA ALA B 476 -3.42 18.51 21.69
C ALA B 476 -3.40 19.01 20.23
N ALA B 477 -4.47 19.67 19.79
CA ALA B 477 -4.50 20.25 18.44
C ALA B 477 -3.48 21.37 18.26
N ASP B 478 -3.33 22.20 19.29
CA ASP B 478 -2.37 23.30 19.27
C ASP B 478 -0.95 22.72 19.11
N GLU B 479 -0.61 21.71 19.90
CA GLU B 479 0.69 21.06 19.78
C GLU B 479 0.86 20.48 18.38
N TRP B 480 -0.10 19.67 17.96
CA TRP B 480 0.03 18.95 16.71
C TRP B 480 0.18 19.88 15.53
N LEU B 481 -0.58 20.98 15.54
CA LEU B 481 -0.48 21.93 14.44
C LEU B 481 0.88 22.59 14.38
N ARG B 482 1.38 22.97 15.55
CA ARG B 482 2.73 23.53 15.64
C ARG B 482 3.79 22.58 15.13
N MET B 483 3.67 21.31 15.52
CA MET B 483 4.67 20.29 15.20
C MET B 483 4.58 19.85 13.72
N THR B 484 3.37 19.92 13.16
CA THR B 484 3.09 19.33 11.84
C THR B 484 3.13 20.35 10.72
N PHE B 485 2.70 21.55 11.01
CA PHE B 485 2.47 22.57 9.99
C PHE B 485 3.22 23.89 10.22
N SER B 486 2.91 24.58 11.30
CA SER B 486 3.28 25.99 11.48
C SER B 486 3.09 26.46 12.91
N ASN B 487 4.01 27.32 13.37
CA ASN B 487 3.85 28.02 14.63
C ASN B 487 3.26 29.43 14.49
N GLN B 488 2.77 29.80 13.31
CA GLN B 488 2.21 31.15 13.07
C GLN B 488 0.86 31.27 13.78
N PRO B 489 0.72 32.20 14.72
CA PRO B 489 -0.57 32.33 15.42
C PRO B 489 -1.77 32.51 14.51
N ALA B 490 -1.60 33.22 13.41
CA ALA B 490 -2.73 33.46 12.54
C ALA B 490 -3.21 32.21 11.81
N PHE B 491 -2.31 31.23 11.71
CA PHE B 491 -2.67 29.88 11.20
C PHE B 491 -3.30 29.02 12.30
N ILE B 492 -2.62 28.95 13.43
CA ILE B 492 -3.03 28.03 14.48
C ILE B 492 -4.47 28.22 14.91
N GLU B 493 -4.87 29.46 15.16
CA GLU B 493 -6.19 29.67 15.72
C GLU B 493 -7.31 29.17 14.78
N PRO B 494 -7.37 29.62 13.53
CA PRO B 494 -8.48 29.17 12.69
C PRO B 494 -8.42 27.69 12.37
N VAL B 495 -7.23 27.13 12.21
CA VAL B 495 -7.16 25.70 11.87
C VAL B 495 -7.49 24.85 13.07
N LYS B 496 -7.07 25.30 14.25
CA LYS B 496 -7.45 24.61 15.50
C LYS B 496 -8.99 24.59 15.62
N GLN B 497 -9.65 25.71 15.35
CA GLN B 497 -11.11 25.74 15.47
C GLN B 497 -11.75 24.87 14.38
N MET B 498 -11.18 24.84 13.19
CA MET B 498 -11.66 23.95 12.11
C MET B 498 -11.58 22.50 12.58
N MET B 499 -10.44 22.13 13.16
CA MET B 499 -10.30 20.78 13.71
C MET B 499 -11.37 20.50 14.75
N LEU B 500 -11.57 21.44 15.66
CA LEU B 500 -12.45 21.20 16.79
C LEU B 500 -13.88 21.08 16.38
N VAL B 501 -14.31 21.72 15.27
CA VAL B 501 -15.66 21.59 14.79
C VAL B 501 -15.85 20.33 13.92
N SER B 502 -14.75 19.79 13.39
CA SER B 502 -14.88 18.72 12.38
C SER B 502 -15.59 17.47 12.88
N ARG B 503 -15.39 17.09 14.14
CA ARG B 503 -16.11 15.92 14.66
C ARG B 503 -17.61 16.20 14.66
N GLU B 504 -17.97 17.37 15.14
CA GLU B 504 -19.39 17.67 15.24
C GLU B 504 -20.02 17.78 13.86
N ALA B 505 -19.30 18.32 12.90
CA ALA B 505 -19.81 18.35 11.53
C ALA B 505 -20.15 16.93 11.09
N GLY B 506 -19.25 15.99 11.37
CA GLY B 506 -19.45 14.59 11.02
C GLY B 506 -20.62 13.91 11.71
N VAL B 507 -20.94 14.36 12.92
CA VAL B 507 -22.18 13.96 13.57
C VAL B 507 -23.37 14.57 12.82
N ASN B 508 -23.28 15.85 12.53
CA ASN B 508 -24.44 16.58 12.01
C ASN B 508 -24.92 16.13 10.65
N TYR B 509 -24.00 15.88 9.70
CA TYR B 509 -24.47 15.42 8.39
C TYR B 509 -24.75 13.94 8.27
N ARG B 510 -24.53 13.17 9.35
CA ARG B 510 -24.82 11.74 9.41
C ARG B 510 -26.00 11.32 10.30
N SER B 511 -26.01 11.78 11.53
CA SER B 511 -26.93 11.25 12.53
C SER B 511 -26.88 12.10 13.78
N PRO B 512 -27.48 13.27 13.70
CA PRO B 512 -27.55 14.18 14.88
C PRO B 512 -28.65 13.75 15.87
N LEU B 513 -28.69 14.43 17.00
CA LEU B 513 -29.81 14.35 17.96
C LEU B 513 -29.96 13.01 18.65
N GLY B 514 -28.93 12.17 18.62
CA GLY B 514 -29.01 10.84 19.19
C GLY B 514 -29.37 9.75 18.21
N LEU B 515 -29.53 10.11 16.95
CA LEU B 515 -29.61 9.13 15.90
C LEU B 515 -28.28 8.41 15.82
N THR B 516 -28.34 7.22 15.22
CA THR B 516 -27.13 6.38 15.16
C THR B 516 -27.34 5.26 14.15
N HIS B 517 -26.23 4.69 13.68
CA HIS B 517 -26.27 3.44 12.95
C HIS B 517 -27.05 3.57 11.63
N LEU B 518 -26.84 4.68 10.95
CA LEU B 518 -27.48 4.97 9.66
C LEU B 518 -26.65 4.68 8.42
N TYR B 519 -25.53 4.01 8.61
CA TYR B 519 -24.55 3.71 7.55
C TYR B 519 -24.99 2.56 6.64
N SER B 520 -24.50 2.60 5.41
CA SER B 520 -24.51 1.47 4.50
C SER B 520 -23.87 0.29 5.17
N GLN B 521 -24.50 -0.86 5.10
CA GLN B 521 -23.91 -2.04 5.71
C GLN B 521 -23.35 -2.93 4.65
N GLY B 522 -22.21 -3.58 4.83
CA GLY B 522 -21.36 -3.57 6.00
C GLY B 522 -20.13 -2.67 5.78
N ASP B 523 -20.10 -1.93 4.68
CA ASP B 523 -18.90 -1.16 4.34
C ASP B 523 -18.74 0.13 5.13
N HIS B 524 -19.87 0.71 5.51
CA HIS B 524 -19.91 1.90 6.33
C HIS B 524 -19.45 3.22 5.73
N TYR B 525 -19.35 3.34 4.39
CA TYR B 525 -18.90 4.64 3.83
C TYR B 525 -19.97 5.72 3.75
N GLY B 526 -21.11 5.30 3.27
CA GLY B 526 -22.16 6.26 2.91
C GLY B 526 -23.44 6.03 3.69
N PRO B 527 -24.43 6.89 3.42
CA PRO B 527 -25.73 6.78 4.09
C PRO B 527 -26.57 5.60 3.63
N ALA B 528 -27.30 4.99 4.57
CA ALA B 528 -28.35 4.04 4.26
C ALA B 528 -29.39 3.98 5.39
N PRO B 529 -30.03 5.11 5.69
CA PRO B 529 -30.98 5.11 6.82
C PRO B 529 -32.23 4.25 6.64
N TRP B 530 -32.47 3.86 5.40
CA TRP B 530 -33.58 3.01 5.03
C TRP B 530 -33.36 1.55 5.30
N THR B 531 -32.12 1.13 5.63
CA THR B 531 -31.77 -0.29 5.70
C THR B 531 -32.68 -1.00 6.70
N ASP B 532 -33.33 -2.04 6.18
CA ASP B 532 -34.13 -2.94 6.93
C ASP B 532 -33.81 -4.36 6.36
N ASP B 533 -34.41 -5.40 6.87
CA ASP B 533 -34.26 -6.73 6.25
C ASP B 533 -32.77 -7.13 6.07
N LEU B 534 -32.10 -7.37 7.19
CA LEU B 534 -30.81 -8.01 7.20
C LEU B 534 -30.98 -9.30 8.03
N PRO B 535 -29.99 -10.20 8.09
CA PRO B 535 -30.11 -11.39 8.94
C PRO B 535 -30.46 -11.08 10.40
N ARG B 536 -29.98 -9.96 10.92
CA ARG B 536 -30.41 -9.54 12.26
C ARG B 536 -30.94 -8.13 12.21
N ALA B 537 -32.05 -7.89 12.89
CA ALA B 537 -32.64 -6.56 12.97
C ALA B 537 -31.67 -5.52 13.53
N ASP B 538 -30.81 -5.90 14.47
CA ASP B 538 -29.89 -4.95 15.07
C ASP B 538 -28.69 -4.62 14.17
N TRP B 539 -28.70 -5.18 12.95
CA TRP B 539 -27.79 -4.74 11.90
C TRP B 539 -28.40 -3.63 11.04
N THR B 540 -29.70 -3.41 11.16
CA THR B 540 -30.38 -2.48 10.27
C THR B 540 -30.35 -1.08 10.84
N ALA B 541 -30.75 -0.11 10.05
CA ALA B 541 -30.85 1.29 10.51
C ALA B 541 -32.20 1.54 11.18
N VAL B 542 -33.25 0.96 10.62
CA VAL B 542 -34.58 1.21 11.11
C VAL B 542 -34.78 0.74 12.54
N TYR B 543 -34.04 -0.28 12.94
CA TYR B 543 -34.08 -0.79 14.31
C TYR B 543 -33.74 0.31 15.32
N TYR B 544 -32.78 1.17 14.97
CA TYR B 544 -32.27 2.17 15.88
C TYR B 544 -33.10 3.44 15.90
N HIS B 545 -33.57 3.91 14.74
CA HIS B 545 -34.29 5.18 14.68
C HIS B 545 -35.79 5.06 14.90
N ARG B 546 -36.37 3.96 14.45
CA ARG B 546 -37.80 3.70 14.65
C ARG B 546 -38.69 4.84 14.13
N ALA B 547 -38.22 5.49 13.06
CA ALA B 547 -38.98 6.59 12.49
C ALA B 547 -40.35 6.14 11.93
N SER B 548 -41.36 6.99 12.16
CA SER B 548 -42.70 6.77 11.65
C SER B 548 -43.35 8.09 11.33
N LYS B 549 -44.60 8.02 10.88
CA LYS B 549 -45.32 9.20 10.59
C LYS B 549 -45.50 10.09 11.84
N THR B 550 -45.52 9.49 13.02
CA THR B 550 -45.79 10.27 14.21
C THR B 550 -44.54 10.69 14.98
N GLY B 551 -43.41 10.01 14.77
CA GLY B 551 -42.23 10.36 15.57
C GLY B 551 -40.98 9.58 15.27
N ILE B 552 -39.99 9.72 16.14
CA ILE B 552 -38.69 9.09 15.90
C ILE B 552 -37.98 8.91 17.25
N GLY B 553 -37.04 7.97 17.31
CA GLY B 553 -36.32 7.72 18.52
C GLY B 553 -36.58 6.35 19.12
N PHE B 554 -35.71 5.97 20.05
CA PHE B 554 -35.77 4.65 20.68
C PHE B 554 -35.96 4.79 22.20
N ASN B 555 -37.08 4.27 22.71
CA ASN B 555 -37.43 4.41 24.09
C ASN B 555 -36.62 3.45 24.96
N ARG B 556 -35.67 4.03 25.72
CA ARG B 556 -34.81 3.26 26.64
C ARG B 556 -35.05 3.66 28.08
N THR B 557 -36.20 4.33 28.29
CA THR B 557 -36.60 4.69 29.65
C THR B 557 -37.30 3.50 30.29
N LYS B 558 -37.78 3.72 31.51
CA LYS B 558 -38.53 2.66 32.23
C LYS B 558 -39.75 2.16 31.48
N THR B 559 -40.31 2.97 30.58
CA THR B 559 -41.47 2.53 29.78
C THR B 559 -41.10 1.87 28.46
N GLY B 560 -39.82 1.83 28.15
CA GLY B 560 -39.32 1.09 27.00
C GLY B 560 -38.37 -0.04 27.44
N SER B 561 -37.17 -0.08 26.89
CA SER B 561 -36.23 -1.14 27.24
C SER B 561 -35.59 -1.01 28.62
N ASN B 562 -35.70 0.17 29.20
CA ASN B 562 -35.11 0.48 30.48
C ASN B 562 -33.61 0.29 30.56
N ALA B 563 -32.94 0.54 29.46
CA ALA B 563 -31.50 0.55 29.48
C ALA B 563 -30.98 1.64 30.40
N LEU B 564 -31.77 2.69 30.64
CA LEU B 564 -31.34 3.73 31.57
C LEU B 564 -31.05 3.19 32.98
N ALA B 565 -31.72 2.10 33.36
CA ALA B 565 -31.51 1.49 34.68
C ALA B 565 -30.18 0.79 34.81
N GLN B 566 -29.47 0.68 33.68
CA GLN B 566 -28.09 0.17 33.67
C GLN B 566 -27.09 1.21 34.14
N TYR B 567 -27.54 2.45 34.25
CA TYR B 567 -26.68 3.58 34.63
C TYR B 567 -26.88 3.96 36.08
N PRO B 568 -25.91 4.64 36.67
CA PRO B 568 -26.11 5.17 38.03
C PRO B 568 -27.35 6.04 38.08
N GLU B 569 -27.99 6.02 39.23
CA GLU B 569 -29.25 6.73 39.38
C GLU B 569 -29.25 8.18 38.89
N PRO B 570 -28.25 9.00 39.22
CA PRO B 570 -28.28 10.37 38.76
C PRO B 570 -28.30 10.52 37.23
N ILE B 571 -27.63 9.60 36.53
CA ILE B 571 -27.66 9.59 35.09
C ILE B 571 -29.02 9.08 34.58
N ALA B 572 -29.53 8.02 35.15
CA ALA B 572 -30.88 7.52 34.75
C ALA B 572 -31.92 8.63 34.89
N LYS B 573 -31.79 9.39 35.97
CA LYS B 573 -32.73 10.49 36.24
C LYS B 573 -32.60 11.61 35.24
N ALA B 574 -31.35 12.06 35.01
CA ALA B 574 -31.11 13.18 34.11
C ALA B 574 -31.51 12.84 32.70
N TRP B 575 -31.18 11.63 32.24
CA TRP B 575 -31.44 11.29 30.86
C TRP B 575 -32.87 10.84 30.63
N GLY B 576 -33.56 10.43 31.69
CA GLY B 576 -34.93 9.92 31.56
C GLY B 576 -35.96 11.04 31.54
N ASP B 577 -35.58 12.22 32.00
CA ASP B 577 -36.49 13.38 32.11
C ASP B 577 -36.23 14.25 30.91
N LEU B 578 -37.29 14.54 30.12
CA LEU B 578 -37.10 15.38 28.94
C LEU B 578 -36.65 16.75 29.24
N ASN B 579 -36.88 17.16 30.48
CA ASN B 579 -36.47 18.45 30.88
C ASN B 579 -34.95 18.60 31.03
N SER B 580 -34.24 17.49 31.27
CA SER B 580 -32.79 17.51 31.55
C SER B 580 -31.92 16.71 30.57
N VAL B 581 -32.54 15.88 29.74
CA VAL B 581 -31.72 15.03 28.86
C VAL B 581 -31.01 15.92 27.83
N PRO B 582 -29.72 15.72 27.58
CA PRO B 582 -29.08 16.53 26.55
C PRO B 582 -29.67 16.24 25.17
N GLU B 583 -29.90 17.28 24.40
CA GLU B 583 -30.43 17.10 23.06
C GLU B 583 -29.51 16.31 22.18
N ASP B 584 -28.20 16.41 22.41
CA ASP B 584 -27.29 15.68 21.56
C ASP B 584 -27.34 14.14 21.79
N LEU B 585 -28.08 13.67 22.81
CA LEU B 585 -28.31 12.25 23.05
C LEU B 585 -29.78 11.84 22.99
N ILE B 586 -30.68 12.78 22.69
CA ILE B 586 -32.08 12.60 23.11
C ILE B 586 -32.73 11.35 22.48
N LEU B 587 -32.48 11.11 21.19
CA LEU B 587 -33.13 10.02 20.48
C LEU B 587 -32.52 8.65 20.79
N TRP B 588 -31.44 8.61 21.57
CA TRP B 588 -30.97 7.33 22.15
C TRP B 588 -31.96 6.79 23.15
N PHE B 589 -32.70 7.68 23.81
CA PHE B 589 -33.46 7.28 24.99
C PHE B 589 -34.94 7.51 24.89
N HIS B 590 -35.37 8.40 23.99
CA HIS B 590 -36.78 8.77 23.88
C HIS B 590 -37.25 8.64 22.48
N HIS B 591 -38.45 8.08 22.31
CA HIS B 591 -39.18 8.14 21.07
C HIS B 591 -40.14 9.33 21.21
N LEU B 592 -39.99 10.33 20.36
CA LEU B 592 -40.62 11.63 20.47
C LEU B 592 -41.43 11.94 19.24
N SER B 593 -42.52 12.65 19.49
CA SER B 593 -43.33 13.08 18.37
C SER B 593 -42.55 14.11 17.56
N TRP B 594 -42.83 14.18 16.27
CA TRP B 594 -42.21 15.17 15.42
C TRP B 594 -42.50 16.61 15.83
N ASP B 595 -43.60 16.81 16.56
CA ASP B 595 -43.95 18.13 17.07
C ASP B 595 -43.33 18.53 18.37
N HIS B 596 -42.52 17.68 18.97
CA HIS B 596 -41.82 18.03 20.20
C HIS B 596 -40.98 19.27 19.90
N ARG B 597 -41.05 20.25 20.78
CA ARG B 597 -40.31 21.49 20.60
C ARG B 597 -38.98 21.46 21.30
N MET B 598 -37.95 21.70 20.51
CA MET B 598 -36.60 21.68 20.99
C MET B 598 -36.21 23.04 21.60
N GLN B 599 -35.06 23.10 22.26
CA GLN B 599 -34.56 24.32 22.91
C GLN B 599 -34.49 25.52 21.95
N SER B 600 -34.18 25.25 20.70
CA SER B 600 -34.11 26.28 19.65
C SER B 600 -35.44 26.93 19.27
N GLY B 601 -36.54 26.29 19.65
CA GLY B 601 -37.87 26.73 19.21
C GLY B 601 -38.38 25.94 18.02
N ARG B 602 -37.49 25.25 17.31
CA ARG B 602 -37.90 24.38 16.24
C ARG B 602 -38.60 23.16 16.79
N ASN B 603 -39.53 22.61 16.03
CA ASN B 603 -39.96 21.23 16.33
C ASN B 603 -38.88 20.23 15.93
N LEU B 604 -39.06 18.99 16.32
CA LEU B 604 -38.04 17.96 16.15
C LEU B 604 -37.78 17.70 14.67
N TRP B 605 -38.80 17.71 13.83
CA TRP B 605 -38.57 17.56 12.39
C TRP B 605 -37.68 18.70 11.86
N GLN B 606 -38.04 19.91 12.20
CA GLN B 606 -37.32 21.08 11.77
C GLN B 606 -35.87 21.07 12.30
N GLU B 607 -35.70 20.64 13.54
CA GLU B 607 -34.39 20.55 14.19
C GLU B 607 -33.53 19.50 13.49
N LEU B 608 -34.15 18.37 13.11
CA LEU B 608 -33.41 17.34 12.39
C LEU B 608 -32.91 17.89 11.06
N VAL B 609 -33.77 18.52 10.34
CA VAL B 609 -33.37 19.13 9.05
C VAL B 609 -32.27 20.15 9.25
N HIS B 610 -32.41 21.02 10.25
CA HIS B 610 -31.45 22.05 10.54
C HIS B 610 -30.07 21.44 10.81
N LYS B 611 -30.02 20.37 11.61
CA LYS B 611 -28.71 19.81 11.94
C LYS B 611 -28.06 19.18 10.70
N TYR B 612 -28.82 18.46 9.88
CA TYR B 612 -28.24 17.86 8.67
C TYR B 612 -27.68 18.97 7.76
N TYR B 613 -28.45 20.02 7.55
CA TYR B 613 -27.97 21.12 6.72
C TYR B 613 -26.78 21.84 7.38
N GLN B 614 -26.77 21.95 8.70
CA GLN B 614 -25.68 22.59 9.41
C GLN B 614 -24.36 21.81 9.20
N GLY B 615 -24.41 20.48 9.19
CA GLY B 615 -23.18 19.70 8.99
C GLY B 615 -22.54 20.03 7.65
N VAL B 616 -23.35 20.15 6.60
CA VAL B 616 -22.84 20.52 5.27
C VAL B 616 -22.25 21.92 5.32
N GLU B 617 -22.97 22.84 5.94
CA GLU B 617 -22.45 24.20 6.06
C GLU B 617 -21.15 24.24 6.85
N GLN B 618 -21.00 23.37 7.85
CA GLN B 618 -19.77 23.32 8.62
C GLN B 618 -18.60 22.85 7.73
N VAL B 619 -18.85 21.86 6.84
CA VAL B 619 -17.83 21.45 5.89
C VAL B 619 -17.43 22.60 4.96
N ARG B 620 -18.43 23.28 4.44
CA ARG B 620 -18.17 24.39 3.55
C ARG B 620 -17.32 25.48 4.24
N ALA B 621 -17.64 25.77 5.49
CA ALA B 621 -16.85 26.68 6.27
C ALA B 621 -15.42 26.18 6.49
N MET B 622 -15.24 24.89 6.72
CA MET B 622 -13.89 24.32 6.81
C MET B 622 -13.12 24.54 5.50
N GLN B 623 -13.78 24.36 4.35
CA GLN B 623 -13.14 24.61 3.06
C GLN B 623 -12.65 26.06 2.98
N ARG B 624 -13.49 27.01 3.36
CA ARG B 624 -13.10 28.41 3.31
C ARG B 624 -11.94 28.70 4.26
N THR B 625 -11.99 28.16 5.46
CA THR B 625 -10.90 28.28 6.41
C THR B 625 -9.60 27.75 5.84
N TRP B 626 -9.62 26.55 5.29
CA TRP B 626 -8.39 25.95 4.77
C TRP B 626 -7.79 26.81 3.66
N ASP B 627 -8.65 27.30 2.77
CA ASP B 627 -8.19 28.13 1.65
C ASP B 627 -7.46 29.38 2.11
N GLN B 628 -7.82 29.88 3.28
CA GLN B 628 -7.16 31.04 3.88
C GLN B 628 -5.76 30.79 4.41
N GLN B 629 -5.33 29.52 4.40
CA GLN B 629 -4.04 29.14 5.01
C GLN B 629 -2.93 28.88 4.01
N GLU B 630 -3.18 29.19 2.73
CA GLU B 630 -2.23 28.82 1.70
C GLU B 630 -0.82 29.33 1.94
N ALA B 631 -0.69 30.51 2.55
CA ALA B 631 0.61 31.09 2.77
C ALA B 631 1.45 30.36 3.83
N TYR B 632 0.83 29.54 4.67
CA TYR B 632 1.43 28.98 5.87
C TYR B 632 1.77 27.51 5.74
N VAL B 633 1.26 26.85 4.70
CA VAL B 633 1.39 25.38 4.50
C VAL B 633 2.14 25.12 3.21
N ASP B 634 2.96 24.08 3.17
CA ASP B 634 3.60 23.69 1.92
C ASP B 634 2.58 23.39 0.84
N ALA B 635 2.96 23.60 -0.40
CA ALA B 635 2.02 23.53 -1.50
C ALA B 635 1.40 22.14 -1.65
N ALA B 636 2.19 21.11 -1.35
CA ALA B 636 1.73 19.73 -1.56
C ALA B 636 0.64 19.33 -0.57
N ARG B 637 0.92 19.47 0.72
CA ARG B 637 -0.12 19.15 1.70
C ARG B 637 -1.30 20.10 1.56
N PHE B 638 -1.03 21.37 1.24
CA PHE B 638 -2.12 22.32 1.02
C PHE B 638 -3.10 21.80 -0.04
N ALA B 639 -2.56 21.43 -1.18
CA ALA B 639 -3.37 20.94 -2.28
C ALA B 639 -4.11 19.66 -1.94
N GLN B 640 -3.45 18.78 -1.22
CA GLN B 640 -4.07 17.53 -0.88
C GLN B 640 -5.28 17.74 0.02
N VAL B 641 -5.12 18.53 1.08
CA VAL B 641 -6.21 18.73 2.03
C VAL B 641 -7.32 19.52 1.33
N LYS B 642 -6.97 20.49 0.50
CA LYS B 642 -8.00 21.22 -0.25
C LYS B 642 -8.87 20.26 -1.10
N ALA B 643 -8.23 19.34 -1.80
CA ALA B 643 -8.91 18.38 -2.62
C ALA B 643 -9.77 17.45 -1.80
N LEU B 644 -9.21 16.91 -0.72
CA LEU B 644 -9.99 16.03 0.13
C LEU B 644 -11.20 16.71 0.74
N LEU B 645 -11.08 17.98 1.12
CA LEU B 645 -12.26 18.74 1.59
C LEU B 645 -13.35 18.91 0.52
N GLN B 646 -12.97 18.98 -0.74
CA GLN B 646 -13.95 18.98 -1.83
C GLN B 646 -14.71 17.65 -1.90
N VAL B 647 -13.98 16.54 -1.75
CA VAL B 647 -14.61 15.22 -1.71
C VAL B 647 -15.54 15.11 -0.53
N GLN B 648 -15.08 15.58 0.62
CA GLN B 648 -15.89 15.58 1.82
C GLN B 648 -17.17 16.38 1.67
N GLU B 649 -17.06 17.56 1.09
CA GLU B 649 -18.26 18.39 0.93
C GLU B 649 -19.29 17.67 0.00
N ARG B 650 -18.82 17.07 -1.08
CA ARG B 650 -19.71 16.33 -1.98
C ARG B 650 -20.39 15.15 -1.28
N GLU B 651 -19.62 14.43 -0.47
CA GLU B 651 -20.18 13.32 0.28
C GLU B 651 -21.09 13.77 1.39
N ALA B 652 -20.77 14.88 2.00
CA ALA B 652 -21.64 15.41 3.04
C ALA B 652 -23.01 15.83 2.47
N VAL B 653 -23.00 16.41 1.27
CA VAL B 653 -24.24 16.73 0.59
C VAL B 653 -25.03 15.47 0.32
N ARG B 654 -24.35 14.42 -0.12
CA ARG B 654 -25.03 13.13 -0.37
C ARG B 654 -25.64 12.56 0.91
N TRP B 655 -24.89 12.63 2.00
CA TRP B 655 -25.39 12.23 3.30
C TRP B 655 -26.65 13.03 3.70
N ARG B 656 -26.52 14.33 3.65
CA ARG B 656 -27.61 15.22 4.01
C ARG B 656 -28.86 14.92 3.17
N ASN B 657 -28.70 14.92 1.85
CA ASN B 657 -29.86 14.73 0.97
C ASN B 657 -30.47 13.36 1.17
N SER B 658 -29.64 12.34 1.30
CA SER B 658 -30.11 10.99 1.50
C SER B 658 -30.93 10.84 2.77
N CYS B 659 -30.41 11.39 3.87
CA CYS B 659 -31.08 11.21 5.16
C CYS B 659 -32.28 12.11 5.30
N VAL B 660 -32.19 13.37 4.84
CA VAL B 660 -33.34 14.30 4.93
C VAL B 660 -34.48 13.78 4.07
N LEU B 661 -34.17 13.34 2.87
CA LEU B 661 -35.23 12.80 1.97
C LEU B 661 -35.80 11.53 2.53
N TYR B 662 -34.98 10.70 3.14
CA TYR B 662 -35.48 9.47 3.72
C TYR B 662 -36.43 9.79 4.86
N PHE B 663 -35.96 10.56 5.81
CA PHE B 663 -36.82 10.88 6.94
C PHE B 663 -38.07 11.63 6.52
N GLN B 664 -37.95 12.47 5.49
CA GLN B 664 -39.15 13.15 4.93
C GLN B 664 -40.15 12.14 4.40
N SER B 665 -39.67 11.09 3.73
CA SER B 665 -40.56 10.10 3.16
C SER B 665 -41.38 9.39 4.23
N VAL B 666 -40.81 9.28 5.43
CA VAL B 666 -41.47 8.63 6.55
C VAL B 666 -42.37 9.62 7.31
N ALA B 667 -41.89 10.84 7.59
CA ALA B 667 -42.65 11.83 8.37
C ALA B 667 -43.72 12.55 7.55
N GLY B 668 -43.49 12.68 6.26
CA GLY B 668 -44.36 13.43 5.38
C GLY B 668 -44.48 14.90 5.71
N ARG B 669 -43.37 15.55 6.02
CA ARG B 669 -43.34 16.96 6.29
C ARG B 669 -42.41 17.62 5.31
N PRO B 670 -42.65 18.87 5.02
CA PRO B 670 -41.81 19.55 4.03
C PRO B 670 -40.50 19.98 4.62
N ILE B 671 -39.49 20.03 3.77
CA ILE B 671 -38.24 20.68 4.11
C ILE B 671 -38.53 22.17 4.11
N PRO B 672 -38.26 22.87 5.21
CA PRO B 672 -38.53 24.31 5.19
C PRO B 672 -37.94 25.03 3.97
N ALA B 673 -38.73 25.99 3.44
CA ALA B 673 -38.44 26.65 2.17
C ALA B 673 -37.13 27.38 2.02
N ASN B 674 -36.56 27.86 3.14
CA ASN B 674 -35.28 28.57 3.14
C ASN B 674 -34.06 27.68 2.76
N TYR B 675 -34.20 26.37 2.93
CA TYR B 675 -33.13 25.41 2.63
C TYR B 675 -33.15 25.08 1.15
N GLU B 676 -31.97 24.77 0.64
CA GLU B 676 -31.87 24.36 -0.74
C GLU B 676 -32.54 22.99 -0.83
N GLN B 677 -33.58 22.88 -1.66
CA GLN B 677 -34.31 21.65 -1.85
C GLN B 677 -33.49 20.71 -2.73
N PRO B 678 -33.35 19.45 -2.37
CA PRO B 678 -32.76 18.48 -3.28
C PRO B 678 -33.53 18.36 -4.62
N GLU B 679 -32.80 18.31 -5.71
CA GLU B 679 -33.37 18.25 -7.05
C GLU B 679 -33.77 16.82 -7.39
N HIS B 680 -33.17 15.86 -6.72
CA HIS B 680 -33.37 14.47 -7.01
C HIS B 680 -34.23 13.87 -5.92
N ASP B 681 -34.78 12.70 -6.17
CA ASP B 681 -35.69 12.09 -5.25
C ASP B 681 -34.98 11.06 -4.40
N LEU B 682 -35.73 10.44 -3.50
CA LEU B 682 -35.14 9.44 -2.61
C LEU B 682 -34.61 8.24 -3.37
N GLU B 683 -35.33 7.77 -4.41
CA GLU B 683 -34.81 6.66 -5.19
C GLU B 683 -33.43 6.92 -5.81
N TYR B 684 -33.18 8.15 -6.22
CA TYR B 684 -31.90 8.52 -6.78
C TYR B 684 -30.79 8.29 -5.75
N TYR B 685 -31.03 8.69 -4.50
CA TYR B 685 -30.03 8.49 -3.45
C TYR B 685 -29.87 7.05 -3.06
N LYS B 686 -30.94 6.27 -3.19
CA LYS B 686 -30.79 4.83 -3.02
C LYS B 686 -29.89 4.25 -4.15
N MET B 687 -30.07 4.74 -5.38
CA MET B 687 -29.20 4.38 -6.47
C MET B 687 -27.75 4.85 -6.19
N LEU B 688 -27.54 6.06 -5.72
CA LEU B 688 -26.19 6.46 -5.40
C LEU B 688 -25.57 5.59 -4.33
N ALA B 689 -26.37 5.14 -3.35
CA ALA B 689 -25.84 4.25 -2.31
C ALA B 689 -25.34 2.96 -2.88
N ARG B 690 -26.00 2.44 -3.93
CA ARG B 690 -25.58 1.20 -4.54
C ARG B 690 -24.39 1.34 -5.47
N THR B 691 -24.17 2.54 -6.00
CA THR B 691 -23.19 2.73 -7.08
C THR B 691 -21.97 3.61 -6.75
N THR B 692 -21.95 4.27 -5.60
CA THR B 692 -20.90 5.21 -5.27
C THR B 692 -19.74 4.40 -4.77
N TYR B 693 -18.56 4.62 -5.38
CA TYR B 693 -17.36 3.87 -5.00
C TYR B 693 -17.07 3.96 -3.51
N VAL B 694 -16.78 2.79 -2.94
CA VAL B 694 -16.43 2.65 -1.55
C VAL B 694 -14.90 2.57 -1.51
N PRO B 695 -14.25 3.60 -0.98
CA PRO B 695 -12.79 3.68 -1.08
C PRO B 695 -12.06 2.95 0.04
N GLU B 696 -12.14 1.63 0.02
CA GLU B 696 -11.38 0.78 0.97
C GLU B 696 -11.04 -0.54 0.28
N PRO B 697 -9.77 -0.98 0.31
CA PRO B 697 -9.40 -2.28 -0.23
C PRO B 697 -10.15 -3.43 0.42
N TRP B 698 -10.22 -3.43 1.74
CA TRP B 698 -10.74 -4.61 2.45
C TRP B 698 -12.22 -4.95 2.20
N HIS B 699 -13.10 -3.95 2.24
CA HIS B 699 -14.53 -4.37 2.33
C HIS B 699 -14.99 -4.77 0.94
N PRO B 700 -15.67 -5.90 0.77
CA PRO B 700 -16.12 -6.33 -0.55
C PRO B 700 -16.89 -5.28 -1.34
N ALA B 701 -17.51 -4.30 -0.69
CA ALA B 701 -18.26 -3.31 -1.45
C ALA B 701 -17.41 -2.53 -2.46
N SER B 702 -16.12 -2.36 -2.19
CA SER B 702 -15.22 -1.69 -3.14
C SER B 702 -15.05 -2.44 -4.48
N SER B 703 -15.43 -3.73 -4.48
CA SER B 703 -15.43 -4.55 -5.68
C SER B 703 -16.80 -4.70 -6.33
N SER B 704 -17.83 -4.09 -5.72
CA SER B 704 -19.18 -4.24 -6.24
C SER B 704 -19.27 -3.65 -7.64
N ARG B 705 -19.80 -4.42 -8.59
CA ARG B 705 -20.01 -3.94 -9.95
C ARG B 705 -21.44 -3.45 -10.22
N VAL B 706 -22.21 -3.26 -9.16
CA VAL B 706 -23.55 -2.71 -9.30
C VAL B 706 -23.49 -1.33 -9.95
N LEU B 707 -24.34 -1.14 -10.98
CA LEU B 707 -24.37 0.07 -11.78
C LEU B 707 -25.75 0.72 -11.88
N LYS B 708 -26.75 0.18 -11.18
CA LYS B 708 -28.11 0.75 -11.17
C LYS B 708 -28.70 0.77 -9.79
C7 GCV C . -4.70 -11.37 -15.02
C1 GCV C . -2.87 -16.29 -15.66
C2 GCV C . -2.93 -15.74 -14.22
C3 GCV C . -3.92 -14.59 -14.10
C4 GCV C . -3.87 -13.59 -15.25
C5 GCV C . -3.92 -14.34 -16.57
C6 GCV C . -3.79 -13.40 -17.75
O1 GCV C . -4.07 -17.07 -15.91
O2 GCV C . -3.39 -16.79 -13.33
O3 GCV C . -3.69 -13.92 -12.84
O4 GCV C . -5.02 -12.74 -15.15
O5 GCV C . -2.82 -15.26 -16.63
O6A GCV C . -4.79 -12.82 -18.12
O6B GCV C . -2.68 -13.26 -18.33
C1 EDO D . 6.35 0.49 1.29
O1 EDO D . 7.65 1.00 1.07
C2 EDO D . 5.96 0.06 2.69
O2 EDO D . 6.39 0.88 3.77
C1 EDO E . 19.32 5.29 -27.52
O1 EDO E . 19.97 5.02 -26.28
C2 EDO E . 17.89 4.85 -27.44
O2 EDO E . 17.95 3.41 -27.44
C1 EDO F . 10.56 9.39 -11.05
O1 EDO F . 11.86 9.60 -10.56
C2 EDO F . 9.76 8.57 -10.06
O2 EDO F . 9.54 9.25 -8.85
C1 EDO G . -4.20 10.45 -1.67
C1 EDO G . -4.21 10.51 -1.55
O1 EDO G . -2.85 10.69 -1.32
O1 EDO G . -4.17 10.27 -2.94
C2 EDO G . -5.10 11.52 -1.07
C2 EDO G . -5.21 11.59 -1.18
O2 EDO G . -4.81 11.72 0.29
O2 EDO G . -5.09 11.94 0.17
C1 EDO H . 25.65 -13.64 3.70
O1 EDO H . 25.74 -13.60 2.29
C2 EDO H . 24.15 -13.74 4.00
O2 EDO H . 23.54 -12.46 3.76
C1 EDO I . 6.87 16.27 -10.23
O1 EDO I . 7.95 15.61 -9.59
C2 EDO I . 5.62 16.00 -9.42
O2 EDO I . 5.78 16.52 -8.12
C1 EDO J . 23.40 11.74 -36.18
O1 EDO J . 22.72 12.27 -37.32
C2 EDO J . 24.64 10.97 -36.58
O2 EDO J . 25.62 11.94 -36.89
C1 EDO K . 21.90 29.14 -15.58
O1 EDO K . 20.49 29.09 -15.54
C2 EDO K . 22.27 30.57 -15.90
O2 EDO K . 21.86 30.83 -17.23
C1 EDO L . -21.20 -16.43 -37.28
O1 EDO L . -21.52 -15.14 -36.82
C2 EDO L . -20.59 -17.26 -36.17
O2 EDO L . -19.24 -16.85 -36.03
C1 EDO M . -0.95 8.37 -5.73
C1 EDO M . -0.66 8.40 -5.50
O1 EDO M . -0.52 7.03 -5.63
O1 EDO M . 0.03 8.77 -4.34
C2 EDO M . -2.24 8.51 -4.98
C2 EDO M . -2.12 8.28 -5.15
O2 EDO M . -1.90 8.95 -3.69
O2 EDO M . -2.25 7.02 -4.57
C1 EDO N . 10.39 -37.90 -29.39
O1 EDO N . 11.72 -37.74 -28.93
C2 EDO N . 9.33 -37.47 -28.41
O2 EDO N . 9.07 -38.24 -27.26
C1 EDO O . 14.59 7.16 -25.68
O1 EDO O . 16.00 7.42 -25.64
C2 EDO O . 13.99 7.53 -24.34
O2 EDO O . 14.51 6.69 -23.30
C1 EDO P . 24.04 6.09 -24.11
O1 EDO P . 23.50 6.45 -25.40
C2 EDO P . 23.11 5.58 -23.00
O2 EDO P . 21.76 5.33 -23.38
C1 EDO Q . 3.62 -7.52 -36.74
O1 EDO Q . 3.54 -8.03 -38.17
C2 EDO Q . 2.31 -6.72 -36.80
O2 EDO Q . 2.11 -5.61 -36.18
CO CO R . 26.82 -13.43 -9.03
CO CO S . 14.81 0.64 -4.03
CO CO T . 20.88 -42.46 -12.36
CO CO U . -9.28 -8.18 -5.25
CO CO V . -0.98 2.18 -34.17
C7 GCV W . -12.62 -5.70 13.53
C1 GCV W . -17.61 -3.99 13.87
C2 GCV W . -16.92 -3.89 12.52
C3 GCV W . -15.77 -4.88 12.40
C4 GCV W . -14.86 -4.91 13.63
C5 GCV W . -15.70 -5.04 14.89
C6 GCV W . -14.86 -5.04 16.14
O1 GCV W . -18.40 -5.17 13.99
O2 GCV W . -17.93 -4.24 11.52
O3 GCV W . -15.00 -4.56 11.24
O4 GCV W . -14.02 -6.06 13.52
O5 GCV W . -16.64 -3.95 14.92
O6A GCV W . -14.36 -6.12 16.46
O6B GCV W . -14.75 -4.00 16.83
C1 EDO X . 0.07 20.12 27.96
O1 EDO X . 0.46 21.28 28.65
C2 EDO X . -1.07 19.53 28.75
O2 EDO X . -0.65 18.98 29.98
C1 EDO Y . -13.04 24.55 -3.11
O1 EDO Y . -11.77 23.94 -2.85
C2 EDO Y . -13.03 26.03 -2.70
O2 EDO Y . -13.06 26.09 -1.28
C1 EDO Z . 15.45 5.75 12.05
O1 EDO Z . 14.87 6.89 11.44
C2 EDO Z . 15.25 4.55 11.15
O2 EDO Z . 15.80 4.83 9.87
C1 EDO AA . -39.86 8.34 26.72
O1 EDO AA . -39.93 9.75 26.52
C2 EDO AA . -40.83 7.69 25.79
O2 EDO AA . -40.11 7.27 24.63
C1 EDO BA . 8.48 9.38 12.67
O1 EDO BA . 8.84 10.68 12.30
C2 EDO BA . 7.77 8.68 11.52
O2 EDO BA . 8.58 8.63 10.37
C1 EDO CA . -19.84 13.99 46.36
O1 EDO CA . -20.73 13.83 45.28
C2 EDO CA . -19.97 15.41 46.89
O2 EDO CA . -21.33 15.79 47.10
C1 EDO DA . 3.13 16.77 29.46
O1 EDO DA . 3.05 17.48 28.23
C2 EDO DA . 2.72 15.33 29.26
O2 EDO DA . 1.32 15.40 29.06
C1 EDO EA . 5.64 11.67 26.06
O1 EDO EA . 4.92 12.34 24.98
C2 EDO EA . 5.12 12.21 27.40
O2 EDO EA . 5.40 13.62 27.45
C1 EDO FA . -18.72 9.09 27.25
O1 EDO FA . -19.63 10.06 26.86
C2 EDO FA . -18.13 8.07 26.24
O2 EDO FA . -17.35 7.14 27.01
C1 EDO GA . -7.70 -22.20 33.87
O1 EDO GA . -6.32 -22.61 33.71
C2 EDO GA . -7.94 -20.93 34.70
O2 EDO GA . -7.32 -20.98 35.98
C1 EDO HA . -1.50 6.86 39.30
O1 EDO HA . -1.90 7.59 38.16
C2 EDO HA . -2.70 6.31 40.05
O2 EDO HA . -3.63 7.29 40.55
C1 EDO IA . 26.51 8.87 22.75
O1 EDO IA . 25.12 8.69 23.07
C2 EDO IA . 27.18 9.46 23.97
O2 EDO IA . 26.84 8.59 25.01
C1 EDO JA . 8.01 -2.79 5.48
C1 EDO JA . 7.64 -2.86 5.50
O1 EDO JA . 8.59 -2.43 4.24
O1 EDO JA . 6.40 -2.58 4.88
C2 EDO JA . 7.79 -1.55 6.29
C2 EDO JA . 8.26 -1.58 6.02
O2 EDO JA . 6.48 -1.14 6.07
O2 EDO JA . 8.32 -0.55 5.04
C1 EDO KA . 0.17 14.03 33.99
O1 EDO KA . 0.21 12.85 33.16
C2 EDO KA . 0.56 13.69 35.41
O2 EDO KA . 1.95 13.91 35.62
CO CO LA . -13.83 26.17 10.08
CO CO MA . 0.46 14.41 5.29
CO CO NA . -8.66 -9.56 3.71
CO CO OA . -43.10 20.53 10.37
CO CO PA . -0.48 -4.00 33.93
#